data_2JFB
#
_entry.id   2JFB
#
_cell.length_a   128.648
_cell.length_b   128.648
_cell.length_c   284.965
_cell.angle_alpha   90.00
_cell.angle_beta   90.00
_cell.angle_gamma   120.00
#
_symmetry.space_group_name_H-M   'P 31 2 1'
#
loop_
_entity.id
_entity.type
_entity.pdbx_description
1 polymer '6,7-DIMETHYL-8-RIBITYLLUMAZINE SYNTHASE'
2 non-polymer 'PHOSPHATE ION'
3 non-polymer (4S)-2-METHYL-2,4-PENTANEDIOL
4 water water
#
_entity_poly.entity_id   1
_entity_poly.type   'polypeptide(L)'
_entity_poly.pdbx_seq_one_letter_code
;MAVKGLGEVDQKYDGSKLRIGILHARWNRKIIDALVAGAVKRLQEFGVKEENIIIETVPGSFELPYGSKLFVEKQKRLGK
PLDAIIPIGVLIKGSTMHFEYICDSTTHQLMKLNFELGIPVIFGVLTCLTDEQAEARAGLIEGKMHNHGEDWGAAAVEMA
TKFN
;
_entity_poly.pdbx_strand_id   A,B,C,D,E,F,G,H,I,J,K,L,M,N,O
#
# COMPACT_ATOMS: atom_id res chain seq x y z
N LYS A 12 21.43 8.98 -9.62
CA LYS A 12 21.00 7.60 -9.24
C LYS A 12 19.49 7.50 -9.01
N TYR A 13 18.85 8.62 -8.70
CA TYR A 13 17.44 8.63 -8.35
C TYR A 13 16.59 9.45 -9.32
N ASP A 14 15.63 8.77 -9.95
CA ASP A 14 14.70 9.40 -10.87
C ASP A 14 13.55 10.02 -10.07
N GLY A 15 13.39 11.33 -10.18
CA GLY A 15 12.34 12.04 -9.45
C GLY A 15 11.23 12.59 -10.32
N SER A 16 11.19 12.17 -11.58
CA SER A 16 10.24 12.68 -12.56
C SER A 16 8.78 12.45 -12.20
N LYS A 17 8.49 11.33 -11.52
CA LYS A 17 7.13 10.98 -11.14
C LYS A 17 6.78 11.40 -9.71
N LEU A 18 7.59 12.29 -9.13
CA LEU A 18 7.38 12.71 -7.75
C LEU A 18 6.77 14.10 -7.61
N ARG A 19 6.06 14.32 -6.52
CA ARG A 19 5.59 15.64 -6.13
C ARG A 19 6.19 15.97 -4.77
N ILE A 20 6.98 17.03 -4.71
CA ILE A 20 7.69 17.40 -3.49
C ILE A 20 7.21 18.74 -2.94
N GLY A 21 6.85 18.74 -1.65
CA GLY A 21 6.45 19.96 -0.98
C GLY A 21 7.61 20.60 -0.24
N ILE A 22 7.66 21.94 -0.30
CA ILE A 22 8.60 22.71 0.50
C ILE A 22 7.82 23.70 1.35
N LEU A 23 7.91 23.53 2.65
CA LEU A 23 7.29 24.47 3.60
C LEU A 23 8.39 25.21 4.33
N HIS A 24 8.45 26.53 4.16
CA HIS A 24 9.49 27.32 4.80
C HIS A 24 8.94 28.43 5.69
N ALA A 25 9.70 28.75 6.74
CA ALA A 25 9.39 29.86 7.63
C ALA A 25 9.75 31.18 6.95
N ARG A 26 9.34 32.30 7.56
CA ARG A 26 9.59 33.61 6.97
C ARG A 26 10.60 34.46 7.73
N TRP A 27 11.01 34.01 8.93
CA TRP A 27 12.07 34.70 9.67
C TRP A 27 13.45 34.35 9.11
N ASN A 28 14.33 35.35 9.08
CA ASN A 28 15.63 35.25 8.40
C ASN A 28 15.45 34.93 6.91
N ARG A 29 14.65 35.76 6.23
CA ARG A 29 14.14 35.47 4.89
C ARG A 29 15.22 35.35 3.81
N LYS A 30 16.25 36.18 3.90
CA LYS A 30 17.36 36.16 2.94
C LYS A 30 18.05 34.79 2.91
N ILE A 31 18.26 34.22 4.09
CA ILE A 31 18.89 32.91 4.22
C ILE A 31 17.90 31.80 3.84
N ILE A 32 16.65 31.95 4.27
CA ILE A 32 15.57 31.04 3.91
C ILE A 32 15.46 30.90 2.38
N ASP A 33 15.39 32.02 1.68
CA ASP A 33 15.25 32.04 0.23
C ASP A 33 16.34 31.26 -0.49
N ALA A 34 17.58 31.39 -0.02
CA ALA A 34 18.73 30.71 -0.61
C ALA A 34 18.68 29.19 -0.42
N LEU A 35 18.27 28.75 0.77
CA LEU A 35 18.08 27.33 1.07
C LEU A 35 16.98 26.72 0.21
N VAL A 36 15.87 27.46 0.06
CA VAL A 36 14.77 27.04 -0.80
C VAL A 36 15.26 26.92 -2.24
N ALA A 37 15.96 27.95 -2.71
CA ALA A 37 16.52 27.96 -4.06
C ALA A 37 17.42 26.77 -4.34
N GLY A 38 18.23 26.38 -3.34
CA GLY A 38 19.10 25.21 -3.43
C GLY A 38 18.33 23.92 -3.52
N ALA A 39 17.32 23.78 -2.66
CA ALA A 39 16.44 22.62 -2.67
C ALA A 39 15.70 22.48 -4.01
N VAL A 40 15.15 23.60 -4.49
CA VAL A 40 14.50 23.67 -5.80
C VAL A 40 15.44 23.25 -6.93
N LYS A 41 16.67 23.76 -6.89
CA LYS A 41 17.69 23.44 -7.90
C LYS A 41 17.98 21.94 -7.99
N ARG A 42 18.32 21.33 -6.85
CA ARG A 42 18.67 19.90 -6.81
C ARG A 42 17.47 19.00 -7.12
N LEU A 43 16.29 19.40 -6.66
CA LEU A 43 15.04 18.69 -7.00
C LEU A 43 14.88 18.54 -8.51
N GLN A 44 15.03 19.66 -9.23
CA GLN A 44 14.92 19.68 -10.69
C GLN A 44 16.03 18.91 -11.40
N GLU A 45 17.20 18.84 -10.77
CA GLU A 45 18.34 18.09 -11.32
C GLU A 45 18.10 16.57 -11.30
N PHE A 46 17.32 16.11 -10.32
CA PHE A 46 16.93 14.70 -10.23
C PHE A 46 15.67 14.38 -11.05
N GLY A 47 15.19 15.36 -11.81
CA GLY A 47 14.08 15.15 -12.73
C GLY A 47 12.71 15.61 -12.25
N VAL A 48 12.63 16.11 -11.02
CA VAL A 48 11.36 16.60 -10.48
C VAL A 48 10.93 17.87 -11.21
N LYS A 49 9.74 17.81 -11.81
CA LYS A 49 9.20 18.91 -12.62
C LYS A 49 8.78 20.09 -11.75
N GLU A 50 8.83 21.29 -12.33
CA GLU A 50 8.54 22.53 -11.60
C GLU A 50 7.09 22.58 -11.10
N GLU A 51 6.17 22.09 -11.93
CA GLU A 51 4.75 22.01 -11.58
C GLU A 51 4.50 21.09 -10.37
N ASN A 52 5.48 20.25 -10.06
CA ASN A 52 5.37 19.29 -8.97
C ASN A 52 6.19 19.67 -7.72
N ILE A 53 6.67 20.90 -7.71
CA ILE A 53 7.34 21.47 -6.53
C ILE A 53 6.42 22.53 -5.94
N ILE A 54 5.84 22.22 -4.78
CA ILE A 54 4.85 23.09 -4.15
C ILE A 54 5.48 23.82 -2.97
N ILE A 55 5.58 25.14 -3.06
CA ILE A 55 6.15 25.97 -2.00
C ILE A 55 5.03 26.67 -1.22
N GLU A 56 5.08 26.52 0.11
CA GLU A 56 4.16 27.19 1.01
C GLU A 56 4.93 27.70 2.22
N THR A 57 4.40 28.73 2.88
CA THR A 57 5.09 29.39 3.99
C THR A 57 4.35 29.31 5.33
N VAL A 58 5.11 29.42 6.41
CA VAL A 58 4.56 29.61 7.76
C VAL A 58 5.32 30.77 8.43
N PRO A 59 4.76 31.37 9.50
CA PRO A 59 5.47 32.45 10.17
C PRO A 59 6.86 32.03 10.68
N GLY A 60 6.90 31.06 11.60
CA GLY A 60 8.15 30.63 12.20
C GLY A 60 8.36 29.13 12.22
N SER A 61 9.51 28.72 12.74
CA SER A 61 9.88 27.30 12.78
C SER A 61 8.99 26.44 13.67
N PHE A 62 8.36 27.06 14.68
CA PHE A 62 7.46 26.33 15.57
C PHE A 62 6.20 25.86 14.83
N GLU A 63 5.79 26.62 13.81
CA GLU A 63 4.63 26.29 13.01
C GLU A 63 4.93 25.28 11.90
N LEU A 64 6.21 24.94 11.71
CA LEU A 64 6.62 23.99 10.67
C LEU A 64 6.03 22.58 10.81
N PRO A 65 6.14 21.95 11.99
CA PRO A 65 5.56 20.62 12.15
C PRO A 65 4.06 20.52 11.83
N TYR A 66 3.24 21.36 12.48
CA TYR A 66 1.79 21.30 12.24
C TYR A 66 1.40 21.86 10.88
N GLY A 67 2.16 22.84 10.41
CA GLY A 67 1.99 23.38 9.06
C GLY A 67 2.19 22.29 8.02
N SER A 68 3.19 21.45 8.25
CA SER A 68 3.47 20.33 7.36
C SER A 68 2.30 19.36 7.26
N LYS A 69 1.70 19.02 8.40
CA LYS A 69 0.52 18.15 8.41
C LYS A 69 -0.66 18.77 7.65
N LEU A 70 -0.92 20.04 7.92
CA LEU A 70 -2.00 20.76 7.27
C LEU A 70 -1.76 20.88 5.77
N PHE A 71 -0.50 21.08 5.40
CA PHE A 71 -0.06 21.14 4.01
C PHE A 71 -0.28 19.79 3.31
N VAL A 72 0.17 18.72 3.95
CA VAL A 72 0.00 17.35 3.44
C VAL A 72 -1.49 16.98 3.29
N GLU A 73 -2.29 17.30 4.30
CA GLU A 73 -3.73 17.02 4.26
C GLU A 73 -4.43 17.80 3.14
N LYS A 74 -4.06 19.07 2.97
CA LYS A 74 -4.60 19.91 1.90
C LYS A 74 -4.29 19.35 0.52
N GLN A 75 -3.04 18.89 0.33
CA GLN A 75 -2.61 18.34 -0.94
C GLN A 75 -3.33 17.03 -1.28
N LYS A 76 -3.72 16.28 -0.26
CA LYS A 76 -4.54 15.07 -0.44
C LYS A 76 -5.94 15.42 -0.91
N ARG A 77 -6.55 16.44 -0.29
CA ARG A 77 -7.89 16.91 -0.64
C ARG A 77 -7.95 17.52 -2.04
N LEU A 78 -6.81 18.01 -2.52
CA LEU A 78 -6.70 18.56 -3.87
C LEU A 78 -6.50 17.47 -4.92
N GLY A 79 -6.23 16.26 -4.47
CA GLY A 79 -5.97 15.13 -5.37
C GLY A 79 -4.56 15.16 -5.92
N LYS A 80 -3.67 15.88 -5.23
CA LYS A 80 -2.28 15.98 -5.65
C LYS A 80 -1.35 15.74 -4.45
N PRO A 81 -1.24 14.47 -4.02
CA PRO A 81 -0.53 14.13 -2.79
C PRO A 81 0.97 14.36 -2.92
N LEU A 82 1.59 14.78 -1.82
CA LEU A 82 3.03 14.94 -1.77
C LEU A 82 3.68 13.60 -1.51
N ASP A 83 4.83 13.37 -2.14
CA ASP A 83 5.59 12.13 -1.94
C ASP A 83 6.63 12.32 -0.84
N ALA A 84 7.05 13.56 -0.64
CA ALA A 84 7.93 13.94 0.46
C ALA A 84 7.77 15.43 0.76
N ILE A 85 8.29 15.86 1.90
CA ILE A 85 8.22 17.27 2.29
C ILE A 85 9.53 17.73 2.93
N ILE A 86 9.91 18.97 2.63
CA ILE A 86 11.10 19.59 3.21
C ILE A 86 10.70 20.86 4.00
N PRO A 87 10.57 20.73 5.33
CA PRO A 87 10.35 21.89 6.19
C PRO A 87 11.65 22.66 6.39
N ILE A 88 11.66 23.93 5.99
CA ILE A 88 12.87 24.75 6.05
C ILE A 88 12.73 25.90 7.05
N GLY A 89 13.67 25.96 7.99
CA GLY A 89 13.70 27.01 9.00
C GLY A 89 15.11 27.44 9.32
N VAL A 90 15.26 28.70 9.72
CA VAL A 90 16.55 29.22 10.13
C VAL A 90 16.43 29.78 11.55
N LEU A 91 17.12 29.12 12.48
CA LEU A 91 17.12 29.53 13.87
C LEU A 91 18.52 29.95 14.31
N ILE A 92 18.63 31.19 14.78
CA ILE A 92 19.88 31.76 15.27
C ILE A 92 19.77 32.04 16.77
N LYS A 93 20.80 31.66 17.52
CA LYS A 93 20.84 31.87 18.97
C LYS A 93 20.76 33.35 19.32
N GLY A 94 19.78 33.70 20.16
CA GLY A 94 19.60 35.07 20.63
C GLY A 94 20.18 35.28 22.03
N SER A 95 19.52 36.13 22.80
CA SER A 95 19.94 36.43 24.18
C SER A 95 19.25 35.54 25.21
N THR A 96 18.04 35.09 24.90
CA THR A 96 17.26 34.25 25.81
C THR A 96 17.40 32.76 25.47
N MET A 97 16.59 31.93 26.12
CA MET A 97 16.59 30.48 25.88
C MET A 97 15.60 30.08 24.78
N HIS A 98 14.98 31.08 24.15
CA HIS A 98 14.01 30.85 23.08
C HIS A 98 14.54 29.93 21.99
N PHE A 99 15.77 30.18 21.55
CA PHE A 99 16.46 29.35 20.57
C PHE A 99 16.45 27.86 20.96
N GLU A 100 16.85 27.57 22.20
CA GLU A 100 16.98 26.19 22.67
C GLU A 100 15.68 25.39 22.64
N TYR A 101 14.59 26.00 23.09
CA TYR A 101 13.32 25.29 23.21
C TYR A 101 12.55 25.17 21.89
N ILE A 102 12.74 26.16 21.01
CA ILE A 102 12.18 26.07 19.66
C ILE A 102 12.88 24.96 18.88
N CYS A 103 14.22 24.97 18.89
CA CYS A 103 15.01 23.95 18.19
C CYS A 103 14.63 22.55 18.63
N ASP A 104 14.68 22.32 19.94
CA ASP A 104 14.46 21.00 20.54
C ASP A 104 13.13 20.37 20.14
N SER A 105 12.03 21.09 20.41
CA SER A 105 10.69 20.57 20.13
C SER A 105 10.38 20.51 18.63
N THR A 106 10.91 21.46 17.86
CA THR A 106 10.76 21.45 16.40
C THR A 106 11.45 20.24 15.79
N THR A 107 12.71 20.00 16.15
CA THR A 107 13.48 18.86 15.65
C THR A 107 12.77 17.54 15.96
N HIS A 108 12.36 17.35 17.21
CA HIS A 108 11.67 16.12 17.64
C HIS A 108 10.36 15.84 16.92
N GLN A 109 9.55 16.88 16.69
CA GLN A 109 8.29 16.73 15.96
C GLN A 109 8.47 16.43 14.49
N LEU A 110 9.45 17.10 13.86
CA LEU A 110 9.76 16.85 12.46
C LEU A 110 10.22 15.40 12.27
N MET A 111 11.01 14.90 13.21
CA MET A 111 11.43 13.51 13.22
C MET A 111 10.24 12.55 13.29
N LYS A 112 9.37 12.76 14.28
CA LYS A 112 8.16 11.96 14.47
C LYS A 112 7.19 12.04 13.29
N LEU A 113 7.21 13.16 12.58
CA LEU A 113 6.29 13.45 11.49
C LEU A 113 6.44 12.48 10.31
N ASN A 114 7.65 11.94 10.14
CA ASN A 114 7.91 10.88 9.17
C ASN A 114 6.92 9.73 9.33
N PHE A 115 6.70 9.33 10.58
CA PHE A 115 5.87 8.17 10.90
C PHE A 115 4.38 8.50 10.95
N GLU A 116 4.06 9.73 11.36
CA GLU A 116 2.68 10.19 11.44
C GLU A 116 2.07 10.50 10.07
N LEU A 117 2.86 11.12 9.20
CA LEU A 117 2.41 11.49 7.86
C LEU A 117 2.58 10.38 6.82
N GLY A 118 3.49 9.45 7.10
CA GLY A 118 3.76 8.34 6.18
C GLY A 118 4.55 8.73 4.95
N ILE A 119 5.18 9.90 4.99
CA ILE A 119 6.09 10.36 3.93
C ILE A 119 7.38 10.89 4.53
N PRO A 120 8.49 10.82 3.76
CA PRO A 120 9.77 11.37 4.23
C PRO A 120 9.69 12.87 4.55
N VAL A 121 10.10 13.21 5.76
CA VAL A 121 10.21 14.59 6.20
C VAL A 121 11.69 14.90 6.36
N ILE A 122 12.22 15.72 5.46
CA ILE A 122 13.64 16.06 5.46
C ILE A 122 13.90 17.26 6.38
N PHE A 123 14.81 17.09 7.33
CA PHE A 123 15.13 18.13 8.29
C PHE A 123 15.89 19.29 7.67
N GLY A 124 15.16 20.34 7.31
CA GLY A 124 15.75 21.52 6.70
C GLY A 124 15.83 22.73 7.62
N VAL A 125 16.07 22.50 8.89
CA VAL A 125 16.16 23.58 9.88
C VAL A 125 17.60 23.83 10.31
N LEU A 126 18.10 25.03 10.01
CA LEU A 126 19.41 25.46 10.47
C LEU A 126 19.34 25.93 11.92
N THR A 127 20.24 25.41 12.75
CA THR A 127 20.31 25.75 14.16
C THR A 127 21.70 26.32 14.47
N CYS A 128 21.86 27.62 14.20
CA CYS A 128 23.18 28.28 14.26
C CYS A 128 23.33 29.20 15.45
N LEU A 129 24.57 29.61 15.70
CA LEU A 129 24.88 30.55 16.78
C LEU A 129 25.08 31.98 16.27
N THR A 130 25.51 32.10 15.01
CA THR A 130 25.66 33.41 14.36
C THR A 130 24.94 33.45 13.03
N ASP A 131 24.72 34.65 12.51
CA ASP A 131 24.14 34.85 11.18
C ASP A 131 25.06 34.28 10.11
N GLU A 132 26.37 34.49 10.29
CA GLU A 132 27.40 34.04 9.36
C GLU A 132 27.36 32.52 9.15
N GLN A 133 27.15 31.77 10.23
CA GLN A 133 27.06 30.32 10.18
C GLN A 133 25.90 29.87 9.30
N ALA A 134 24.75 30.55 9.45
CA ALA A 134 23.57 30.26 8.65
C ALA A 134 23.81 30.62 7.19
N GLU A 135 24.38 31.80 6.96
CA GLU A 135 24.74 32.26 5.62
C GLU A 135 25.71 31.32 4.91
N ALA A 136 26.70 30.82 5.67
CA ALA A 136 27.69 29.89 5.12
C ALA A 136 27.09 28.55 4.74
N ARG A 137 26.12 28.09 5.53
CA ARG A 137 25.45 26.82 5.29
C ARG A 137 24.27 26.97 4.31
N ALA A 138 24.04 28.19 3.84
CA ALA A 138 23.05 28.47 2.81
C ALA A 138 23.70 28.80 1.48
N GLY A 139 25.03 28.76 1.45
CA GLY A 139 25.81 29.04 0.24
C GLY A 139 25.93 30.52 -0.08
N LEU A 140 25.75 31.37 0.93
CA LEU A 140 25.79 32.82 0.75
C LEU A 140 27.18 33.43 0.95
N ILE A 141 28.09 32.66 1.55
CA ILE A 141 29.48 33.08 1.71
C ILE A 141 30.31 32.51 0.55
N GLU A 142 30.96 33.41 -0.20
CA GLU A 142 31.56 33.10 -1.49
C GLU A 142 32.34 31.78 -1.60
N GLY A 143 33.44 31.66 -0.86
CA GLY A 143 34.29 30.47 -0.96
C GLY A 143 34.23 29.55 0.24
N LYS A 144 33.12 29.56 0.96
CA LYS A 144 33.00 28.80 2.20
C LYS A 144 31.84 27.82 2.14
N MET A 145 32.17 26.53 2.33
CA MET A 145 31.18 25.45 2.44
C MET A 145 30.21 25.40 1.25
N HIS A 146 28.94 25.07 1.50
CA HIS A 146 27.94 24.95 0.43
C HIS A 146 26.51 25.17 0.95
N ASN A 147 25.57 25.20 0.01
CA ASN A 147 24.15 25.35 0.33
C ASN A 147 23.55 24.01 0.77
N HIS A 148 23.18 23.94 2.05
CA HIS A 148 22.60 22.72 2.63
C HIS A 148 21.25 22.37 2.01
N GLY A 149 20.58 23.37 1.45
CA GLY A 149 19.31 23.20 0.73
C GLY A 149 19.38 22.15 -0.36
N GLU A 150 20.47 22.16 -1.13
CA GLU A 150 20.67 21.17 -2.19
C GLU A 150 20.66 19.74 -1.65
N ASP A 151 21.39 19.53 -0.55
CA ASP A 151 21.45 18.22 0.11
C ASP A 151 20.06 17.74 0.52
N TRP A 152 19.24 18.67 1.02
CA TRP A 152 17.87 18.38 1.42
C TRP A 152 16.99 18.00 0.22
N GLY A 153 17.31 18.59 -0.93
CA GLY A 153 16.64 18.24 -2.18
C GLY A 153 16.97 16.82 -2.58
N ALA A 154 18.26 16.49 -2.56
CA ALA A 154 18.73 15.14 -2.90
C ALA A 154 18.15 14.08 -1.98
N ALA A 155 18.09 14.40 -0.68
CA ALA A 155 17.58 13.50 0.32
C ALA A 155 16.10 13.16 0.08
N ALA A 156 15.29 14.17 -0.20
CA ALA A 156 13.85 14.01 -0.43
C ALA A 156 13.55 13.02 -1.56
N VAL A 157 14.28 13.17 -2.67
CA VAL A 157 14.12 12.31 -3.84
C VAL A 157 14.52 10.85 -3.52
N GLU A 158 15.67 10.68 -2.88
CA GLU A 158 16.16 9.35 -2.51
C GLU A 158 15.22 8.63 -1.54
N MET A 159 14.80 9.31 -0.49
CA MET A 159 13.95 8.71 0.55
C MET A 159 12.56 8.32 0.02
N ALA A 160 12.11 9.01 -1.03
CA ALA A 160 10.81 8.73 -1.64
C ALA A 160 10.88 7.60 -2.68
N THR A 161 12.09 7.17 -3.01
CA THR A 161 12.32 6.25 -4.14
C THR A 161 13.01 4.94 -3.76
N LYS A 162 14.08 5.04 -2.98
CA LYS A 162 14.98 3.92 -2.69
C LYS A 162 14.28 2.65 -2.21
N PHE A 163 13.25 2.80 -1.38
CA PHE A 163 12.62 1.67 -0.71
C PHE A 163 11.25 1.26 -1.29
N ASN A 164 10.94 1.75 -2.49
CA ASN A 164 9.68 1.40 -3.17
C ASN A 164 9.46 -0.11 -3.34
N LYS B 12 -3.88 39.69 3.33
CA LYS B 12 -3.55 38.26 3.04
C LYS B 12 -4.45 37.28 3.81
N TYR B 13 -4.49 37.44 5.13
CA TYR B 13 -5.29 36.54 5.98
C TYR B 13 -6.42 37.28 6.69
N ASP B 14 -7.63 36.74 6.57
CA ASP B 14 -8.80 37.32 7.22
C ASP B 14 -9.30 36.42 8.35
N GLY B 15 -9.47 37.01 9.53
CA GLY B 15 -9.92 36.27 10.71
C GLY B 15 -11.32 36.61 11.19
N SER B 16 -12.10 37.27 10.35
CA SER B 16 -13.45 37.73 10.73
C SER B 16 -14.42 36.60 11.06
N LYS B 17 -14.17 35.43 10.50
CA LYS B 17 -14.99 34.25 10.77
C LYS B 17 -14.34 33.27 11.74
N LEU B 18 -13.30 33.73 12.44
CA LEU B 18 -12.57 32.90 13.39
C LEU B 18 -12.88 33.24 14.84
N ARG B 19 -12.83 32.21 15.69
CA ARG B 19 -12.90 32.37 17.13
C ARG B 19 -11.58 31.92 17.73
N ILE B 20 -10.83 32.88 18.28
CA ILE B 20 -9.49 32.62 18.81
C ILE B 20 -9.52 32.61 20.33
N GLY B 21 -8.88 31.60 20.92
CA GLY B 21 -8.75 31.51 22.36
C GLY B 21 -7.36 31.92 22.84
N ILE B 22 -7.32 32.71 23.91
CA ILE B 22 -6.06 33.02 24.58
C ILE B 22 -6.13 32.51 26.02
N LEU B 23 -5.21 31.61 26.34
CA LEU B 23 -5.05 31.10 27.71
C LEU B 23 -3.72 31.58 28.25
N HIS B 24 -3.74 32.25 29.39
CA HIS B 24 -2.50 32.79 29.93
C HIS B 24 -2.26 32.49 31.41
N ALA B 25 -0.98 32.34 31.76
CA ALA B 25 -0.55 32.16 33.14
C ALA B 25 -0.66 33.48 33.90
N ARG B 26 -0.59 33.42 35.23
CA ARG B 26 -0.77 34.61 36.06
C ARG B 26 0.52 35.08 36.76
N TRP B 27 1.57 34.27 36.71
CA TRP B 27 2.89 34.68 37.17
C TRP B 27 3.48 35.71 36.21
N ASN B 28 4.18 36.70 36.75
CA ASN B 28 4.73 37.83 35.97
C ASN B 28 3.63 38.58 35.24
N ARG B 29 2.57 38.93 35.98
CA ARG B 29 1.32 39.46 35.41
C ARG B 29 1.49 40.71 34.53
N LYS B 30 2.40 41.60 34.92
CA LYS B 30 2.67 42.83 34.15
C LYS B 30 3.12 42.50 32.73
N ILE B 31 4.05 41.54 32.61
CA ILE B 31 4.57 41.11 31.31
C ILE B 31 3.52 40.29 30.54
N ILE B 32 2.75 39.49 31.26
CA ILE B 32 1.63 38.73 30.69
C ILE B 32 0.58 39.64 30.04
N ASP B 33 0.14 40.64 30.80
CA ASP B 33 -0.90 41.57 30.34
C ASP B 33 -0.51 42.31 29.05
N ALA B 34 0.78 42.60 28.90
CA ALA B 34 1.30 43.28 27.72
C ALA B 34 1.25 42.39 26.48
N LEU B 35 1.60 41.11 26.66
CA LEU B 35 1.58 40.15 25.57
C LEU B 35 0.16 39.82 25.12
N VAL B 36 -0.74 39.62 26.09
CA VAL B 36 -2.15 39.34 25.83
C VAL B 36 -2.78 40.47 25.02
N ALA B 37 -2.56 41.71 25.46
CA ALA B 37 -3.09 42.89 24.79
C ALA B 37 -2.56 43.03 23.37
N GLY B 38 -1.29 42.67 23.17
CA GLY B 38 -0.65 42.68 21.86
C GLY B 38 -1.26 41.65 20.91
N ALA B 39 -1.62 40.49 21.45
CA ALA B 39 -2.28 39.45 20.69
C ALA B 39 -3.71 39.86 20.32
N VAL B 40 -4.43 40.44 21.28
CA VAL B 40 -5.78 40.95 21.08
C VAL B 40 -5.79 42.05 20.03
N LYS B 41 -4.89 43.02 20.18
CA LYS B 41 -4.77 44.14 19.25
C LYS B 41 -4.56 43.68 17.80
N ARG B 42 -3.68 42.71 17.61
CA ARG B 42 -3.38 42.18 16.28
C ARG B 42 -4.52 41.31 15.73
N LEU B 43 -5.10 40.47 16.59
CA LEU B 43 -6.29 39.69 16.24
C LEU B 43 -7.36 40.57 15.60
N GLN B 44 -7.64 41.71 16.24
CA GLN B 44 -8.63 42.66 15.76
C GLN B 44 -8.24 43.33 14.44
N GLU B 45 -6.93 43.48 14.20
CA GLU B 45 -6.42 44.04 12.95
C GLU B 45 -6.63 43.09 11.77
N PHE B 46 -6.63 41.78 12.05
CA PHE B 46 -6.91 40.76 11.04
C PHE B 46 -8.41 40.51 10.89
N GLY B 47 -9.22 41.25 11.64
CA GLY B 47 -10.67 41.20 11.50
C GLY B 47 -11.43 40.37 12.51
N VAL B 48 -10.72 39.73 13.44
CA VAL B 48 -11.37 38.93 14.48
C VAL B 48 -12.21 39.83 15.38
N LYS B 49 -13.47 39.44 15.58
CA LYS B 49 -14.40 40.22 16.39
C LYS B 49 -14.10 40.04 17.89
N GLU B 50 -14.36 41.09 18.66
CA GLU B 50 -14.09 41.11 20.10
C GLU B 50 -14.87 40.04 20.87
N GLU B 51 -16.08 39.74 20.42
CA GLU B 51 -16.92 38.69 21.00
C GLU B 51 -16.31 37.29 20.79
N ASN B 52 -15.42 37.19 19.81
CA ASN B 52 -14.81 35.91 19.42
C ASN B 52 -13.38 35.73 19.92
N ILE B 53 -12.88 36.69 20.69
CA ILE B 53 -11.60 36.55 21.36
C ILE B 53 -11.88 36.16 22.81
N ILE B 54 -11.64 34.89 23.13
CA ILE B 54 -11.96 34.36 24.46
C ILE B 54 -10.69 34.26 25.30
N ILE B 55 -10.69 34.97 26.42
CA ILE B 55 -9.55 35.02 27.33
C ILE B 55 -9.82 34.17 28.58
N GLU B 56 -8.87 33.31 28.91
CA GLU B 56 -8.95 32.52 30.13
C GLU B 56 -7.58 32.40 30.79
N THR B 57 -7.56 32.10 32.09
CA THR B 57 -6.32 32.06 32.85
C THR B 57 -6.05 30.71 33.52
N VAL B 58 -4.77 30.42 33.73
CA VAL B 58 -4.31 29.33 34.61
C VAL B 58 -3.20 29.90 35.50
N PRO B 59 -2.87 29.23 36.63
CA PRO B 59 -1.85 29.80 37.52
C PRO B 59 -0.47 29.95 36.88
N GLY B 60 0.09 28.85 36.36
CA GLY B 60 1.43 28.87 35.80
C GLY B 60 1.55 28.20 34.45
N SER B 61 2.73 28.31 33.86
CA SER B 61 3.00 27.78 32.52
C SER B 61 2.86 26.26 32.40
N PHE B 62 3.09 25.54 33.49
CA PHE B 62 2.90 24.09 33.51
C PHE B 62 1.44 23.71 33.28
N GLU B 63 0.54 24.59 33.71
CA GLU B 63 -0.91 24.37 33.58
C GLU B 63 -1.46 24.76 32.20
N LEU B 64 -0.61 25.35 31.37
CA LEU B 64 -1.03 25.80 30.03
C LEU B 64 -1.46 24.68 29.07
N PRO B 65 -0.67 23.59 28.95
CA PRO B 65 -1.05 22.53 28.01
C PRO B 65 -2.39 21.84 28.34
N TYR B 66 -2.56 21.34 29.56
CA TYR B 66 -3.82 20.67 29.91
C TYR B 66 -4.97 21.69 30.06
N GLY B 67 -4.63 22.89 30.50
CA GLY B 67 -5.58 24.00 30.55
C GLY B 67 -6.13 24.32 29.18
N SER B 68 -5.26 24.28 28.18
CA SER B 68 -5.66 24.48 26.78
C SER B 68 -6.65 23.41 26.34
N LYS B 69 -6.39 22.16 26.75
CA LYS B 69 -7.25 21.04 26.39
C LYS B 69 -8.64 21.17 27.00
N LEU B 70 -8.69 21.51 28.30
CA LEU B 70 -9.94 21.70 29.02
C LEU B 70 -10.71 22.92 28.52
N PHE B 71 -9.97 23.93 28.07
CA PHE B 71 -10.54 25.15 27.49
C PHE B 71 -11.18 24.87 26.14
N VAL B 72 -10.48 24.11 25.29
CA VAL B 72 -10.97 23.72 23.98
C VAL B 72 -12.23 22.86 24.10
N GLU B 73 -12.22 21.91 25.02
CA GLU B 73 -13.37 21.02 25.21
C GLU B 73 -14.57 21.72 25.84
N LYS B 74 -14.32 22.77 26.63
CA LYS B 74 -15.39 23.57 27.22
C LYS B 74 -16.14 24.38 26.15
N GLN B 75 -15.38 24.99 25.25
CA GLN B 75 -15.94 25.81 24.18
C GLN B 75 -16.77 25.00 23.18
N LYS B 76 -16.36 23.75 22.96
CA LYS B 76 -17.11 22.81 22.14
C LYS B 76 -18.47 22.47 22.76
N ARG B 77 -18.46 22.22 24.07
CA ARG B 77 -19.69 21.90 24.81
C ARG B 77 -20.64 23.09 24.89
N LEU B 78 -20.06 24.30 24.83
CA LEU B 78 -20.83 25.54 24.78
C LEU B 78 -21.38 25.84 23.39
N GLY B 79 -20.86 25.13 22.38
CA GLY B 79 -21.28 25.33 20.99
C GLY B 79 -20.58 26.51 20.35
N LYS B 80 -19.48 26.94 20.97
CA LYS B 80 -18.65 28.02 20.44
C LYS B 80 -17.21 27.51 20.30
N PRO B 81 -16.95 26.61 19.33
CA PRO B 81 -15.64 25.98 19.22
C PRO B 81 -14.52 26.94 18.81
N LEU B 82 -13.34 26.76 19.39
CA LEU B 82 -12.17 27.57 19.05
C LEU B 82 -11.52 27.07 17.77
N ASP B 83 -11.13 28.01 16.91
CA ASP B 83 -10.43 27.70 15.66
C ASP B 83 -8.92 27.62 15.87
N ALA B 84 -8.42 28.30 16.90
CA ALA B 84 -7.01 28.29 17.27
C ALA B 84 -6.85 28.77 18.71
N ILE B 85 -5.72 28.44 19.32
CA ILE B 85 -5.47 28.82 20.71
C ILE B 85 -4.05 29.36 20.90
N ILE B 86 -3.93 30.41 21.71
CA ILE B 86 -2.65 31.03 22.03
C ILE B 86 -2.37 30.93 23.53
N PRO B 87 -1.66 29.86 23.95
CA PRO B 87 -1.19 29.73 25.32
C PRO B 87 -0.04 30.71 25.60
N ILE B 88 -0.24 31.59 26.58
CA ILE B 88 0.74 32.62 26.92
C ILE B 88 1.26 32.45 28.34
N GLY B 89 2.59 32.39 28.47
CA GLY B 89 3.25 32.34 29.78
C GLY B 89 4.57 33.09 29.72
N VAL B 90 5.08 33.47 30.90
CA VAL B 90 6.39 34.11 31.00
C VAL B 90 7.24 33.39 32.03
N LEU B 91 8.40 32.91 31.60
CA LEU B 91 9.31 32.22 32.49
C LEU B 91 10.68 32.91 32.55
N ILE B 92 11.06 33.32 33.76
CA ILE B 92 12.34 33.97 34.02
C ILE B 92 13.22 33.01 34.84
N LYS B 93 14.46 32.84 34.40
CA LYS B 93 15.40 31.97 35.09
C LYS B 93 15.64 32.42 36.53
N GLY B 94 15.34 31.53 37.48
CA GLY B 94 15.55 31.80 38.89
C GLY B 94 16.88 31.24 39.39
N SER B 95 16.87 30.74 40.62
CA SER B 95 18.09 30.20 41.23
C SER B 95 18.20 28.69 41.11
N THR B 96 17.05 28.03 40.89
CA THR B 96 17.01 26.58 40.75
C THR B 96 16.85 26.15 39.30
N MET B 97 16.70 24.84 39.09
CA MET B 97 16.51 24.27 37.75
C MET B 97 15.03 24.26 37.36
N HIS B 98 14.18 24.80 38.23
CA HIS B 98 12.73 24.87 37.99
C HIS B 98 12.41 25.50 36.63
N PHE B 99 13.14 26.57 36.29
CA PHE B 99 13.00 27.24 35.00
C PHE B 99 13.17 26.27 33.83
N GLU B 100 14.24 25.48 33.85
CA GLU B 100 14.62 24.61 32.73
C GLU B 100 13.62 23.47 32.46
N TYR B 101 13.13 22.84 33.52
CA TYR B 101 12.22 21.70 33.36
C TYR B 101 10.79 22.11 33.05
N ILE B 102 10.37 23.28 33.53
CA ILE B 102 9.06 23.82 33.18
C ILE B 102 9.06 24.21 31.69
N CYS B 103 10.09 24.94 31.27
CA CYS B 103 10.24 25.33 29.86
C CYS B 103 10.25 24.11 28.94
N ASP B 104 11.09 23.14 29.26
CA ASP B 104 11.26 21.95 28.43
C ASP B 104 9.95 21.18 28.24
N SER B 105 9.29 20.85 29.35
CA SER B 105 8.08 20.03 29.32
C SER B 105 6.88 20.77 28.71
N THR B 106 6.74 22.05 29.05
CA THR B 106 5.65 22.88 28.54
C THR B 106 5.76 23.03 27.02
N THR B 107 6.97 23.30 26.53
CA THR B 107 7.20 23.53 25.11
C THR B 107 6.85 22.31 24.27
N HIS B 108 7.32 21.13 24.71
CA HIS B 108 7.07 19.88 24.01
C HIS B 108 5.59 19.51 23.94
N GLN B 109 4.87 19.78 25.03
CA GLN B 109 3.44 19.48 25.07
C GLN B 109 2.59 20.47 24.30
N LEU B 110 2.97 21.74 24.30
CA LEU B 110 2.27 22.74 23.51
C LEU B 110 2.44 22.46 22.02
N MET B 111 3.64 22.03 21.64
CA MET B 111 3.94 21.61 20.28
C MET B 111 3.10 20.40 19.88
N LYS B 112 3.06 19.40 20.76
CA LYS B 112 2.33 18.16 20.53
C LYS B 112 0.82 18.40 20.48
N LEU B 113 0.37 19.44 21.17
CA LEU B 113 -1.05 19.74 21.33
C LEU B 113 -1.74 20.16 20.03
N ASN B 114 -0.96 20.67 19.08
CA ASN B 114 -1.44 20.97 17.72
C ASN B 114 -2.16 19.78 17.11
N PHE B 115 -1.58 18.60 17.31
CA PHE B 115 -2.06 17.36 16.70
C PHE B 115 -3.17 16.72 17.52
N GLU B 116 -3.03 16.76 18.84
CA GLU B 116 -4.03 16.20 19.75
C GLU B 116 -5.35 16.96 19.69
N LEU B 117 -5.28 18.29 19.70
CA LEU B 117 -6.48 19.14 19.70
C LEU B 117 -7.05 19.35 18.29
N GLY B 118 -6.21 19.15 17.28
CA GLY B 118 -6.63 19.32 15.88
C GLY B 118 -6.82 20.77 15.45
N ILE B 119 -6.29 21.70 16.25
CA ILE B 119 -6.28 23.12 15.91
C ILE B 119 -4.90 23.72 16.16
N PRO B 120 -4.55 24.81 15.47
CA PRO B 120 -3.28 25.49 15.72
C PRO B 120 -3.10 25.93 17.16
N VAL B 121 -1.93 25.62 17.71
CA VAL B 121 -1.53 26.02 19.06
C VAL B 121 -0.28 26.88 18.90
N ILE B 122 -0.42 28.17 19.18
CA ILE B 122 0.67 29.13 18.96
C ILE B 122 1.51 29.30 20.22
N PHE B 123 2.81 29.07 20.08
CA PHE B 123 3.73 29.11 21.20
C PHE B 123 3.92 30.53 21.71
N GLY B 124 3.21 30.85 22.79
CA GLY B 124 3.27 32.17 23.40
C GLY B 124 3.98 32.20 24.74
N VAL B 125 5.02 31.38 24.88
CA VAL B 125 5.78 31.33 26.13
C VAL B 125 7.17 31.97 25.98
N LEU B 126 7.41 33.03 26.75
CA LEU B 126 8.73 33.63 26.83
C LEU B 126 9.60 32.84 27.79
N THR B 127 10.83 32.55 27.37
CA THR B 127 11.78 31.78 28.16
C THR B 127 13.08 32.59 28.32
N CYS B 128 13.05 33.54 29.25
CA CYS B 128 14.12 34.55 29.39
C CYS B 128 15.02 34.35 30.61
N LEU B 129 16.17 35.05 30.60
CA LEU B 129 17.14 34.97 31.69
C LEU B 129 17.06 36.15 32.66
N THR B 130 16.63 37.31 32.14
CA THR B 130 16.44 38.50 32.98
C THR B 130 15.03 39.05 32.80
N ASP B 131 14.57 39.81 33.79
CA ASP B 131 13.27 40.48 33.72
C ASP B 131 13.22 41.46 32.54
N GLU B 132 14.35 42.13 32.29
CA GLU B 132 14.49 43.09 31.20
C GLU B 132 14.22 42.45 29.83
N GLN B 133 14.71 41.23 29.65
CA GLN B 133 14.54 40.49 28.39
C GLN B 133 13.07 40.19 28.10
N ALA B 134 12.31 39.82 29.12
CA ALA B 134 10.88 39.54 28.98
C ALA B 134 10.07 40.80 28.73
N GLU B 135 10.46 41.90 29.37
CA GLU B 135 9.83 43.21 29.17
C GLU B 135 10.03 43.68 27.74
N ALA B 136 11.25 43.54 27.23
CA ALA B 136 11.61 43.98 25.89
C ALA B 136 10.83 43.21 24.81
N ARG B 137 10.60 41.93 25.07
CA ARG B 137 9.86 41.07 24.13
C ARG B 137 8.34 41.18 24.30
N ALA B 138 7.90 41.99 25.25
CA ALA B 138 6.49 42.34 25.41
C ALA B 138 6.24 43.79 25.01
N GLY B 139 7.28 44.43 24.44
CA GLY B 139 7.20 45.82 24.00
C GLY B 139 7.16 46.85 25.11
N LEU B 140 7.55 46.45 26.32
CA LEU B 140 7.47 47.32 27.50
C LEU B 140 8.69 48.24 27.67
N ILE B 141 9.74 47.99 26.90
CA ILE B 141 10.88 48.91 26.87
C ILE B 141 10.72 49.83 25.66
N GLU B 142 10.61 51.13 25.94
CA GLU B 142 10.23 52.16 24.95
C GLU B 142 10.85 51.98 23.56
N GLY B 143 12.17 51.80 23.50
CA GLY B 143 12.87 51.73 22.21
C GLY B 143 13.27 50.35 21.73
N LYS B 144 13.35 49.40 22.65
CA LYS B 144 13.80 48.04 22.33
C LYS B 144 12.76 47.17 21.65
N MET B 145 13.18 46.49 20.59
CA MET B 145 12.47 45.37 19.97
C MET B 145 10.97 45.62 19.73
N HIS B 146 10.14 44.61 19.98
CA HIS B 146 8.69 44.71 19.77
C HIS B 146 7.91 43.76 20.69
N ASN B 147 6.58 43.90 20.67
CA ASN B 147 5.70 43.04 21.45
C ASN B 147 5.43 41.73 20.71
N HIS B 148 6.01 40.65 21.24
CA HIS B 148 5.89 39.32 20.65
C HIS B 148 4.45 38.82 20.60
N GLY B 149 3.60 39.38 21.46
CA GLY B 149 2.18 39.08 21.47
C GLY B 149 1.50 39.28 20.13
N GLU B 150 1.91 40.34 19.43
CA GLU B 150 1.35 40.66 18.11
C GLU B 150 1.66 39.59 17.07
N ASP B 151 2.90 39.08 17.09
CA ASP B 151 3.32 38.03 16.16
C ASP B 151 2.47 36.77 16.30
N TRP B 152 2.10 36.47 17.55
CA TRP B 152 1.33 35.27 17.87
C TRP B 152 -0.10 35.37 17.36
N GLY B 153 -0.69 36.55 17.47
CA GLY B 153 -2.01 36.83 16.93
C GLY B 153 -2.07 36.62 15.42
N ALA B 154 -1.05 37.13 14.73
CA ALA B 154 -0.93 36.99 13.28
C ALA B 154 -0.74 35.53 12.88
N ALA B 155 0.01 34.80 13.70
CA ALA B 155 0.27 33.38 13.49
C ALA B 155 -1.03 32.57 13.60
N ALA B 156 -1.80 32.85 14.66
CA ALA B 156 -3.07 32.18 14.90
C ALA B 156 -4.04 32.31 13.72
N VAL B 157 -4.14 33.51 13.17
CA VAL B 157 -5.02 33.78 12.04
C VAL B 157 -4.55 33.04 10.78
N GLU B 158 -3.26 33.12 10.48
CA GLU B 158 -2.68 32.45 9.32
C GLU B 158 -2.83 30.92 9.39
N MET B 159 -2.43 30.34 10.53
CA MET B 159 -2.43 28.89 10.71
C MET B 159 -3.83 28.27 10.68
N ALA B 160 -4.84 29.02 11.12
CA ALA B 160 -6.22 28.54 11.12
C ALA B 160 -6.93 28.72 9.78
N THR B 161 -6.28 29.43 8.85
CA THR B 161 -6.92 29.78 7.58
C THR B 161 -6.19 29.25 6.34
N LYS B 162 -4.86 29.40 6.32
CA LYS B 162 -4.02 29.15 5.15
C LYS B 162 -4.33 27.85 4.39
N PHE B 163 -4.62 26.78 5.12
CA PHE B 163 -4.74 25.45 4.53
C PHE B 163 -6.18 24.93 4.38
N ASN B 164 -7.15 25.85 4.42
CA ASN B 164 -8.55 25.52 4.20
C ASN B 164 -8.84 25.07 2.77
N LYS C 12 -13.01 32.56 45.21
CA LYS C 12 -13.37 32.41 43.77
C LYS C 12 -13.61 30.94 43.39
N TYR C 13 -12.78 30.04 43.93
CA TYR C 13 -12.89 28.61 43.63
C TYR C 13 -13.41 27.83 44.84
N ASP C 14 -14.32 26.88 44.56
CA ASP C 14 -14.96 26.08 45.60
C ASP C 14 -14.47 24.63 45.53
N GLY C 15 -13.85 24.16 46.61
CA GLY C 15 -13.28 22.81 46.64
C GLY C 15 -14.05 21.80 47.45
N SER C 16 -15.19 22.21 48.01
CA SER C 16 -15.98 21.38 48.92
C SER C 16 -16.47 20.06 48.30
N LYS C 17 -16.70 20.06 46.99
CA LYS C 17 -17.18 18.88 46.28
C LYS C 17 -16.04 18.00 45.75
N LEU C 18 -14.81 18.47 45.90
CA LEU C 18 -13.66 17.79 45.30
C LEU C 18 -12.99 16.78 46.22
N ARG C 19 -12.44 15.72 45.61
CA ARG C 19 -11.53 14.82 46.30
C ARG C 19 -10.14 14.99 45.67
N ILE C 20 -9.17 15.36 46.49
CA ILE C 20 -7.82 15.65 46.03
C ILE C 20 -6.80 14.65 46.57
N GLY C 21 -6.01 14.08 45.66
CA GLY C 21 -4.95 13.15 46.04
C GLY C 21 -3.59 13.82 46.10
N ILE C 22 -2.85 13.51 47.15
CA ILE C 22 -1.47 13.95 47.27
C ILE C 22 -0.58 12.73 47.33
N LEU C 23 0.28 12.58 46.33
CA LEU C 23 1.24 11.48 46.29
C LEU C 23 2.64 12.05 46.47
N HIS C 24 3.31 11.67 47.54
CA HIS C 24 4.64 12.20 47.81
C HIS C 24 5.72 11.14 47.99
N ALA C 25 6.93 11.47 47.54
CA ALA C 25 8.10 10.62 47.73
C ALA C 25 8.55 10.65 49.20
N ARG C 26 9.48 9.77 49.55
CA ARG C 26 9.98 9.71 50.93
C ARG C 26 11.46 10.11 51.08
N TRP C 27 12.16 10.19 49.96
CA TRP C 27 13.49 10.83 49.89
C TRP C 27 13.34 12.30 50.29
N ASN C 28 14.32 12.82 51.04
CA ASN C 28 14.27 14.20 51.56
C ASN C 28 12.97 14.47 52.33
N ARG C 29 12.69 13.61 53.31
CA ARG C 29 11.39 13.55 53.99
C ARG C 29 11.00 14.83 54.74
N LYS C 30 11.98 15.46 55.39
CA LYS C 30 11.74 16.69 56.15
C LYS C 30 11.12 17.78 55.27
N ILE C 31 11.72 17.99 54.10
CA ILE C 31 11.27 19.00 53.15
C ILE C 31 9.92 18.60 52.54
N ILE C 32 9.78 17.32 52.20
CA ILE C 32 8.54 16.75 51.68
C ILE C 32 7.37 17.00 52.64
N ASP C 33 7.56 16.72 53.92
CA ASP C 33 6.52 16.90 54.94
C ASP C 33 6.00 18.33 54.98
N ALA C 34 6.91 19.30 54.92
CA ALA C 34 6.56 20.71 54.91
C ALA C 34 5.75 21.11 53.67
N LEU C 35 6.07 20.50 52.53
CA LEU C 35 5.37 20.78 51.27
C LEU C 35 3.97 20.19 51.29
N VAL C 36 3.87 18.94 51.76
CA VAL C 36 2.59 18.26 51.90
C VAL C 36 1.67 19.06 52.82
N ALA C 37 2.19 19.46 53.98
CA ALA C 37 1.43 20.26 54.95
C ALA C 37 0.87 21.54 54.35
N GLY C 38 1.68 22.23 53.55
CA GLY C 38 1.25 23.45 52.87
C GLY C 38 0.13 23.18 51.88
N ALA C 39 0.29 22.13 51.08
CA ALA C 39 -0.74 21.71 50.12
C ALA C 39 -2.04 21.35 50.82
N VAL C 40 -1.92 20.60 51.92
CA VAL C 40 -3.07 20.24 52.76
C VAL C 40 -3.73 21.50 53.31
N LYS C 41 -2.91 22.41 53.84
CA LYS C 41 -3.40 23.66 54.42
C LYS C 41 -4.25 24.47 53.43
N ARG C 42 -3.73 24.67 52.22
CA ARG C 42 -4.42 25.45 51.20
C ARG C 42 -5.71 24.76 50.72
N LEU C 43 -5.65 23.44 50.59
CA LEU C 43 -6.82 22.61 50.31
C LEU C 43 -7.96 22.85 51.31
N GLN C 44 -7.62 22.88 52.60
CA GLN C 44 -8.59 23.10 53.67
C GLN C 44 -9.24 24.47 53.56
N GLU C 45 -8.45 25.47 53.20
CA GLU C 45 -8.91 26.86 53.06
C GLU C 45 -9.86 27.04 51.88
N PHE C 46 -9.75 26.16 50.89
CA PHE C 46 -10.66 26.17 49.74
C PHE C 46 -11.92 25.34 49.97
N GLY C 47 -12.06 24.79 51.18
CA GLY C 47 -13.26 24.06 51.56
C GLY C 47 -13.24 22.57 51.31
N VAL C 48 -12.12 22.05 50.82
CA VAL C 48 -11.96 20.60 50.61
C VAL C 48 -12.07 19.88 51.95
N LYS C 49 -12.97 18.89 52.01
CA LYS C 49 -13.21 18.12 53.22
C LYS C 49 -12.03 17.21 53.59
N GLU C 50 -11.86 16.96 54.89
CA GLU C 50 -10.74 16.18 55.39
C GLU C 50 -10.73 14.74 54.88
N GLU C 51 -11.90 14.12 54.81
CA GLU C 51 -12.06 12.77 54.25
C GLU C 51 -11.74 12.74 52.76
N ASN C 52 -11.69 13.91 52.13
CA ASN C 52 -11.48 14.02 50.69
C ASN C 52 -10.07 14.47 50.30
N ILE C 53 -9.20 14.59 51.30
CA ILE C 53 -7.77 14.78 51.06
C ILE C 53 -7.11 13.43 51.30
N ILE C 54 -6.68 12.79 50.21
CA ILE C 54 -6.09 11.45 50.28
C ILE C 54 -4.59 11.56 50.06
N ILE C 55 -3.82 11.10 51.04
CA ILE C 55 -2.37 11.15 50.98
C ILE C 55 -1.78 9.74 50.91
N GLU C 56 -0.91 9.52 49.93
CA GLU C 56 -0.21 8.26 49.78
C GLU C 56 1.24 8.51 49.40
N THR C 57 2.12 7.57 49.73
CA THR C 57 3.55 7.73 49.50
C THR C 57 4.11 6.78 48.44
N VAL C 58 5.24 7.17 47.86
CA VAL C 58 6.08 6.30 47.03
C VAL C 58 7.55 6.48 47.49
N PRO C 59 8.45 5.55 47.12
CA PRO C 59 9.84 5.72 47.56
C PRO C 59 10.51 7.00 47.04
N GLY C 60 10.62 7.14 45.73
CA GLY C 60 11.30 8.28 45.12
C GLY C 60 10.49 8.99 44.05
N SER C 61 11.06 10.07 43.52
CA SER C 61 10.38 10.89 42.50
C SER C 61 10.14 10.14 41.19
N PHE C 62 11.02 9.19 40.88
CA PHE C 62 10.86 8.38 39.67
C PHE C 62 9.57 7.56 39.71
N GLU C 63 9.13 7.19 40.92
CA GLU C 63 7.92 6.40 41.10
C GLU C 63 6.65 7.26 41.14
N LEU C 64 6.80 8.58 41.11
CA LEU C 64 5.65 9.49 41.13
C LEU C 64 4.67 9.31 39.97
N PRO C 65 5.17 9.32 38.71
CA PRO C 65 4.25 9.18 37.57
C PRO C 65 3.42 7.89 37.57
N TYR C 66 4.07 6.73 37.64
CA TYR C 66 3.33 5.47 37.63
C TYR C 66 2.54 5.26 38.91
N GLY C 67 3.13 5.67 40.04
CA GLY C 67 2.44 5.67 41.32
C GLY C 67 1.15 6.46 41.27
N SER C 68 1.18 7.59 40.56
CA SER C 68 -0.01 8.42 40.37
C SER C 68 -1.10 7.69 39.59
N LYS C 69 -0.70 6.96 38.54
CA LYS C 69 -1.65 6.19 37.74
C LYS C 69 -2.30 5.11 38.58
N LEU C 70 -1.48 4.35 39.31
CA LEU C 70 -1.95 3.27 40.17
C LEU C 70 -2.82 3.80 41.32
N PHE C 71 -2.46 4.97 41.83
CA PHE C 71 -3.21 5.65 42.88
C PHE C 71 -4.59 6.11 42.38
N VAL C 72 -4.62 6.71 41.20
CA VAL C 72 -5.87 7.13 40.57
C VAL C 72 -6.79 5.94 40.29
N GLU C 73 -6.22 4.86 39.76
CA GLU C 73 -6.97 3.66 39.41
C GLU C 73 -7.57 2.95 40.62
N LYS C 74 -6.80 2.89 41.70
CA LYS C 74 -7.25 2.30 42.97
C LYS C 74 -8.42 3.08 43.55
N GLN C 75 -8.34 4.41 43.50
CA GLN C 75 -9.39 5.28 44.00
C GLN C 75 -10.70 5.10 43.21
N LYS C 76 -10.58 4.91 41.89
CA LYS C 76 -11.72 4.56 41.05
C LYS C 76 -12.37 3.25 41.49
N ARG C 77 -11.55 2.22 41.66
CA ARG C 77 -12.01 0.89 42.12
C ARG C 77 -12.69 0.95 43.48
N LEU C 78 -12.26 1.91 44.30
CA LEU C 78 -12.83 2.12 45.64
C LEU C 78 -14.13 2.92 45.62
N GLY C 79 -14.46 3.49 44.47
CA GLY C 79 -15.64 4.34 44.31
C GLY C 79 -15.40 5.72 44.86
N LYS C 80 -14.14 6.06 45.08
CA LYS C 80 -13.75 7.37 45.61
C LYS C 80 -12.78 8.04 44.64
N PRO C 81 -13.26 8.44 43.45
CA PRO C 81 -12.34 8.93 42.42
C PRO C 81 -11.73 10.28 42.77
N LEU C 82 -10.53 10.54 42.25
CA LEU C 82 -9.83 11.79 42.50
C LEU C 82 -10.12 12.80 41.39
N ASP C 83 -10.37 14.04 41.79
CA ASP C 83 -10.64 15.13 40.85
C ASP C 83 -9.35 15.77 40.36
N ALA C 84 -8.30 15.65 41.16
CA ALA C 84 -6.97 16.14 40.83
C ALA C 84 -5.94 15.41 41.67
N ILE C 85 -4.68 15.47 41.24
CA ILE C 85 -3.59 14.86 42.00
C ILE C 85 -2.37 15.77 42.06
N ILE C 86 -1.72 15.81 43.23
CA ILE C 86 -0.49 16.58 43.43
C ILE C 86 0.66 15.63 43.76
N PRO C 87 1.44 15.24 42.73
CA PRO C 87 2.65 14.48 42.98
C PRO C 87 3.72 15.40 43.55
N ILE C 88 4.30 15.01 44.69
CA ILE C 88 5.26 15.84 45.40
C ILE C 88 6.60 15.13 45.56
N GLY C 89 7.65 15.76 45.04
CA GLY C 89 9.00 15.21 45.13
C GLY C 89 10.03 16.31 45.33
N VAL C 90 11.17 15.94 45.91
CA VAL C 90 12.28 16.86 46.08
C VAL C 90 13.53 16.21 45.52
N LEU C 91 14.13 16.86 44.54
CA LEU C 91 15.38 16.40 43.96
C LEU C 91 16.45 17.46 44.13
N ILE C 92 17.57 17.07 44.74
CA ILE C 92 18.72 17.94 44.95
C ILE C 92 19.86 17.47 44.05
N LYS C 93 20.49 18.43 43.36
CA LYS C 93 21.66 18.14 42.54
C LYS C 93 22.81 17.59 43.39
N GLY C 94 23.27 16.40 43.04
CA GLY C 94 24.39 15.75 43.71
C GLY C 94 25.67 15.86 42.92
N SER C 95 26.46 14.78 42.92
CA SER C 95 27.73 14.74 42.21
C SER C 95 27.61 14.14 40.81
N THR C 96 26.67 13.23 40.63
CA THR C 96 26.47 12.57 39.33
C THR C 96 25.41 13.30 38.51
N MET C 97 25.07 12.73 37.36
CA MET C 97 24.05 13.30 36.49
C MET C 97 22.66 12.68 36.75
N HIS C 98 22.55 11.94 37.85
CA HIS C 98 21.30 11.32 38.29
C HIS C 98 20.17 12.35 38.43
N PHE C 99 20.49 13.50 39.01
CA PHE C 99 19.56 14.61 39.19
C PHE C 99 18.92 15.03 37.85
N GLU C 100 19.77 15.29 36.85
CA GLU C 100 19.32 15.75 35.54
C GLU C 100 18.34 14.78 34.87
N TYR C 101 18.63 13.48 34.96
CA TYR C 101 17.85 12.49 34.23
C TYR C 101 16.55 12.08 34.94
N ILE C 102 16.55 12.12 36.27
CA ILE C 102 15.32 11.92 37.01
C ILE C 102 14.38 13.10 36.80
N CYS C 103 14.87 14.32 37.01
CA CYS C 103 14.08 15.53 36.78
C CYS C 103 13.46 15.55 35.40
N ASP C 104 14.29 15.30 34.38
CA ASP C 104 13.86 15.33 32.98
C ASP C 104 12.68 14.39 32.73
N SER C 105 12.90 13.10 32.98
CA SER C 105 11.88 12.07 32.75
C SER C 105 10.63 12.25 33.59
N THR C 106 10.79 12.61 34.86
CA THR C 106 9.66 12.80 35.77
C THR C 106 8.78 13.96 35.31
N THR C 107 9.40 15.10 35.05
CA THR C 107 8.68 16.31 34.61
C THR C 107 7.86 16.02 33.36
N HIS C 108 8.46 15.33 32.39
CA HIS C 108 7.79 14.99 31.14
C HIS C 108 6.60 14.04 31.33
N GLN C 109 6.79 12.98 32.11
CA GLN C 109 5.70 12.02 32.35
C GLN C 109 4.54 12.61 33.13
N LEU C 110 4.84 13.37 34.17
CA LEU C 110 3.81 14.04 34.96
C LEU C 110 2.99 14.99 34.09
N MET C 111 3.66 15.66 33.16
CA MET C 111 3.01 16.52 32.20
C MET C 111 2.05 15.73 31.31
N LYS C 112 2.57 14.65 30.71
CA LYS C 112 1.76 13.76 29.87
C LYS C 112 0.62 13.09 30.64
N LEU C 113 0.79 12.99 31.95
CA LEU C 113 -0.15 12.28 32.82
C LEU C 113 -1.48 13.03 32.96
N ASN C 114 -1.45 14.34 32.71
CA ASN C 114 -2.67 15.16 32.64
C ASN C 114 -3.67 14.60 31.63
N PHE C 115 -3.14 14.14 30.50
CA PHE C 115 -3.96 13.67 29.38
C PHE C 115 -4.32 12.20 29.49
N GLU C 116 -3.38 11.38 29.96
CA GLU C 116 -3.61 9.94 30.12
C GLU C 116 -4.63 9.64 31.21
N LEU C 117 -4.56 10.38 32.32
CA LEU C 117 -5.46 10.16 33.45
C LEU C 117 -6.80 10.87 33.30
N GLY C 118 -6.80 12.02 32.62
CA GLY C 118 -8.01 12.81 32.43
C GLY C 118 -8.35 13.70 33.62
N ILE C 119 -7.38 13.87 34.53
CA ILE C 119 -7.50 14.79 35.65
C ILE C 119 -6.24 15.66 35.76
N PRO C 120 -6.37 16.89 36.29
CA PRO C 120 -5.20 17.76 36.52
C PRO C 120 -4.12 17.10 37.37
N VAL C 121 -2.89 17.14 36.88
CA VAL C 121 -1.73 16.66 37.61
C VAL C 121 -0.82 17.87 37.87
N ILE C 122 -0.76 18.29 39.13
CA ILE C 122 -0.04 19.52 39.49
C ILE C 122 1.43 19.22 39.78
N PHE C 123 2.32 19.88 39.05
CA PHE C 123 3.76 19.67 39.20
C PHE C 123 4.26 20.13 40.57
N GLY C 124 4.36 19.17 41.49
CA GLY C 124 4.82 19.44 42.84
C GLY C 124 6.20 18.90 43.11
N VAL C 125 7.07 18.97 42.10
CA VAL C 125 8.44 18.52 42.26
C VAL C 125 9.41 19.70 42.31
N LEU C 126 10.16 19.80 43.40
CA LEU C 126 11.23 20.78 43.51
C LEU C 126 12.50 20.25 42.86
N THR C 127 13.14 21.11 42.07
CA THR C 127 14.36 20.74 41.34
C THR C 127 15.49 21.71 41.69
N CYS C 128 16.18 21.44 42.80
CA CYS C 128 17.15 22.37 43.37
C CYS C 128 18.60 21.93 43.27
N LEU C 129 19.51 22.91 43.33
CA LEU C 129 20.95 22.64 43.34
C LEU C 129 21.49 22.49 44.76
N THR C 130 20.82 23.10 45.74
CA THR C 130 21.22 22.99 47.14
C THR C 130 20.05 22.60 48.04
N ASP C 131 20.37 22.14 49.25
CA ASP C 131 19.36 21.81 50.26
C ASP C 131 18.65 23.08 50.75
N GLU C 132 19.41 24.17 50.88
CA GLU C 132 18.89 25.48 51.26
C GLU C 132 17.81 25.97 50.29
N GLN C 133 18.05 25.76 49.00
CA GLN C 133 17.09 26.15 47.97
C GLN C 133 15.75 25.45 48.12
N ALA C 134 15.79 24.14 48.37
CA ALA C 134 14.58 23.36 48.59
C ALA C 134 13.87 23.74 49.88
N GLU C 135 14.66 23.96 50.94
CA GLU C 135 14.13 24.38 52.24
C GLU C 135 13.38 25.71 52.16
N ALA C 136 13.95 26.68 51.44
CA ALA C 136 13.34 27.99 51.26
C ALA C 136 12.00 27.90 50.54
N ARG C 137 11.93 27.05 49.53
CA ARG C 137 10.73 26.88 48.72
C ARG C 137 9.71 25.94 49.36
N ALA C 138 10.07 25.40 50.53
CA ALA C 138 9.17 24.60 51.35
C ALA C 138 8.69 25.39 52.57
N GLY C 139 9.17 26.63 52.70
CA GLY C 139 8.80 27.51 53.80
C GLY C 139 9.57 27.27 55.08
N LEU C 140 10.60 26.43 55.00
CA LEU C 140 11.39 26.03 56.18
C LEU C 140 12.42 27.06 56.62
N ILE C 141 12.67 28.07 55.79
CA ILE C 141 13.55 29.18 56.17
C ILE C 141 12.68 30.41 56.39
N GLU C 142 12.68 30.90 57.63
CA GLU C 142 11.79 31.98 58.03
C GLU C 142 12.26 33.34 57.53
N GLY C 143 11.32 34.11 56.99
CA GLY C 143 11.61 35.42 56.42
C GLY C 143 12.07 35.36 54.97
N LYS C 144 12.05 34.17 54.39
CA LYS C 144 12.48 33.98 53.01
C LYS C 144 11.42 33.21 52.20
N MET C 145 11.01 33.82 51.08
CA MET C 145 10.10 33.20 50.11
C MET C 145 8.81 32.66 50.75
N HIS C 146 8.27 31.57 50.20
CA HIS C 146 7.04 30.97 50.69
C HIS C 146 7.03 29.46 50.46
N ASN C 147 6.03 28.80 51.03
CA ASN C 147 5.83 27.37 50.82
C ASN C 147 5.13 27.13 49.49
N HIS C 148 5.83 26.45 48.57
CA HIS C 148 5.32 26.20 47.23
C HIS C 148 4.19 25.16 47.22
N GLY C 149 4.16 24.32 48.25
CA GLY C 149 3.06 23.37 48.45
C GLY C 149 1.70 24.06 48.47
N GLU C 150 1.65 25.23 49.10
CA GLU C 150 0.43 26.04 49.16
C GLU C 150 -0.08 26.41 47.77
N ASP C 151 0.83 26.84 46.88
CA ASP C 151 0.48 27.16 45.50
C ASP C 151 -0.09 25.96 44.76
N TRP C 152 0.47 24.78 45.04
CA TRP C 152 0.06 23.54 44.38
C TRP C 152 -1.35 23.12 44.80
N GLY C 153 -1.69 23.41 46.06
CA GLY C 153 -3.04 23.19 46.57
C GLY C 153 -4.07 24.05 45.88
N ALA C 154 -3.73 25.33 45.70
CA ALA C 154 -4.62 26.28 45.02
C ALA C 154 -4.79 25.93 43.55
N ALA C 155 -3.69 25.50 42.91
CA ALA C 155 -3.70 25.10 41.51
C ALA C 155 -4.58 23.88 41.25
N ALA C 156 -4.58 22.95 42.20
CA ALA C 156 -5.35 21.72 42.09
C ALA C 156 -6.86 21.97 42.09
N VAL C 157 -7.31 22.81 43.01
CA VAL C 157 -8.73 23.17 43.12
C VAL C 157 -9.21 23.89 41.86
N GLU C 158 -8.45 24.87 41.41
CA GLU C 158 -8.79 25.68 40.25
C GLU C 158 -8.89 24.85 38.96
N MET C 159 -7.88 24.01 38.72
CA MET C 159 -7.81 23.21 37.50
C MET C 159 -8.91 22.16 37.42
N ALA C 160 -9.36 21.68 38.59
CA ALA C 160 -10.46 20.72 38.67
C ALA C 160 -11.84 21.39 38.54
N THR C 161 -11.87 22.72 38.65
CA THR C 161 -13.13 23.47 38.72
C THR C 161 -13.39 24.37 37.51
N LYS C 162 -12.38 25.17 37.14
CA LYS C 162 -12.52 26.27 36.19
C LYS C 162 -13.28 25.95 34.89
N PHE C 163 -13.02 24.77 34.33
CA PHE C 163 -13.52 24.46 32.99
C PHE C 163 -14.74 23.54 32.95
N ASN C 164 -15.36 23.35 34.12
CA ASN C 164 -16.61 22.60 34.22
C ASN C 164 -17.79 23.39 33.64
N LYS D 12 5.36 -1.71 55.93
CA LYS D 12 5.95 -2.99 55.46
C LYS D 12 5.09 -3.62 54.37
N TYR D 13 5.75 -4.33 53.44
CA TYR D 13 5.07 -4.95 52.30
C TYR D 13 5.41 -6.43 52.19
N ASP D 14 4.41 -7.23 51.84
CA ASP D 14 4.57 -8.67 51.71
C ASP D 14 4.86 -9.06 50.26
N GLY D 15 6.09 -9.50 50.02
CA GLY D 15 6.53 -9.89 48.67
C GLY D 15 6.53 -11.39 48.43
N SER D 16 5.93 -12.15 49.34
CA SER D 16 5.91 -13.61 49.27
C SER D 16 5.23 -14.16 48.02
N LYS D 17 4.24 -13.42 47.51
CA LYS D 17 3.46 -13.86 46.35
C LYS D 17 3.93 -13.22 45.06
N LEU D 18 5.03 -12.48 45.12
CA LEU D 18 5.52 -11.72 43.97
C LEU D 18 6.61 -12.44 43.17
N ARG D 19 6.67 -12.13 41.89
CA ARG D 19 7.78 -12.53 41.03
C ARG D 19 8.40 -11.27 40.44
N ILE D 20 9.67 -11.04 40.76
CA ILE D 20 10.39 -9.86 40.31
C ILE D 20 11.48 -10.28 39.32
N GLY D 21 11.58 -9.52 38.23
CA GLY D 21 12.64 -9.74 37.25
C GLY D 21 13.73 -8.71 37.38
N ILE D 22 14.97 -9.15 37.20
CA ILE D 22 16.10 -8.24 37.11
C ILE D 22 16.78 -8.43 35.76
N LEU D 23 16.79 -7.37 34.97
CA LEU D 23 17.51 -7.38 33.69
C LEU D 23 18.68 -6.41 33.80
N HIS D 24 19.89 -6.93 33.68
CA HIS D 24 21.08 -6.09 33.81
C HIS D 24 22.00 -6.11 32.59
N ALA D 25 22.56 -4.95 32.27
CA ALA D 25 23.58 -4.83 31.23
C ALA D 25 24.87 -5.54 31.67
N ARG D 26 25.83 -5.65 30.76
CA ARG D 26 27.06 -6.42 31.06
C ARG D 26 28.34 -5.60 31.11
N TRP D 27 28.35 -4.42 30.50
CA TRP D 27 29.48 -3.50 30.63
C TRP D 27 29.54 -2.96 32.06
N ASN D 28 30.76 -2.75 32.55
CA ASN D 28 31.00 -2.38 33.96
C ASN D 28 30.47 -3.47 34.90
N ARG D 29 30.85 -4.71 34.62
CA ARG D 29 30.30 -5.90 35.27
C ARG D 29 30.47 -5.92 36.79
N LYS D 30 31.65 -5.54 37.25
CA LYS D 30 31.98 -5.48 38.68
C LYS D 30 30.95 -4.64 39.46
N ILE D 31 30.57 -3.50 38.91
CA ILE D 31 29.59 -2.61 39.54
C ILE D 31 28.17 -3.16 39.36
N ILE D 32 27.87 -3.65 38.16
CA ILE D 32 26.58 -4.30 37.86
C ILE D 32 26.25 -5.40 38.86
N ASP D 33 27.21 -6.29 39.10
CA ASP D 33 27.01 -7.43 39.99
C ASP D 33 26.70 -7.03 41.43
N ALA D 34 27.35 -5.97 41.91
CA ALA D 34 27.12 -5.46 43.26
C ALA D 34 25.69 -4.92 43.41
N LEU D 35 25.23 -4.21 42.39
CA LEU D 35 23.87 -3.67 42.37
C LEU D 35 22.81 -4.79 42.35
N VAL D 36 23.06 -5.81 41.53
CA VAL D 36 22.17 -6.97 41.44
C VAL D 36 22.12 -7.73 42.77
N ALA D 37 23.29 -8.00 43.34
CA ALA D 37 23.38 -8.67 44.63
C ALA D 37 22.63 -7.90 45.72
N GLY D 38 22.71 -6.57 45.66
CA GLY D 38 22.02 -5.70 46.61
C GLY D 38 20.51 -5.75 46.47
N ALA D 39 20.05 -5.77 45.22
CA ALA D 39 18.63 -5.86 44.91
C ALA D 39 18.06 -7.24 45.26
N VAL D 40 18.79 -8.30 44.91
CA VAL D 40 18.40 -9.67 45.22
C VAL D 40 18.25 -9.84 46.73
N LYS D 41 19.21 -9.27 47.47
CA LYS D 41 19.23 -9.34 48.93
C LYS D 41 17.98 -8.72 49.56
N ARG D 42 17.64 -7.50 49.15
CA ARG D 42 16.48 -6.79 49.69
C ARG D 42 15.16 -7.46 49.32
N LEU D 43 15.11 -8.01 48.10
CA LEU D 43 13.96 -8.79 47.64
C LEU D 43 13.62 -9.93 48.59
N GLN D 44 14.64 -10.68 49.00
CA GLN D 44 14.46 -11.82 49.89
C GLN D 44 14.10 -11.42 51.32
N GLU D 45 14.51 -10.21 51.72
CA GLU D 45 14.14 -9.63 53.01
C GLU D 45 12.65 -9.33 53.06
N PHE D 46 12.07 -8.97 51.91
CA PHE D 46 10.63 -8.70 51.81
C PHE D 46 9.82 -9.98 51.56
N GLY D 47 10.52 -11.12 51.52
CA GLY D 47 9.86 -12.42 51.45
C GLY D 47 9.74 -13.04 50.07
N VAL D 48 10.34 -12.40 49.06
CA VAL D 48 10.31 -12.92 47.70
C VAL D 48 11.19 -14.17 47.61
N LYS D 49 10.59 -15.28 47.18
CA LYS D 49 11.27 -16.56 47.04
C LYS D 49 12.34 -16.51 45.94
N GLU D 50 13.41 -17.27 46.11
CA GLU D 50 14.53 -17.25 45.17
C GLU D 50 14.19 -17.83 43.80
N GLU D 51 13.19 -18.72 43.76
CA GLU D 51 12.67 -19.22 42.49
C GLU D 51 11.87 -18.15 41.76
N ASN D 52 11.48 -17.11 42.49
CA ASN D 52 10.68 -16.01 41.94
C ASN D 52 11.48 -14.74 41.67
N ILE D 53 12.80 -14.84 41.75
CA ILE D 53 13.70 -13.77 41.34
C ILE D 53 14.41 -14.22 40.07
N ILE D 54 14.03 -13.63 38.94
CA ILE D 54 14.58 -14.03 37.64
C ILE D 54 15.61 -13.01 37.16
N ILE D 55 16.85 -13.46 36.99
CA ILE D 55 17.92 -12.62 36.48
C ILE D 55 18.14 -12.94 35.01
N GLU D 56 18.14 -11.90 34.17
CA GLU D 56 18.47 -12.03 32.76
C GLU D 56 19.34 -10.85 32.33
N THR D 57 20.10 -11.02 31.26
CA THR D 57 21.08 -10.01 30.84
C THR D 57 20.90 -9.51 29.41
N VAL D 58 21.39 -8.29 29.16
CA VAL D 58 21.52 -7.73 27.81
C VAL D 58 22.93 -7.12 27.70
N PRO D 59 23.42 -6.88 26.46
CA PRO D 59 24.76 -6.30 26.30
C PRO D 59 24.95 -4.96 27.03
N GLY D 60 24.18 -3.95 26.64
CA GLY D 60 24.34 -2.61 27.19
C GLY D 60 23.05 -1.96 27.65
N SER D 61 23.17 -0.75 28.18
CA SER D 61 22.03 -0.03 28.75
C SER D 61 20.94 0.36 27.74
N PHE D 62 21.35 0.54 26.49
CA PHE D 62 20.42 0.91 25.43
C PHE D 62 19.44 -0.22 25.13
N GLU D 63 19.87 -1.45 25.37
CA GLU D 63 19.03 -2.63 25.18
C GLU D 63 18.07 -2.90 26.34
N LEU D 64 18.26 -2.20 27.46
CA LEU D 64 17.44 -2.41 28.66
C LEU D 64 15.92 -2.21 28.46
N PRO D 65 15.50 -1.10 27.81
CA PRO D 65 14.05 -0.93 27.62
C PRO D 65 13.40 -2.02 26.75
N TYR D 66 13.91 -2.25 25.54
CA TYR D 66 13.32 -3.28 24.68
C TYR D 66 13.55 -4.70 25.19
N GLY D 67 14.69 -4.92 25.84
CA GLY D 67 14.96 -6.18 26.49
C GLY D 67 13.92 -6.48 27.57
N SER D 68 13.57 -5.45 28.34
CA SER D 68 12.57 -5.57 29.40
C SER D 68 11.22 -6.04 28.88
N LYS D 69 10.80 -5.48 27.74
CA LYS D 69 9.54 -5.91 27.11
C LYS D 69 9.64 -7.36 26.64
N LEU D 70 10.73 -7.69 25.96
CA LEU D 70 10.96 -9.06 25.50
C LEU D 70 11.02 -10.05 26.67
N PHE D 71 11.55 -9.58 27.79
CA PHE D 71 11.66 -10.37 29.02
C PHE D 71 10.29 -10.55 29.68
N VAL D 72 9.53 -9.46 29.77
CA VAL D 72 8.18 -9.52 30.33
C VAL D 72 7.27 -10.44 29.50
N GLU D 73 7.32 -10.29 28.17
CA GLU D 73 6.52 -11.12 27.27
C GLU D 73 6.94 -12.60 27.27
N LYS D 74 8.24 -12.86 27.45
CA LYS D 74 8.73 -14.23 27.54
C LYS D 74 8.21 -14.93 28.79
N GLN D 75 8.26 -14.22 29.91
CA GLN D 75 7.78 -14.74 31.19
C GLN D 75 6.28 -15.01 31.19
N LYS D 76 5.52 -14.18 30.49
CA LYS D 76 4.09 -14.40 30.28
C LYS D 76 3.84 -15.70 29.53
N ARG D 77 4.57 -15.91 28.45
CA ARG D 77 4.48 -17.13 27.64
C ARG D 77 4.82 -18.40 28.44
N LEU D 78 5.75 -18.25 29.38
CA LEU D 78 6.18 -19.36 30.24
C LEU D 78 5.18 -19.67 31.36
N GLY D 79 4.20 -18.79 31.55
CA GLY D 79 3.23 -18.93 32.64
C GLY D 79 3.79 -18.48 33.97
N LYS D 80 4.91 -17.78 33.93
CA LYS D 80 5.59 -17.27 35.11
C LYS D 80 5.74 -15.75 34.98
N PRO D 81 4.61 -15.01 35.01
CA PRO D 81 4.67 -13.58 34.71
C PRO D 81 5.36 -12.77 35.80
N LEU D 82 5.82 -11.57 35.43
CA LEU D 82 6.48 -10.67 36.37
C LEU D 82 5.49 -9.67 36.94
N ASP D 83 5.66 -9.36 38.22
CA ASP D 83 4.84 -8.35 38.88
C ASP D 83 5.54 -7.00 38.87
N ALA D 84 6.86 -7.03 38.71
CA ALA D 84 7.69 -5.84 38.63
C ALA D 84 9.04 -6.19 38.00
N ILE D 85 9.68 -5.20 37.38
CA ILE D 85 10.99 -5.41 36.77
C ILE D 85 11.98 -4.33 37.21
N ILE D 86 13.23 -4.74 37.41
CA ILE D 86 14.32 -3.83 37.74
C ILE D 86 15.39 -3.90 36.65
N PRO D 87 15.30 -3.01 35.64
CA PRO D 87 16.38 -2.85 34.66
C PRO D 87 17.61 -2.18 35.29
N ILE D 88 18.75 -2.87 35.26
CA ILE D 88 19.96 -2.39 35.91
C ILE D 88 21.07 -2.13 34.90
N GLY D 89 21.68 -0.94 34.99
CA GLY D 89 22.77 -0.54 34.10
C GLY D 89 23.70 0.47 34.74
N VAL D 90 24.95 0.51 34.26
CA VAL D 90 25.94 1.46 34.77
C VAL D 90 26.53 2.26 33.60
N LEU D 91 26.35 3.58 33.66
CA LEU D 91 26.85 4.45 32.61
C LEU D 91 27.86 5.45 33.16
N ILE D 92 29.08 5.40 32.64
CA ILE D 92 30.17 6.28 33.04
C ILE D 92 30.48 7.24 31.90
N LYS D 93 30.57 8.54 32.23
CA LYS D 93 30.94 9.58 31.28
C LYS D 93 32.33 9.31 30.68
N GLY D 94 32.39 9.32 29.36
CA GLY D 94 33.65 9.11 28.62
C GLY D 94 34.14 10.37 27.96
N SER D 95 34.80 10.21 26.81
CA SER D 95 35.38 11.32 26.07
C SER D 95 34.37 11.96 25.14
N THR D 96 33.44 11.15 24.64
CA THR D 96 32.46 11.60 23.65
C THR D 96 31.11 11.90 24.30
N MET D 97 30.13 12.22 23.48
CA MET D 97 28.78 12.52 23.96
C MET D 97 27.89 11.29 24.03
N HIS D 98 28.51 10.11 23.85
CA HIS D 98 27.81 8.83 23.92
C HIS D 98 27.03 8.68 25.22
N PHE D 99 27.68 9.01 26.33
CA PHE D 99 27.10 8.97 27.67
C PHE D 99 25.76 9.72 27.74
N GLU D 100 25.76 10.97 27.30
CA GLU D 100 24.59 11.86 27.38
C GLU D 100 23.36 11.31 26.66
N TYR D 101 23.57 10.72 25.48
CA TYR D 101 22.47 10.28 24.64
C TYR D 101 21.93 8.90 24.99
N ILE D 102 22.76 8.06 25.59
CA ILE D 102 22.30 6.77 26.09
C ILE D 102 21.48 6.95 27.38
N CYS D 103 21.97 7.77 28.29
CA CYS D 103 21.25 8.07 29.53
C CYS D 103 19.88 8.65 29.23
N ASP D 104 19.85 9.69 28.39
CA ASP D 104 18.63 10.43 28.09
C ASP D 104 17.51 9.56 27.51
N SER D 105 17.84 8.76 26.49
CA SER D 105 16.83 7.93 25.81
C SER D 105 16.43 6.70 26.63
N THR D 106 17.39 6.10 27.34
CA THR D 106 17.12 4.96 28.22
C THR D 106 16.21 5.37 29.37
N THR D 107 16.58 6.46 30.06
CA THR D 107 15.81 6.97 31.19
C THR D 107 14.35 7.26 30.80
N HIS D 108 14.17 8.01 29.71
CA HIS D 108 12.83 8.33 29.20
C HIS D 108 12.01 7.09 28.82
N GLN D 109 12.65 6.11 28.19
CA GLN D 109 11.95 4.90 27.76
C GLN D 109 11.59 3.97 28.90
N LEU D 110 12.51 3.76 29.84
CA LEU D 110 12.25 2.97 31.03
C LEU D 110 11.07 3.55 31.81
N MET D 111 11.02 4.88 31.88
CA MET D 111 9.92 5.60 32.52
C MET D 111 8.59 5.33 31.81
N LYS D 112 8.56 5.49 30.48
CA LYS D 112 7.38 5.20 29.67
C LYS D 112 6.94 3.75 29.76
N LEU D 113 7.92 2.87 29.98
CA LEU D 113 7.70 1.43 30.02
C LEU D 113 6.78 0.99 31.14
N ASN D 114 6.78 1.74 32.25
CA ASN D 114 5.82 1.54 33.34
C ASN D 114 4.39 1.43 32.82
N PHE D 115 4.06 2.30 31.87
CA PHE D 115 2.71 2.43 31.33
C PHE D 115 2.45 1.49 30.16
N GLU D 116 3.52 1.14 29.43
CA GLU D 116 3.42 0.25 28.28
C GLU D 116 3.29 -1.21 28.73
N LEU D 117 4.00 -1.57 29.79
CA LEU D 117 4.01 -2.95 30.29
C LEU D 117 2.93 -3.22 31.34
N GLY D 118 2.51 -2.18 32.06
CA GLY D 118 1.50 -2.31 33.10
C GLY D 118 2.04 -2.95 34.39
N ILE D 119 3.36 -2.87 34.57
CA ILE D 119 4.02 -3.27 35.81
C ILE D 119 5.07 -2.22 36.19
N PRO D 120 5.39 -2.11 37.49
CA PRO D 120 6.44 -1.20 37.93
C PRO D 120 7.78 -1.48 37.27
N VAL D 121 8.39 -0.44 36.71
CA VAL D 121 9.71 -0.51 36.12
C VAL D 121 10.63 0.36 36.95
N ILE D 122 11.44 -0.28 37.79
CA ILE D 122 12.31 0.44 38.72
C ILE D 122 13.59 0.90 38.02
N PHE D 123 13.86 2.19 38.08
CA PHE D 123 15.03 2.78 37.43
C PHE D 123 16.31 2.38 38.17
N GLY D 124 17.03 1.41 37.60
CA GLY D 124 18.26 0.91 38.19
C GLY D 124 19.49 1.24 37.37
N VAL D 125 19.48 2.40 36.74
CA VAL D 125 20.62 2.84 35.95
C VAL D 125 21.39 3.95 36.67
N LEU D 126 22.68 3.71 36.89
CA LEU D 126 23.56 4.74 37.43
C LEU D 126 24.07 5.60 36.28
N THR D 127 24.09 6.92 36.50
CA THR D 127 24.53 7.87 35.48
C THR D 127 25.66 8.74 36.05
N CYS D 128 26.87 8.16 36.10
CA CYS D 128 27.99 8.78 36.80
C CYS D 128 29.03 9.42 35.89
N LEU D 129 29.72 10.42 36.43
CA LEU D 129 30.81 11.10 35.73
C LEU D 129 32.12 10.32 35.84
N THR D 130 32.33 9.65 36.97
CA THR D 130 33.55 8.87 37.22
C THR D 130 33.22 7.45 37.68
N ASP D 131 34.22 6.56 37.60
CA ASP D 131 34.07 5.17 38.06
C ASP D 131 33.85 5.07 39.57
N GLU D 132 34.56 5.91 40.31
CA GLU D 132 34.46 5.97 41.77
C GLU D 132 33.04 6.30 42.24
N GLN D 133 32.37 7.21 41.51
CA GLN D 133 30.99 7.57 41.80
C GLN D 133 30.03 6.38 41.69
N ALA D 134 30.23 5.57 40.66
CA ALA D 134 29.43 4.36 40.44
C ALA D 134 29.74 3.29 41.47
N GLU D 135 31.02 3.15 41.82
CA GLU D 135 31.46 2.21 42.84
C GLU D 135 30.84 2.54 44.19
N ALA D 136 30.85 3.83 44.54
CA ALA D 136 30.28 4.32 45.80
C ALA D 136 28.79 4.07 45.91
N ARG D 137 28.07 4.23 44.81
CA ARG D 137 26.63 4.05 44.76
C ARG D 137 26.24 2.59 44.56
N ALA D 138 27.25 1.72 44.48
CA ALA D 138 27.04 0.28 44.42
C ALA D 138 27.47 -0.41 45.73
N GLY D 139 27.93 0.40 46.69
CA GLY D 139 28.37 -0.12 47.98
C GLY D 139 29.76 -0.76 47.98
N LEU D 140 30.54 -0.49 46.94
CA LEU D 140 31.86 -1.10 46.78
C LEU D 140 32.99 -0.32 47.46
N ILE D 141 32.65 0.82 48.04
CA ILE D 141 33.61 1.61 48.82
C ILE D 141 33.14 1.68 50.27
N GLU D 142 33.90 1.05 51.16
CA GLU D 142 33.54 0.95 52.57
C GLU D 142 33.38 2.31 53.24
N GLY D 143 32.25 2.50 53.90
CA GLY D 143 31.95 3.74 54.62
C GLY D 143 31.43 4.87 53.74
N LYS D 144 31.37 4.62 52.43
CA LYS D 144 30.87 5.59 51.46
C LYS D 144 29.46 5.24 51.01
N MET D 145 28.51 6.09 51.39
CA MET D 145 27.13 6.00 50.91
C MET D 145 26.53 4.61 51.12
N HIS D 146 25.86 4.07 50.10
CA HIS D 146 25.23 2.76 50.21
C HIS D 146 25.03 2.11 48.84
N ASN D 147 24.66 0.83 48.84
CA ASN D 147 24.30 0.13 47.61
C ASN D 147 22.90 0.52 47.17
N HIS D 148 22.82 1.29 46.09
CA HIS D 148 21.54 1.76 45.53
C HIS D 148 20.65 0.60 45.06
N GLY D 149 21.27 -0.55 44.80
CA GLY D 149 20.56 -1.78 44.43
C GLY D 149 19.51 -2.17 45.45
N GLU D 150 19.86 -2.02 46.73
CA GLU D 150 18.97 -2.34 47.84
C GLU D 150 17.67 -1.54 47.83
N ASP D 151 17.75 -0.27 47.42
CA ASP D 151 16.58 0.60 47.31
C ASP D 151 15.65 0.11 46.21
N TRP D 152 16.25 -0.35 45.11
CA TRP D 152 15.49 -0.78 43.93
C TRP D 152 14.71 -2.06 44.22
N GLY D 153 15.29 -2.94 45.01
CA GLY D 153 14.59 -4.13 45.49
C GLY D 153 13.34 -3.74 46.27
N ALA D 154 13.52 -2.83 47.23
CA ALA D 154 12.43 -2.34 48.06
C ALA D 154 11.35 -1.65 47.24
N ALA D 155 11.78 -0.80 46.31
CA ALA D 155 10.87 -0.08 45.42
C ALA D 155 9.99 -1.04 44.63
N ALA D 156 10.60 -2.08 44.06
CA ALA D 156 9.89 -3.08 43.26
C ALA D 156 8.76 -3.76 44.04
N VAL D 157 9.03 -4.13 45.29
CA VAL D 157 8.06 -4.80 46.14
C VAL D 157 6.92 -3.87 46.54
N GLU D 158 7.27 -2.63 46.91
CA GLU D 158 6.28 -1.63 47.31
C GLU D 158 5.33 -1.26 46.16
N MET D 159 5.92 -0.97 45.00
CA MET D 159 5.16 -0.52 43.83
C MET D 159 4.23 -1.59 43.26
N ALA D 160 4.59 -2.86 43.46
CA ALA D 160 3.78 -3.98 42.97
C ALA D 160 2.66 -4.38 43.95
N THR D 161 2.73 -3.87 45.18
CA THR D 161 1.81 -4.28 46.26
C THR D 161 0.89 -3.15 46.74
N LYS D 162 1.47 -1.99 47.02
CA LYS D 162 0.79 -0.87 47.71
C LYS D 162 -0.62 -0.54 47.19
N PHE D 163 -0.79 -0.59 45.87
CA PHE D 163 -2.05 -0.18 45.25
C PHE D 163 -2.89 -1.38 44.82
N ASN D 164 -2.94 -2.39 45.69
CA ASN D 164 -3.66 -3.65 45.48
C ASN D 164 -3.05 -4.51 44.36
N LYS E 12 28.48 -16.92 21.02
CA LYS E 12 27.73 -17.62 22.11
C LYS E 12 26.29 -17.93 21.67
N TYR E 13 25.72 -17.05 20.85
CA TYR E 13 24.35 -17.19 20.36
C TYR E 13 24.34 -17.62 18.89
N ASP E 14 23.35 -18.43 18.53
CA ASP E 14 23.23 -18.94 17.16
C ASP E 14 22.44 -17.98 16.27
N GLY E 15 23.10 -17.47 15.24
CA GLY E 15 22.48 -16.56 14.28
C GLY E 15 22.27 -17.15 12.90
N SER E 16 22.39 -18.47 12.80
CA SER E 16 22.31 -19.17 11.52
C SER E 16 20.93 -19.12 10.85
N LYS E 17 19.91 -18.77 11.61
CA LYS E 17 18.55 -18.66 11.07
C LYS E 17 18.06 -17.21 11.02
N LEU E 18 18.96 -16.27 11.27
CA LEU E 18 18.60 -14.85 11.33
C LEU E 18 18.92 -14.09 10.04
N ARG E 19 18.06 -13.13 9.71
CA ARG E 19 18.35 -12.15 8.68
C ARG E 19 18.51 -10.80 9.35
N ILE E 20 19.70 -10.21 9.24
CA ILE E 20 19.98 -8.93 9.88
C ILE E 20 20.21 -7.87 8.81
N GLY E 21 19.57 -6.71 9.01
CA GLY E 21 19.76 -5.57 8.13
C GLY E 21 20.69 -4.55 8.73
N ILE E 22 21.53 -3.96 7.89
CA ILE E 22 22.39 -2.86 8.29
C ILE E 22 22.08 -1.65 7.43
N LEU E 23 21.62 -0.59 8.07
CA LEU E 23 21.34 0.67 7.39
C LEU E 23 22.34 1.72 7.86
N HIS E 24 23.15 2.23 6.93
CA HIS E 24 24.16 3.21 7.30
C HIS E 24 24.07 4.53 6.53
N ALA E 25 24.38 5.62 7.23
CA ALA E 25 24.48 6.94 6.63
C ALA E 25 25.73 7.03 5.74
N ARG E 26 25.81 8.10 4.94
CA ARG E 26 26.91 8.24 3.99
C ARG E 26 27.92 9.35 4.33
N TRP E 27 27.59 10.18 5.32
CA TRP E 27 28.56 11.14 5.85
C TRP E 27 29.63 10.43 6.68
N ASN E 28 30.85 10.95 6.64
CA ASN E 28 32.02 10.34 7.30
C ASN E 28 32.18 8.88 6.88
N ARG E 29 32.30 8.67 5.56
CA ARG E 29 32.23 7.34 4.96
C ARG E 29 33.35 6.39 5.38
N LYS E 30 34.58 6.91 5.44
CA LYS E 30 35.74 6.12 5.86
C LYS E 30 35.46 5.40 7.19
N ILE E 31 34.91 6.14 8.14
CA ILE E 31 34.59 5.62 9.46
C ILE E 31 33.36 4.69 9.41
N ILE E 32 32.36 5.06 8.62
CA ILE E 32 31.16 4.25 8.42
C ILE E 32 31.52 2.85 7.91
N ASP E 33 32.35 2.80 6.88
CA ASP E 33 32.77 1.53 6.27
C ASP E 33 33.46 0.60 7.25
N ALA E 34 34.24 1.18 8.16
CA ALA E 34 34.93 0.41 9.20
C ALA E 34 33.93 -0.14 10.22
N LEU E 35 32.94 0.67 10.58
CA LEU E 35 31.91 0.25 11.53
C LEU E 35 31.05 -0.89 10.97
N VAL E 36 30.69 -0.78 9.70
CA VAL E 36 29.89 -1.80 9.01
C VAL E 36 30.69 -3.10 8.90
N ALA E 37 31.95 -2.99 8.49
CA ALA E 37 32.83 -4.14 8.33
C ALA E 37 32.99 -4.93 9.63
N GLY E 38 33.03 -4.21 10.75
CA GLY E 38 33.06 -4.83 12.07
C GLY E 38 31.78 -5.59 12.38
N ALA E 39 30.65 -4.93 12.13
CA ALA E 39 29.33 -5.53 12.33
C ALA E 39 29.16 -6.78 11.48
N VAL E 40 29.48 -6.67 10.19
CA VAL E 40 29.44 -7.79 9.25
C VAL E 40 30.29 -8.96 9.77
N LYS E 41 31.54 -8.67 10.12
CA LYS E 41 32.47 -9.69 10.61
C LYS E 41 31.94 -10.43 11.83
N ARG E 42 31.40 -9.67 12.79
CA ARG E 42 30.87 -10.24 14.02
C ARG E 42 29.58 -11.03 13.78
N LEU E 43 28.75 -10.54 12.87
CA LEU E 43 27.54 -11.26 12.43
C LEU E 43 27.88 -12.65 11.92
N GLN E 44 28.89 -12.72 11.05
CA GLN E 44 29.35 -13.98 10.46
C GLN E 44 29.92 -14.94 11.50
N GLU E 45 30.56 -14.39 12.53
CA GLU E 45 31.12 -15.18 13.62
C GLU E 45 30.04 -15.88 14.45
N PHE E 46 28.85 -15.29 14.49
CA PHE E 46 27.72 -15.87 15.21
C PHE E 46 26.88 -16.82 14.34
N GLY E 47 27.27 -16.97 13.08
CA GLY E 47 26.62 -17.91 12.17
C GLY E 47 25.70 -17.31 11.11
N VAL E 48 25.51 -15.99 11.15
CA VAL E 48 24.69 -15.31 10.16
C VAL E 48 25.37 -15.35 8.79
N LYS E 49 24.66 -15.84 7.78
CA LYS E 49 25.19 -16.03 6.44
C LYS E 49 25.26 -14.73 5.64
N GLU E 50 26.23 -14.65 4.73
CA GLU E 50 26.44 -13.47 3.87
C GLU E 50 25.17 -13.02 3.14
N GLU E 51 24.37 -13.99 2.71
CA GLU E 51 23.12 -13.75 1.98
C GLU E 51 22.06 -13.11 2.89
N ASN E 52 22.16 -13.39 4.18
CA ASN E 52 21.18 -12.89 5.17
C ASN E 52 21.65 -11.65 5.92
N ILE E 53 22.72 -11.02 5.42
CA ILE E 53 23.17 -9.72 5.91
C ILE E 53 22.91 -8.68 4.81
N ILE E 54 21.90 -7.84 5.03
CA ILE E 54 21.45 -6.89 4.01
C ILE E 54 21.94 -5.48 4.35
N ILE E 55 22.80 -4.93 3.49
CA ILE E 55 23.34 -3.58 3.66
C ILE E 55 22.52 -2.60 2.83
N GLU E 56 22.15 -1.47 3.44
CA GLU E 56 21.43 -0.41 2.73
C GLU E 56 21.87 0.96 3.26
N THR E 57 21.75 2.00 2.43
CA THR E 57 22.24 3.33 2.82
C THR E 57 21.16 4.41 2.83
N VAL E 58 21.38 5.43 3.66
CA VAL E 58 20.64 6.69 3.60
C VAL E 58 21.67 7.84 3.59
N PRO E 59 21.24 9.09 3.27
CA PRO E 59 22.20 10.19 3.25
C PRO E 59 22.82 10.48 4.62
N GLY E 60 22.00 10.90 5.58
CA GLY E 60 22.51 11.27 6.90
C GLY E 60 21.81 10.56 8.04
N SER E 61 22.28 10.80 9.26
CA SER E 61 21.77 10.14 10.46
C SER E 61 20.30 10.42 10.74
N PHE E 62 19.82 11.62 10.37
CA PHE E 62 18.43 11.98 10.55
C PHE E 62 17.50 11.04 9.78
N GLU E 63 18.00 10.51 8.66
CA GLU E 63 17.24 9.59 7.82
C GLU E 63 17.23 8.14 8.33
N LEU E 64 18.07 7.85 9.32
CA LEU E 64 18.18 6.48 9.86
C LEU E 64 16.88 5.92 10.44
N PRO E 65 16.19 6.67 11.32
CA PRO E 65 14.93 6.19 11.88
C PRO E 65 13.86 5.79 10.85
N TYR E 66 13.45 6.72 9.99
CA TYR E 66 12.41 6.43 9.00
C TYR E 66 12.90 5.49 7.91
N GLY E 67 14.18 5.64 7.55
CA GLY E 67 14.82 4.75 6.59
C GLY E 67 14.82 3.31 7.08
N SER E 68 14.96 3.14 8.39
CA SER E 68 14.88 1.83 9.01
C SER E 68 13.49 1.22 8.86
N LYS E 69 12.45 2.03 9.04
CA LYS E 69 11.08 1.57 8.86
C LYS E 69 10.84 1.14 7.41
N LEU E 70 11.20 2.01 6.47
CA LEU E 70 11.07 1.72 5.05
C LEU E 70 11.87 0.49 4.65
N PHE E 71 13.07 0.35 5.20
CA PHE E 71 13.93 -0.81 4.96
C PHE E 71 13.28 -2.09 5.45
N VAL E 72 12.78 -2.07 6.68
CA VAL E 72 12.08 -3.22 7.27
C VAL E 72 10.84 -3.60 6.46
N GLU E 73 10.09 -2.59 6.02
CA GLU E 73 8.85 -2.81 5.27
C GLU E 73 9.08 -3.38 3.87
N LYS E 74 10.12 -2.90 3.19
CA LYS E 74 10.50 -3.40 1.87
C LYS E 74 10.89 -4.88 1.93
N GLN E 75 11.68 -5.22 2.95
CA GLN E 75 12.11 -6.60 3.19
C GLN E 75 10.92 -7.52 3.45
N LYS E 76 9.88 -7.01 4.11
CA LYS E 76 8.64 -7.76 4.32
C LYS E 76 7.90 -8.00 3.02
N ARG E 77 7.90 -7.01 2.12
CA ARG E 77 7.23 -7.12 0.83
C ARG E 77 7.99 -8.04 -0.13
N LEU E 78 9.30 -8.11 0.06
CA LEU E 78 10.17 -9.01 -0.69
C LEU E 78 10.11 -10.45 -0.18
N GLY E 79 9.43 -10.65 0.94
CA GLY E 79 9.30 -11.96 1.57
C GLY E 79 10.55 -12.38 2.32
N LYS E 80 11.42 -11.42 2.58
CA LYS E 80 12.69 -11.66 3.28
C LYS E 80 12.80 -10.76 4.51
N PRO E 81 11.97 -11.00 5.55
CA PRO E 81 11.92 -10.08 6.68
C PRO E 81 13.21 -10.06 7.50
N LEU E 82 13.46 -8.93 8.18
CA LEU E 82 14.61 -8.80 9.07
C LEU E 82 14.26 -9.22 10.49
N ASP E 83 15.20 -9.85 11.17
CA ASP E 83 15.02 -10.25 12.56
C ASP E 83 15.61 -9.19 13.50
N ALA E 84 16.48 -8.34 12.94
CA ALA E 84 17.08 -7.22 13.66
C ALA E 84 17.63 -6.20 12.68
N ILE E 85 17.83 -4.97 13.14
CA ILE E 85 18.39 -3.91 12.31
C ILE E 85 19.45 -3.11 13.07
N ILE E 86 20.52 -2.75 12.34
CA ILE E 86 21.62 -1.98 12.90
C ILE E 86 21.77 -0.66 12.12
N PRO E 87 21.09 0.41 12.58
CA PRO E 87 21.27 1.74 12.01
C PRO E 87 22.62 2.32 12.40
N ILE E 88 23.49 2.53 11.41
CA ILE E 88 24.84 3.02 11.66
C ILE E 88 25.02 4.44 11.13
N GLY E 89 25.43 5.34 12.02
CA GLY E 89 25.76 6.72 11.66
C GLY E 89 26.99 7.20 12.40
N VAL E 90 27.66 8.20 11.84
CA VAL E 90 28.76 8.88 12.54
C VAL E 90 28.47 10.37 12.60
N LEU E 91 28.35 10.89 13.81
CA LEU E 91 28.09 12.31 14.00
C LEU E 91 29.24 12.95 14.77
N ILE E 92 29.82 13.98 14.16
CA ILE E 92 30.90 14.77 14.75
C ILE E 92 30.41 16.18 15.02
N LYS E 93 30.71 16.69 16.21
CA LYS E 93 30.38 18.05 16.60
C LYS E 93 31.08 19.08 15.70
N GLY E 94 30.29 19.99 15.14
CA GLY E 94 30.81 21.07 14.30
C GLY E 94 30.85 22.39 15.05
N SER E 95 30.53 23.47 14.34
CA SER E 95 30.52 24.80 14.93
C SER E 95 29.13 25.21 15.43
N THR E 96 28.09 24.68 14.77
CA THR E 96 26.71 25.03 15.10
C THR E 96 26.07 24.00 16.03
N MET E 97 24.78 24.18 16.31
CA MET E 97 24.05 23.28 17.19
C MET E 97 23.46 22.07 16.47
N HIS E 98 23.70 22.00 15.16
CA HIS E 98 23.22 20.90 14.31
C HIS E 98 23.50 19.52 14.92
N PHE E 99 24.72 19.33 15.40
CA PHE E 99 25.13 18.09 16.05
C PHE E 99 24.17 17.68 17.17
N GLU E 100 23.99 18.57 18.15
CA GLU E 100 23.18 18.30 19.33
C GLU E 100 21.75 17.86 19.00
N TYR E 101 21.14 18.54 18.03
CA TYR E 101 19.74 18.29 17.71
C TYR E 101 19.51 17.07 16.82
N ILE E 102 20.48 16.76 15.95
CA ILE E 102 20.43 15.54 15.15
C ILE E 102 20.64 14.34 16.07
N CYS E 103 21.67 14.39 16.91
CA CYS E 103 21.96 13.34 17.88
C CYS E 103 20.77 13.06 18.79
N ASP E 104 20.13 14.13 19.27
CA ASP E 104 19.05 14.01 20.24
C ASP E 104 17.84 13.28 19.68
N SER E 105 17.30 13.80 18.58
CA SER E 105 16.07 13.24 18.01
C SER E 105 16.27 11.87 17.35
N THR E 106 17.47 11.63 16.83
CA THR E 106 17.79 10.34 16.21
C THR E 106 17.87 9.22 17.26
N THR E 107 18.59 9.48 18.34
CA THR E 107 18.74 8.52 19.44
C THR E 107 17.40 8.14 20.06
N HIS E 108 16.57 9.14 20.35
CA HIS E 108 15.24 8.92 20.90
C HIS E 108 14.33 8.12 19.98
N GLN E 109 14.37 8.45 18.69
CA GLN E 109 13.53 7.79 17.70
C GLN E 109 13.97 6.35 17.43
N LEU E 110 15.28 6.13 17.38
CA LEU E 110 15.81 4.77 17.19
C LEU E 110 15.48 3.88 18.38
N MET E 111 15.50 4.46 19.57
CA MET E 111 15.05 3.79 20.78
C MET E 111 13.58 3.40 20.69
N LYS E 112 12.72 4.38 20.34
CA LYS E 112 11.28 4.16 20.18
C LYS E 112 10.97 3.18 19.06
N LEU E 113 11.88 3.10 18.09
CA LEU E 113 11.72 2.25 16.92
C LEU E 113 11.72 0.75 17.24
N ASN E 114 12.41 0.38 18.34
CA ASN E 114 12.37 -0.99 18.85
C ASN E 114 10.95 -1.50 19.03
N PHE E 115 10.11 -0.65 19.62
CA PHE E 115 8.75 -1.03 20.01
C PHE E 115 7.75 -0.88 18.86
N GLU E 116 8.06 -0.03 17.89
CA GLU E 116 7.15 0.23 16.78
C GLU E 116 7.35 -0.74 15.61
N LEU E 117 8.59 -1.21 15.43
CA LEU E 117 8.89 -2.19 14.40
C LEU E 117 8.66 -3.62 14.87
N GLY E 118 8.85 -3.87 16.16
CA GLY E 118 8.70 -5.21 16.73
C GLY E 118 9.94 -6.07 16.54
N ILE E 119 11.04 -5.45 16.11
CA ILE E 119 12.33 -6.11 16.02
C ILE E 119 13.39 -5.29 16.77
N PRO E 120 14.48 -5.95 17.23
CA PRO E 120 15.60 -5.24 17.84
C PRO E 120 16.21 -4.19 16.93
N VAL E 121 16.41 -2.98 17.48
CA VAL E 121 17.09 -1.90 16.80
C VAL E 121 18.32 -1.54 17.63
N ILE E 122 19.49 -1.82 17.07
CA ILE E 122 20.75 -1.67 17.79
C ILE E 122 21.38 -0.32 17.49
N PHE E 123 21.58 0.48 18.54
CA PHE E 123 22.11 1.83 18.39
C PHE E 123 23.55 1.81 17.88
N GLY E 124 23.70 2.16 16.61
CA GLY E 124 25.00 2.18 15.96
C GLY E 124 25.42 3.57 15.53
N VAL E 125 25.07 4.57 16.35
CA VAL E 125 25.44 5.95 16.05
C VAL E 125 26.55 6.42 16.99
N LEU E 126 27.67 6.83 16.41
CA LEU E 126 28.74 7.46 17.16
C LEU E 126 28.45 8.94 17.29
N THR E 127 28.55 9.45 18.51
CA THR E 127 28.29 10.85 18.81
C THR E 127 29.55 11.45 19.42
N CYS E 128 30.46 11.93 18.57
CA CYS E 128 31.78 12.36 19.00
C CYS E 128 32.03 13.86 18.90
N LEU E 129 33.04 14.33 19.62
CA LEU E 129 33.43 15.73 19.58
C LEU E 129 34.52 15.97 18.54
N THR E 130 35.30 14.94 18.26
CA THR E 130 36.39 15.02 17.28
C THR E 130 36.39 13.82 16.34
N ASP E 131 37.06 13.98 15.20
CA ASP E 131 37.21 12.90 14.22
C ASP E 131 38.03 11.75 14.80
N GLU E 132 39.09 12.11 15.54
CA GLU E 132 39.95 11.13 16.23
C GLU E 132 39.15 10.13 17.06
N GLN E 133 38.14 10.65 17.77
CA GLN E 133 37.28 9.84 18.63
C GLN E 133 36.45 8.81 17.85
N ALA E 134 35.92 9.24 16.70
CA ALA E 134 35.12 8.35 15.85
C ALA E 134 35.97 7.26 15.21
N GLU E 135 37.22 7.60 14.88
CA GLU E 135 38.16 6.65 14.28
C GLU E 135 38.57 5.58 15.28
N ALA E 136 38.84 6.01 16.52
CA ALA E 136 39.22 5.10 17.60
C ALA E 136 38.09 4.13 17.96
N ARG E 137 36.86 4.63 17.91
CA ARG E 137 35.69 3.82 18.20
C ARG E 137 35.22 3.02 16.98
N ALA E 138 36.03 3.05 15.92
CA ALA E 138 35.79 2.27 14.70
C ALA E 138 36.96 1.32 14.41
N GLY E 139 37.97 1.36 15.27
CA GLY E 139 39.12 0.46 15.17
C GLY E 139 40.17 0.92 14.19
N LEU E 140 40.07 2.17 13.74
CA LEU E 140 40.99 2.73 12.75
C LEU E 140 42.32 3.22 13.33
N ILE E 141 42.39 3.36 14.65
CA ILE E 141 43.64 3.73 15.32
C ILE E 141 44.34 2.46 15.84
N GLU E 142 45.62 2.33 15.50
CA GLU E 142 46.39 1.10 15.75
C GLU E 142 46.37 0.60 17.19
N GLY E 143 46.94 1.37 18.11
CA GLY E 143 47.02 0.97 19.51
C GLY E 143 46.01 1.66 20.41
N LYS E 144 44.74 1.67 19.98
CA LYS E 144 43.69 2.35 20.74
C LYS E 144 42.31 1.73 20.54
N MET E 145 41.76 1.19 21.63
CA MET E 145 40.36 0.73 21.70
C MET E 145 39.99 -0.34 20.66
N HIS E 146 38.69 -0.51 20.43
CA HIS E 146 38.18 -1.52 19.51
C HIS E 146 37.08 -0.96 18.62
N ASN E 147 36.74 -1.70 17.57
CA ASN E 147 35.63 -1.34 16.69
C ASN E 147 34.30 -1.62 17.40
N HIS E 148 33.54 -0.56 17.62
CA HIS E 148 32.23 -0.66 18.28
C HIS E 148 31.22 -1.39 17.40
N GLY E 149 31.48 -1.40 16.09
CA GLY E 149 30.65 -2.13 15.13
C GLY E 149 30.53 -3.60 15.43
N GLU E 150 31.61 -4.20 15.93
CA GLU E 150 31.61 -5.61 16.35
C GLU E 150 30.62 -5.84 17.48
N ASP E 151 30.64 -4.96 18.48
CA ASP E 151 29.70 -5.03 19.61
C ASP E 151 28.25 -4.98 19.13
N TRP E 152 28.00 -4.17 18.09
CA TRP E 152 26.65 -4.00 17.54
C TRP E 152 26.16 -5.26 16.83
N GLY E 153 27.08 -5.96 16.17
CA GLY E 153 26.76 -7.23 15.53
C GLY E 153 26.41 -8.31 16.55
N ALA E 154 27.17 -8.35 17.64
CA ALA E 154 26.90 -9.26 18.75
C ALA E 154 25.54 -8.96 19.38
N ALA E 155 25.28 -7.69 19.63
CA ALA E 155 24.02 -7.25 20.24
C ALA E 155 22.80 -7.64 19.41
N ALA E 156 22.88 -7.41 18.10
CA ALA E 156 21.78 -7.74 17.18
C ALA E 156 21.38 -9.21 17.23
N VAL E 157 22.38 -10.09 17.19
CA VAL E 157 22.17 -11.54 17.25
C VAL E 157 21.52 -11.95 18.59
N GLU E 158 22.05 -11.43 19.69
CA GLU E 158 21.56 -11.76 21.03
C GLU E 158 20.11 -11.32 21.24
N MET E 159 19.82 -10.06 20.94
CA MET E 159 18.49 -9.48 21.11
C MET E 159 17.41 -10.14 20.25
N ALA E 160 17.83 -10.80 19.17
CA ALA E 160 16.92 -11.48 18.27
C ALA E 160 16.62 -12.92 18.70
N THR E 161 17.47 -13.48 19.55
CA THR E 161 17.40 -14.90 19.90
C THR E 161 17.07 -15.17 21.38
N LYS E 162 17.71 -14.40 22.27
CA LYS E 162 17.66 -14.65 23.72
C LYS E 162 16.25 -14.84 24.31
N PHE E 163 15.26 -14.14 23.76
CA PHE E 163 13.92 -14.11 24.35
C PHE E 163 12.83 -14.84 23.56
N ASN E 164 13.24 -15.68 22.60
CA ASN E 164 12.30 -16.42 21.74
C ASN E 164 11.37 -17.37 22.51
N LYS F 12 1.76 -38.98 -40.51
CA LYS F 12 2.12 -37.79 -41.32
C LYS F 12 3.48 -37.21 -40.91
N TYR F 13 4.18 -36.61 -41.87
CA TYR F 13 5.54 -36.09 -41.72
C TYR F 13 6.59 -37.20 -41.54
N ASP F 14 7.15 -37.63 -42.66
CA ASP F 14 8.20 -38.63 -42.68
C ASP F 14 9.55 -37.92 -42.72
N GLY F 15 10.37 -38.14 -41.69
CA GLY F 15 11.69 -37.50 -41.60
C GLY F 15 12.85 -38.43 -41.88
N SER F 16 12.54 -39.65 -42.34
CA SER F 16 13.55 -40.70 -42.52
C SER F 16 14.68 -40.34 -43.48
N LYS F 17 14.38 -39.47 -44.44
CA LYS F 17 15.38 -39.03 -45.42
C LYS F 17 15.99 -37.66 -45.09
N LEU F 18 15.69 -37.13 -43.91
CA LEU F 18 16.17 -35.81 -43.51
C LEU F 18 17.42 -35.84 -42.64
N ARG F 19 18.29 -34.86 -42.85
CA ARG F 19 19.40 -34.60 -41.94
C ARG F 19 19.12 -33.29 -41.21
N ILE F 20 19.12 -33.35 -39.88
CA ILE F 20 18.75 -32.21 -39.05
C ILE F 20 19.92 -31.74 -38.20
N GLY F 21 20.20 -30.45 -38.26
CA GLY F 21 21.24 -29.85 -37.43
C GLY F 21 20.68 -29.22 -36.18
N ILE F 22 21.38 -29.41 -35.07
CA ILE F 22 21.08 -28.70 -33.84
C ILE F 22 22.32 -27.94 -33.42
N LEU F 23 22.22 -26.61 -33.40
CA LEU F 23 23.28 -25.78 -32.88
C LEU F 23 22.82 -25.17 -31.57
N HIS F 24 23.49 -25.54 -30.47
CA HIS F 24 23.12 -25.01 -29.17
C HIS F 24 24.22 -24.19 -28.48
N ALA F 25 23.80 -23.18 -27.74
CA ALA F 25 24.69 -22.39 -26.90
C ALA F 25 25.09 -23.20 -25.67
N ARG F 26 26.15 -22.78 -24.99
CA ARG F 26 26.64 -23.50 -23.81
C ARG F 26 26.28 -22.81 -22.48
N TRP F 27 25.70 -21.61 -22.57
CA TRP F 27 25.17 -20.90 -21.40
C TRP F 27 23.93 -21.62 -20.88
N ASN F 28 23.77 -21.65 -19.55
CA ASN F 28 22.65 -22.35 -18.90
C ASN F 28 22.55 -23.80 -19.39
N ARG F 29 23.68 -24.51 -19.34
CA ARG F 29 23.85 -25.83 -19.94
C ARG F 29 22.82 -26.87 -19.47
N LYS F 30 22.47 -26.82 -18.19
CA LYS F 30 21.49 -27.71 -17.59
C LYS F 30 20.18 -27.70 -18.37
N ILE F 31 19.67 -26.51 -18.65
CA ILE F 31 18.43 -26.33 -19.41
C ILE F 31 18.65 -26.67 -20.89
N ILE F 32 19.79 -26.25 -21.43
CA ILE F 32 20.16 -26.54 -22.82
C ILE F 32 20.11 -28.04 -23.11
N ASP F 33 20.79 -28.83 -22.28
CA ASP F 33 20.89 -30.28 -22.44
C ASP F 33 19.54 -30.99 -22.41
N ALA F 34 18.61 -30.45 -21.62
CA ALA F 34 17.25 -30.98 -21.57
C ALA F 34 16.49 -30.69 -22.86
N LEU F 35 16.64 -29.48 -23.37
CA LEU F 35 15.99 -29.06 -24.61
C LEU F 35 16.50 -29.82 -25.82
N VAL F 36 17.83 -29.99 -25.88
CA VAL F 36 18.47 -30.73 -26.96
C VAL F 36 18.01 -32.18 -26.97
N ALA F 37 18.03 -32.81 -25.79
CA ALA F 37 17.57 -34.19 -25.62
C ALA F 37 16.12 -34.34 -26.06
N GLY F 38 15.28 -33.36 -25.71
CA GLY F 38 13.88 -33.34 -26.12
C GLY F 38 13.72 -33.26 -27.63
N ALA F 39 14.54 -32.41 -28.26
CA ALA F 39 14.52 -32.26 -29.72
C ALA F 39 15.04 -33.50 -30.43
N VAL F 40 16.10 -34.10 -29.89
CA VAL F 40 16.65 -35.34 -30.41
C VAL F 40 15.61 -36.48 -30.36
N LYS F 41 14.96 -36.62 -29.20
CA LYS F 41 13.94 -37.64 -28.98
C LYS F 41 12.78 -37.57 -29.97
N ARG F 42 12.26 -36.37 -30.20
CA ARG F 42 11.12 -36.17 -31.10
C ARG F 42 11.49 -36.41 -32.56
N LEU F 43 12.66 -35.90 -32.96
CA LEU F 43 13.21 -36.15 -34.30
C LEU F 43 13.15 -37.63 -34.67
N GLN F 44 13.66 -38.47 -33.77
CA GLN F 44 13.71 -39.92 -34.00
C GLN F 44 12.33 -40.56 -34.07
N GLU F 45 11.39 -40.03 -33.30
CA GLU F 45 10.00 -40.50 -33.35
C GLU F 45 9.31 -40.17 -34.67
N PHE F 46 9.88 -39.20 -35.39
CA PHE F 46 9.43 -38.83 -36.72
C PHE F 46 10.24 -39.56 -37.81
N GLY F 47 10.99 -40.57 -37.40
CA GLY F 47 11.74 -41.40 -38.33
C GLY F 47 13.14 -40.92 -38.68
N VAL F 48 13.51 -39.73 -38.21
CA VAL F 48 14.83 -39.18 -38.47
C VAL F 48 15.90 -40.05 -37.81
N LYS F 49 16.82 -40.58 -38.63
CA LYS F 49 17.88 -41.46 -38.16
C LYS F 49 18.89 -40.72 -37.28
N GLU F 50 19.43 -41.42 -36.30
CA GLU F 50 20.34 -40.81 -35.31
C GLU F 50 21.64 -40.29 -35.91
N GLU F 51 22.13 -40.99 -36.94
CA GLU F 51 23.33 -40.56 -37.66
C GLU F 51 23.07 -39.28 -38.47
N ASN F 52 21.80 -38.93 -38.60
CA ASN F 52 21.41 -37.74 -39.36
C ASN F 52 20.96 -36.57 -38.49
N ILE F 53 21.18 -36.68 -37.18
CA ILE F 53 21.01 -35.56 -36.26
C ILE F 53 22.40 -35.10 -35.82
N ILE F 54 22.82 -33.96 -36.35
CA ILE F 54 24.15 -33.42 -36.07
C ILE F 54 24.07 -32.33 -35.02
N ILE F 55 24.90 -32.44 -33.99
CA ILE F 55 24.93 -31.48 -32.88
C ILE F 55 26.26 -30.74 -32.86
N GLU F 56 26.19 -29.41 -32.79
CA GLU F 56 27.37 -28.56 -32.66
C GLU F 56 27.08 -27.44 -31.66
N THR F 57 28.12 -26.88 -31.06
CA THR F 57 27.95 -25.86 -30.01
C THR F 57 28.54 -24.49 -30.36
N VAL F 58 28.01 -23.46 -29.72
CA VAL F 58 28.58 -22.11 -29.74
C VAL F 58 28.61 -21.56 -28.30
N PRO F 59 29.44 -20.53 -28.03
CA PRO F 59 29.51 -20.00 -26.67
C PRO F 59 28.16 -19.53 -26.12
N GLY F 60 27.51 -18.61 -26.83
CA GLY F 60 26.24 -18.04 -26.37
C GLY F 60 25.27 -17.76 -27.50
N SER F 61 24.09 -17.26 -27.13
CA SER F 61 22.97 -17.06 -28.07
C SER F 61 23.22 -16.03 -29.18
N PHE F 62 24.06 -15.03 -28.91
CA PHE F 62 24.44 -14.04 -29.93
C PHE F 62 25.21 -14.71 -31.06
N GLU F 63 25.87 -15.82 -30.75
CA GLU F 63 26.66 -16.56 -31.75
C GLU F 63 25.81 -17.55 -32.55
N LEU F 64 24.58 -17.78 -32.11
CA LEU F 64 23.69 -18.74 -32.79
C LEU F 64 23.43 -18.44 -34.28
N PRO F 65 23.05 -17.20 -34.63
CA PRO F 65 22.72 -16.93 -36.03
C PRO F 65 23.88 -17.17 -37.00
N TYR F 66 25.03 -16.53 -36.76
CA TYR F 66 26.18 -16.70 -37.64
C TYR F 66 26.81 -18.07 -37.52
N GLY F 67 26.75 -18.63 -36.31
CA GLY F 67 27.18 -20.01 -36.06
C GLY F 67 26.41 -20.97 -36.94
N SER F 68 25.12 -20.69 -37.09
CA SER F 68 24.23 -21.51 -37.91
C SER F 68 24.65 -21.50 -39.38
N LYS F 69 24.98 -20.33 -39.91
CA LYS F 69 25.46 -20.25 -41.28
C LYS F 69 26.75 -21.06 -41.45
N LEU F 70 27.71 -20.83 -40.57
CA LEU F 70 28.99 -21.53 -40.63
C LEU F 70 28.83 -23.05 -40.46
N PHE F 71 27.89 -23.44 -39.61
CA PHE F 71 27.53 -24.85 -39.40
C PHE F 71 26.92 -25.46 -40.67
N VAL F 72 25.99 -24.73 -41.30
CA VAL F 72 25.38 -25.17 -42.55
C VAL F 72 26.42 -25.32 -43.67
N GLU F 73 27.28 -24.31 -43.81
CA GLU F 73 28.31 -24.30 -44.86
C GLU F 73 29.33 -25.44 -44.68
N LYS F 74 29.71 -25.71 -43.44
CA LYS F 74 30.64 -26.80 -43.14
C LYS F 74 30.06 -28.15 -43.54
N GLN F 75 28.79 -28.36 -43.20
CA GLN F 75 28.09 -29.61 -43.53
C GLN F 75 27.96 -29.83 -45.03
N LYS F 76 27.81 -28.73 -45.78
CA LYS F 76 27.84 -28.77 -47.26
C LYS F 76 29.22 -29.20 -47.75
N ARG F 77 30.27 -28.60 -47.18
CA ARG F 77 31.64 -28.95 -47.53
C ARG F 77 32.00 -30.36 -47.05
N LEU F 78 31.20 -30.87 -46.12
CA LEU F 78 31.40 -32.18 -45.54
C LEU F 78 30.72 -33.26 -46.39
N GLY F 79 29.85 -32.82 -47.30
CA GLY F 79 29.07 -33.73 -48.15
C GLY F 79 27.82 -34.25 -47.46
N LYS F 80 27.49 -33.65 -46.31
CA LYS F 80 26.32 -34.05 -45.52
C LYS F 80 25.45 -32.82 -45.24
N PRO F 81 24.76 -32.30 -46.27
CA PRO F 81 24.04 -31.04 -46.08
C PRO F 81 22.82 -31.18 -45.17
N LEU F 82 22.49 -30.10 -44.47
CA LEU F 82 21.34 -30.08 -43.56
C LEU F 82 20.06 -29.68 -44.27
N ASP F 83 18.95 -30.29 -43.87
CA ASP F 83 17.63 -29.97 -44.41
C ASP F 83 16.89 -28.98 -43.53
N ALA F 84 17.26 -28.91 -42.26
CA ALA F 84 16.73 -27.94 -41.31
C ALA F 84 17.70 -27.77 -40.16
N ILE F 85 17.62 -26.63 -39.49
CA ILE F 85 18.47 -26.35 -38.33
C ILE F 85 17.66 -25.84 -37.14
N ILE F 86 17.97 -26.36 -35.96
CA ILE F 86 17.36 -25.92 -34.72
C ILE F 86 18.41 -25.24 -33.83
N PRO F 87 18.55 -23.91 -33.95
CA PRO F 87 19.38 -23.17 -33.01
C PRO F 87 18.73 -23.14 -31.62
N ILE F 88 19.45 -23.62 -30.62
CA ILE F 88 18.93 -23.71 -29.26
C ILE F 88 19.72 -22.83 -28.31
N GLY F 89 19.02 -21.97 -27.59
CA GLY F 89 19.61 -21.07 -26.61
C GLY F 89 18.69 -20.78 -25.45
N VAL F 90 19.27 -20.41 -24.31
CA VAL F 90 18.50 -20.04 -23.12
C VAL F 90 18.96 -18.69 -22.61
N LEU F 91 18.04 -17.72 -22.67
CA LEU F 91 18.30 -16.37 -22.18
C LEU F 91 17.41 -16.07 -20.99
N ILE F 92 18.04 -15.65 -19.90
CA ILE F 92 17.33 -15.35 -18.66
C ILE F 92 17.63 -13.92 -18.24
N LYS F 93 16.57 -13.16 -17.96
CA LYS F 93 16.69 -11.78 -17.50
C LYS F 93 17.65 -11.66 -16.33
N GLY F 94 18.59 -10.72 -16.43
CA GLY F 94 19.53 -10.41 -15.37
C GLY F 94 19.26 -9.04 -14.78
N SER F 95 20.32 -8.35 -14.39
CA SER F 95 20.20 -7.03 -13.76
C SER F 95 20.32 -5.89 -14.77
N THR F 96 20.94 -6.17 -15.90
CA THR F 96 21.14 -5.17 -16.95
C THR F 96 20.14 -5.36 -18.08
N MET F 97 20.33 -4.61 -19.16
CA MET F 97 19.45 -4.70 -20.33
C MET F 97 20.05 -5.62 -21.39
N HIS F 98 21.12 -6.32 -21.03
CA HIS F 98 21.78 -7.31 -21.89
C HIS F 98 20.79 -8.32 -22.45
N PHE F 99 19.93 -8.83 -21.57
CA PHE F 99 18.84 -9.75 -21.95
C PHE F 99 18.02 -9.23 -23.13
N GLU F 100 17.50 -8.01 -23.01
CA GLU F 100 16.60 -7.43 -24.01
C GLU F 100 17.22 -7.28 -25.39
N TYR F 101 18.49 -6.87 -25.42
CA TYR F 101 19.17 -6.60 -26.69
C TYR F 101 19.74 -7.83 -27.38
N ILE F 102 20.11 -8.85 -26.59
CA ILE F 102 20.52 -10.12 -27.17
C ILE F 102 19.29 -10.84 -27.72
N CYS F 103 18.21 -10.86 -26.94
CA CYS F 103 16.95 -11.48 -27.36
C CYS F 103 16.44 -10.92 -28.68
N ASP F 104 16.42 -9.59 -28.79
CA ASP F 104 15.84 -8.91 -29.94
C ASP F 104 16.63 -9.13 -31.24
N SER F 105 17.94 -8.94 -31.17
CA SER F 105 18.79 -9.09 -32.35
C SER F 105 18.93 -10.55 -32.79
N THR F 106 18.94 -11.45 -31.82
CA THR F 106 19.00 -12.90 -32.08
C THR F 106 17.72 -13.40 -32.77
N THR F 107 16.57 -13.00 -32.24
CA THR F 107 15.28 -13.42 -32.78
C THR F 107 15.09 -13.00 -34.23
N HIS F 108 15.35 -11.73 -34.51
CA HIS F 108 15.22 -11.16 -35.86
C HIS F 108 16.16 -11.82 -36.86
N GLN F 109 17.40 -12.07 -36.45
CA GLN F 109 18.37 -12.72 -37.32
C GLN F 109 18.05 -14.17 -37.61
N LEU F 110 17.57 -14.89 -36.60
CA LEU F 110 17.16 -16.28 -36.77
C LEU F 110 15.95 -16.38 -37.69
N MET F 111 15.06 -15.40 -37.61
CA MET F 111 13.93 -15.27 -38.52
C MET F 111 14.41 -15.09 -39.96
N LYS F 112 15.28 -14.10 -40.17
CA LYS F 112 15.81 -13.80 -41.50
C LYS F 112 16.68 -14.93 -42.06
N LEU F 113 17.24 -15.73 -41.15
CA LEU F 113 18.12 -16.83 -41.50
C LEU F 113 17.43 -17.93 -42.30
N ASN F 114 16.11 -18.05 -42.11
CA ASN F 114 15.28 -18.92 -42.93
C ASN F 114 15.45 -18.64 -44.42
N PHE F 115 15.40 -17.37 -44.77
CA PHE F 115 15.42 -16.92 -46.16
C PHE F 115 16.83 -16.88 -46.73
N GLU F 116 17.79 -16.54 -45.88
CA GLU F 116 19.19 -16.44 -46.29
C GLU F 116 19.83 -17.80 -46.56
N LEU F 117 19.54 -18.78 -45.70
CA LEU F 117 20.09 -20.12 -45.83
C LEU F 117 19.28 -21.03 -46.75
N GLY F 118 18.02 -20.68 -46.98
CA GLY F 118 17.15 -21.47 -47.83
C GLY F 118 16.68 -22.78 -47.21
N ILE F 119 16.79 -22.88 -45.89
CA ILE F 119 16.28 -24.04 -45.14
C ILE F 119 15.53 -23.57 -43.89
N PRO F 120 14.57 -24.37 -43.39
CA PRO F 120 13.87 -24.05 -42.15
C PRO F 120 14.81 -23.85 -40.95
N VAL F 121 14.70 -22.69 -40.32
CA VAL F 121 15.41 -22.39 -39.08
C VAL F 121 14.37 -22.28 -37.98
N ILE F 122 14.40 -23.21 -37.03
CA ILE F 122 13.39 -23.29 -35.98
C ILE F 122 13.84 -22.54 -34.73
N PHE F 123 12.99 -21.62 -34.26
CA PHE F 123 13.31 -20.79 -33.10
C PHE F 123 13.39 -21.62 -31.81
N GLY F 124 14.62 -22.01 -31.46
CA GLY F 124 14.85 -22.80 -30.26
C GLY F 124 15.44 -22.00 -29.12
N VAL F 125 15.04 -20.74 -29.03
CA VAL F 125 15.56 -19.85 -27.98
C VAL F 125 14.49 -19.57 -26.93
N LEU F 126 14.78 -19.95 -25.69
CA LEU F 126 13.93 -19.59 -24.56
C LEU F 126 14.32 -18.23 -24.04
N THR F 127 13.30 -17.37 -23.84
CA THR F 127 13.50 -16.00 -23.38
C THR F 127 12.71 -15.76 -22.09
N CYS F 128 13.31 -16.18 -20.97
CA CYS F 128 12.63 -16.20 -19.68
C CYS F 128 13.05 -15.07 -18.74
N LEU F 129 12.23 -14.84 -17.73
CA LEU F 129 12.51 -13.84 -16.70
C LEU F 129 13.14 -14.46 -15.45
N THR F 130 12.86 -15.74 -15.23
CA THR F 130 13.43 -16.48 -14.09
C THR F 130 14.04 -17.81 -14.54
N ASP F 131 14.91 -18.37 -13.70
CA ASP F 131 15.47 -19.71 -13.91
C ASP F 131 14.38 -20.78 -13.91
N GLU F 132 13.38 -20.59 -13.03
CA GLU F 132 12.27 -21.51 -12.89
C GLU F 132 11.45 -21.64 -14.18
N GLN F 133 11.20 -20.51 -14.83
CA GLN F 133 10.46 -20.47 -16.09
C GLN F 133 11.13 -21.28 -17.19
N ALA F 134 12.47 -21.17 -17.26
CA ALA F 134 13.26 -21.89 -18.26
C ALA F 134 13.31 -23.39 -17.98
N GLU F 135 13.45 -23.75 -16.70
CA GLU F 135 13.45 -25.14 -16.26
C GLU F 135 12.13 -25.83 -16.61
N ALA F 136 11.02 -25.15 -16.35
CA ALA F 136 9.69 -25.69 -16.60
C ALA F 136 9.43 -25.92 -18.09
N ARG F 137 9.85 -24.97 -18.91
CA ARG F 137 9.69 -25.05 -20.36
C ARG F 137 10.71 -25.98 -21.03
N ALA F 138 11.48 -26.68 -20.21
CA ALA F 138 12.43 -27.68 -20.68
C ALA F 138 12.09 -29.06 -20.11
N GLY F 139 11.00 -29.13 -19.35
CA GLY F 139 10.53 -30.37 -18.75
C GLY F 139 11.34 -30.84 -17.57
N LEU F 140 11.94 -29.90 -16.83
CA LEU F 140 12.77 -30.24 -15.68
C LEU F 140 12.01 -30.13 -14.35
N ILE F 141 10.82 -29.53 -14.39
CA ILE F 141 9.95 -29.46 -13.22
C ILE F 141 8.90 -30.57 -13.29
N GLU F 142 8.85 -31.38 -12.23
CA GLU F 142 7.96 -32.55 -12.16
C GLU F 142 6.48 -32.22 -12.34
N GLY F 143 5.88 -32.79 -13.39
CA GLY F 143 4.45 -32.67 -13.65
C GLY F 143 3.96 -31.28 -14.03
N LYS F 144 4.86 -30.43 -14.52
CA LYS F 144 4.51 -29.09 -14.95
C LYS F 144 4.95 -28.83 -16.39
N MET F 145 4.00 -28.41 -17.21
CA MET F 145 4.25 -28.05 -18.62
C MET F 145 4.94 -29.18 -19.41
N HIS F 146 5.73 -28.82 -20.41
CA HIS F 146 6.41 -29.81 -21.26
C HIS F 146 7.75 -29.29 -21.78
N ASN F 147 8.52 -30.20 -22.37
CA ASN F 147 9.79 -29.85 -22.98
C ASN F 147 9.57 -29.26 -24.37
N HIS F 148 9.81 -27.95 -24.49
CA HIS F 148 9.64 -27.22 -25.75
C HIS F 148 10.55 -27.73 -26.86
N GLY F 149 11.61 -28.44 -26.48
CA GLY F 149 12.54 -29.06 -27.43
C GLY F 149 11.84 -30.02 -28.37
N GLU F 150 10.90 -30.80 -27.83
CA GLU F 150 10.10 -31.74 -28.61
C GLU F 150 9.29 -31.02 -29.70
N ASP F 151 8.69 -29.89 -29.33
CA ASP F 151 7.95 -29.05 -30.28
C ASP F 151 8.84 -28.61 -31.44
N TRP F 152 10.06 -28.17 -31.11
CA TRP F 152 11.01 -27.70 -32.12
C TRP F 152 11.43 -28.82 -33.07
N GLY F 153 11.62 -30.00 -32.51
CA GLY F 153 11.91 -31.20 -33.29
C GLY F 153 10.78 -31.58 -34.24
N ALA F 154 9.55 -31.45 -33.77
CA ALA F 154 8.37 -31.72 -34.60
C ALA F 154 8.26 -30.74 -35.77
N ALA F 155 8.49 -29.45 -35.48
CA ALA F 155 8.39 -28.38 -36.48
C ALA F 155 9.46 -28.49 -37.56
N ALA F 156 10.68 -28.86 -37.16
CA ALA F 156 11.81 -29.01 -38.09
C ALA F 156 11.48 -30.01 -39.20
N VAL F 157 10.85 -31.12 -38.83
CA VAL F 157 10.49 -32.18 -39.76
C VAL F 157 9.34 -31.72 -40.69
N GLU F 158 8.35 -31.06 -40.11
CA GLU F 158 7.20 -30.55 -40.85
C GLU F 158 7.58 -29.50 -41.89
N MET F 159 8.40 -28.55 -41.47
CA MET F 159 8.80 -27.42 -42.33
C MET F 159 9.74 -27.83 -43.47
N ALA F 160 10.40 -28.97 -43.31
CA ALA F 160 11.31 -29.49 -44.32
C ALA F 160 10.62 -30.43 -45.32
N THR F 161 9.39 -30.86 -45.00
CA THR F 161 8.69 -31.87 -45.80
C THR F 161 7.37 -31.38 -46.41
N LYS F 162 6.59 -30.64 -45.62
CA LYS F 162 5.23 -30.24 -45.98
C LYS F 162 5.07 -29.62 -47.37
N PHE F 163 6.03 -28.78 -47.76
CA PHE F 163 5.91 -27.99 -48.99
C PHE F 163 6.72 -28.53 -50.17
N ASN F 164 7.28 -29.73 -50.04
CA ASN F 164 8.02 -30.39 -51.11
C ASN F 164 7.10 -30.75 -52.29
N LYS G 12 42.12 -26.21 -25.78
CA LYS G 12 41.13 -26.35 -26.88
C LYS G 12 41.56 -25.64 -28.16
N TYR G 13 40.93 -24.50 -28.46
CA TYR G 13 41.09 -23.84 -29.76
C TYR G 13 42.47 -23.21 -29.96
N ASP G 14 43.10 -23.56 -31.07
CA ASP G 14 44.39 -22.99 -31.46
C ASP G 14 44.16 -21.70 -32.25
N GLY G 15 44.59 -20.59 -31.68
CA GLY G 15 44.43 -19.28 -32.31
C GLY G 15 45.74 -18.67 -32.79
N SER G 16 46.79 -19.48 -32.85
CA SER G 16 48.12 -19.01 -33.25
C SER G 16 48.15 -18.45 -34.67
N LYS G 17 47.31 -19.01 -35.55
CA LYS G 17 47.26 -18.56 -36.95
C LYS G 17 46.23 -17.46 -37.17
N LEU G 18 45.65 -16.95 -36.07
CA LEU G 18 44.58 -15.95 -36.16
C LEU G 18 45.04 -14.52 -35.89
N ARG G 19 44.43 -13.59 -36.63
CA ARG G 19 44.60 -12.16 -36.38
C ARG G 19 43.25 -11.61 -35.93
N ILE G 20 43.20 -11.15 -34.68
CA ILE G 20 41.94 -10.66 -34.09
C ILE G 20 41.99 -9.15 -33.94
N GLY G 21 40.90 -8.50 -34.31
CA GLY G 21 40.78 -7.05 -34.17
C GLY G 21 39.92 -6.65 -33.00
N ILE G 22 40.38 -5.65 -32.25
CA ILE G 22 39.56 -5.05 -31.20
C ILE G 22 39.33 -3.56 -31.50
N LEU G 23 38.07 -3.21 -31.70
CA LEU G 23 37.67 -1.82 -31.87
C LEU G 23 36.81 -1.41 -30.68
N HIS G 24 37.24 -0.39 -29.96
CA HIS G 24 36.50 0.04 -28.78
C HIS G 24 36.20 1.53 -28.74
N ALA G 25 35.05 1.87 -28.17
CA ALA G 25 34.68 3.26 -27.91
C ALA G 25 35.56 3.86 -26.81
N ARG G 26 35.52 5.18 -26.66
CA ARG G 26 36.37 5.86 -25.67
C ARG G 26 35.61 6.45 -24.48
N TRP G 27 34.27 6.46 -24.56
CA TRP G 27 33.42 6.83 -23.42
C TRP G 27 33.49 5.73 -22.36
N ASN G 28 33.41 6.12 -21.09
CA ASN G 28 33.58 5.20 -19.95
C ASN G 28 34.90 4.44 -20.07
N ARG G 29 35.98 5.21 -20.24
CA ARG G 29 37.29 4.68 -20.61
C ARG G 29 37.84 3.64 -19.63
N LYS G 30 37.63 3.86 -18.32
CA LYS G 30 38.14 2.97 -17.29
C LYS G 30 37.55 1.56 -17.40
N ILE G 31 36.25 1.48 -17.68
CA ILE G 31 35.57 0.19 -17.84
C ILE G 31 35.97 -0.49 -19.16
N ILE G 32 36.11 0.33 -20.21
CA ILE G 32 36.55 -0.15 -21.52
C ILE G 32 37.94 -0.80 -21.42
N ASP G 33 38.87 -0.09 -20.80
CA ASP G 33 40.25 -0.57 -20.63
C ASP G 33 40.32 -1.96 -20.00
N ALA G 34 39.54 -2.17 -18.95
CA ALA G 34 39.50 -3.45 -18.24
C ALA G 34 38.97 -4.58 -19.11
N LEU G 35 37.93 -4.28 -19.90
CA LEU G 35 37.35 -5.25 -20.83
C LEU G 35 38.33 -5.62 -21.94
N VAL G 36 39.02 -4.60 -22.46
CA VAL G 36 40.03 -4.77 -23.51
C VAL G 36 41.20 -5.64 -23.00
N ALA G 37 41.66 -5.33 -21.78
CA ALA G 37 42.72 -6.12 -21.13
C ALA G 37 42.28 -7.57 -20.91
N GLY G 38 40.98 -7.76 -20.64
CA GLY G 38 40.41 -9.09 -20.49
C GLY G 38 40.40 -9.84 -21.80
N ALA G 39 39.93 -9.17 -22.86
CA ALA G 39 39.93 -9.72 -24.20
C ALA G 39 41.34 -10.09 -24.66
N VAL G 40 42.29 -9.18 -24.45
CA VAL G 40 43.70 -9.38 -24.83
C VAL G 40 44.33 -10.55 -24.06
N LYS G 41 44.03 -10.62 -22.76
CA LYS G 41 44.55 -11.68 -21.89
C LYS G 41 44.09 -13.08 -22.35
N ARG G 42 42.80 -13.23 -22.60
CA ARG G 42 42.23 -14.52 -23.01
C ARG G 42 42.64 -14.91 -24.43
N LEU G 43 42.69 -13.93 -25.32
CA LEU G 43 43.19 -14.11 -26.69
C LEU G 43 44.56 -14.79 -26.70
N GLN G 44 45.48 -14.24 -25.89
CA GLN G 44 46.84 -14.77 -25.77
C GLN G 44 46.89 -16.16 -25.13
N GLU G 45 45.93 -16.46 -24.26
CA GLU G 45 45.83 -17.77 -23.63
C GLU G 45 45.45 -18.87 -24.63
N PHE G 46 44.75 -18.47 -25.70
CA PHE G 46 44.42 -19.38 -26.79
C PHE G 46 45.47 -19.41 -27.90
N GLY G 47 46.59 -18.73 -27.66
CA GLY G 47 47.74 -18.78 -28.56
C GLY G 47 47.86 -17.63 -29.55
N VAL G 48 46.93 -16.68 -29.50
CA VAL G 48 46.96 -15.51 -30.39
C VAL G 48 48.10 -14.59 -29.98
N LYS G 49 48.99 -14.31 -30.92
CA LYS G 49 50.20 -13.52 -30.66
C LYS G 49 49.91 -12.02 -30.64
N GLU G 50 50.60 -11.30 -29.75
CA GLU G 50 50.44 -9.84 -29.58
C GLU G 50 50.47 -9.06 -30.89
N GLU G 51 51.37 -9.45 -31.79
CA GLU G 51 51.52 -8.84 -33.11
C GLU G 51 50.19 -8.86 -33.88
N ASN G 52 49.41 -9.92 -33.64
CA ASN G 52 48.17 -10.16 -34.36
C ASN G 52 46.90 -9.73 -33.60
N ILE G 53 47.09 -8.98 -32.52
CA ILE G 53 45.96 -8.35 -31.82
C ILE G 53 46.00 -6.85 -32.14
N ILE G 54 45.12 -6.42 -33.04
CA ILE G 54 45.10 -5.05 -33.52
C ILE G 54 44.03 -4.26 -32.76
N ILE G 55 44.47 -3.26 -32.01
CA ILE G 55 43.58 -2.43 -31.21
C ILE G 55 43.40 -1.05 -31.85
N GLU G 56 42.14 -0.69 -32.10
CA GLU G 56 41.81 0.62 -32.66
C GLU G 56 40.58 1.20 -31.96
N THR G 57 40.39 2.51 -32.05
CA THR G 57 39.33 3.19 -31.30
C THR G 57 38.34 3.98 -32.15
N VAL G 58 37.11 4.09 -31.66
CA VAL G 58 36.11 5.01 -32.21
C VAL G 58 35.58 5.89 -31.07
N PRO G 59 34.93 7.03 -31.39
CA PRO G 59 34.41 7.90 -30.33
C PRO G 59 33.41 7.20 -29.40
N GLY G 60 32.28 6.76 -29.95
CA GLY G 60 31.21 6.15 -29.18
C GLY G 60 30.74 4.84 -29.76
N SER G 61 29.79 4.21 -29.07
CA SER G 61 29.28 2.88 -29.47
C SER G 61 28.51 2.89 -30.80
N PHE G 62 27.88 4.02 -31.13
CA PHE G 62 27.18 4.16 -32.40
C PHE G 62 28.13 4.04 -33.58
N GLU G 63 29.37 4.48 -33.38
CA GLU G 63 30.40 4.44 -34.42
C GLU G 63 31.02 3.05 -34.62
N LEU G 64 30.72 2.11 -33.72
CA LEU G 64 31.31 0.77 -33.75
C LEU G 64 30.98 -0.07 -35.00
N PRO G 65 29.69 -0.14 -35.40
CA PRO G 65 29.35 -0.90 -36.62
C PRO G 65 30.10 -0.46 -37.88
N TYR G 66 29.97 0.80 -38.27
CA TYR G 66 30.63 1.29 -39.48
C TYR G 66 32.15 1.36 -39.31
N GLY G 67 32.59 1.67 -38.09
CA GLY G 67 34.01 1.63 -37.75
C GLY G 67 34.58 0.25 -37.98
N SER G 68 33.81 -0.77 -37.62
CA SER G 68 34.21 -2.17 -37.80
C SER G 68 34.41 -2.53 -39.27
N LYS G 69 33.52 -2.04 -40.14
CA LYS G 69 33.67 -2.27 -41.57
C LYS G 69 34.92 -1.57 -42.10
N LEU G 70 35.12 -0.32 -41.70
CA LEU G 70 36.28 0.47 -42.12
C LEU G 70 37.58 -0.13 -41.59
N PHE G 71 37.53 -0.62 -40.35
CA PHE G 71 38.67 -1.29 -39.72
C PHE G 71 39.04 -2.56 -40.48
N VAL G 72 38.03 -3.40 -40.77
CA VAL G 72 38.21 -4.62 -41.56
C VAL G 72 38.75 -4.32 -42.97
N GLU G 73 38.21 -3.31 -43.62
CA GLU G 73 38.64 -2.92 -44.97
C GLU G 73 40.07 -2.37 -45.02
N LYS G 74 40.44 -1.57 -44.02
CA LYS G 74 41.80 -1.04 -43.90
C LYS G 74 42.82 -2.16 -43.73
N GLN G 75 42.46 -3.14 -42.91
CA GLN G 75 43.32 -4.31 -42.69
C GLN G 75 43.48 -5.17 -43.94
N LYS G 76 42.43 -5.26 -44.75
CA LYS G 76 42.48 -5.98 -46.04
C LYS G 76 43.55 -5.39 -46.95
N ARG G 77 43.48 -4.07 -47.17
CA ARG G 77 44.38 -3.38 -48.09
C ARG G 77 45.80 -3.21 -47.54
N LEU G 78 45.97 -3.49 -46.25
CA LEU G 78 47.27 -3.52 -45.61
C LEU G 78 47.95 -4.89 -45.77
N GLY G 79 47.18 -5.87 -46.22
CA GLY G 79 47.66 -7.24 -46.36
C GLY G 79 47.69 -7.99 -45.04
N LYS G 80 46.94 -7.49 -44.07
CA LYS G 80 46.86 -8.08 -42.73
C LYS G 80 45.39 -8.25 -42.34
N PRO G 81 44.66 -9.13 -43.05
CA PRO G 81 43.22 -9.21 -42.81
C PRO G 81 42.87 -9.74 -41.40
N LEU G 82 41.73 -9.30 -40.88
CA LEU G 82 41.24 -9.76 -39.59
C LEU G 82 40.42 -11.04 -39.74
N ASP G 83 40.66 -11.99 -38.85
CA ASP G 83 39.93 -13.26 -38.86
C ASP G 83 38.66 -13.18 -38.03
N ALA G 84 38.61 -12.21 -37.11
CA ALA G 84 37.44 -11.92 -36.29
C ALA G 84 37.58 -10.54 -35.66
N ILE G 85 36.46 -9.92 -35.33
CA ILE G 85 36.47 -8.59 -34.70
C ILE G 85 35.66 -8.55 -33.41
N ILE G 86 36.19 -7.85 -32.40
CA ILE G 86 35.50 -7.66 -31.12
C ILE G 86 35.25 -6.16 -30.89
N PRO G 87 34.08 -5.65 -31.36
CA PRO G 87 33.68 -4.28 -31.04
C PRO G 87 33.31 -4.15 -29.56
N ILE G 88 33.97 -3.24 -28.85
CA ILE G 88 33.72 -3.05 -27.43
C ILE G 88 33.19 -1.65 -27.13
N GLY G 89 32.03 -1.61 -26.48
CA GLY G 89 31.41 -0.36 -26.05
C GLY G 89 30.83 -0.54 -24.67
N VAL G 90 30.71 0.57 -23.93
CA VAL G 90 30.05 0.55 -22.63
C VAL G 90 28.97 1.63 -22.63
N LEU G 91 27.72 1.20 -22.51
CA LEU G 91 26.59 2.12 -22.48
C LEU G 91 25.88 2.05 -21.14
N ILE G 92 25.81 3.19 -20.46
CA ILE G 92 25.10 3.33 -19.19
C ILE G 92 23.85 4.16 -19.42
N LYS G 93 22.72 3.70 -18.89
CA LYS G 93 21.46 4.42 -18.97
C LYS G 93 21.54 5.80 -18.28
N GLY G 94 21.21 6.83 -19.04
CA GLY G 94 21.20 8.20 -18.52
C GLY G 94 19.79 8.71 -18.24
N SER G 95 19.58 10.01 -18.42
CA SER G 95 18.28 10.63 -18.18
C SER G 95 17.37 10.57 -19.41
N THR G 96 17.96 10.64 -20.60
CA THR G 96 17.21 10.65 -21.85
C THR G 96 16.97 9.22 -22.38
N MET G 97 16.46 9.13 -23.60
CA MET G 97 16.24 7.85 -24.26
C MET G 97 17.41 7.48 -25.17
N HIS G 98 18.49 8.25 -25.10
CA HIS G 98 19.71 8.01 -25.87
C HIS G 98 20.18 6.56 -25.71
N PHE G 99 20.25 6.11 -24.46
CA PHE G 99 20.66 4.73 -24.14
C PHE G 99 19.90 3.69 -24.97
N GLU G 100 18.56 3.75 -24.93
CA GLU G 100 17.72 2.77 -25.60
C GLU G 100 17.96 2.69 -27.11
N TYR G 101 18.00 3.84 -27.77
CA TYR G 101 18.10 3.86 -29.24
C TYR G 101 19.51 3.59 -29.77
N ILE G 102 20.53 3.94 -28.98
CA ILE G 102 21.91 3.62 -29.35
C ILE G 102 22.17 2.12 -29.19
N CYS G 103 21.69 1.54 -28.09
CA CYS G 103 21.82 0.10 -27.85
C CYS G 103 21.08 -0.72 -28.91
N ASP G 104 19.85 -0.29 -29.22
CA ASP G 104 18.98 -0.97 -30.17
C ASP G 104 19.63 -1.15 -31.54
N SER G 105 19.95 -0.05 -32.20
CA SER G 105 20.47 -0.09 -33.57
C SER G 105 21.92 -0.57 -33.66
N THR G 106 22.71 -0.34 -32.62
CA THR G 106 24.09 -0.82 -32.56
C THR G 106 24.13 -2.36 -32.54
N THR G 107 23.33 -2.96 -31.67
CA THR G 107 23.27 -4.42 -31.52
C THR G 107 22.82 -5.10 -32.82
N HIS G 108 21.76 -4.57 -33.43
CA HIS G 108 21.26 -5.10 -34.70
C HIS G 108 22.27 -5.01 -35.84
N GLN G 109 23.01 -3.91 -35.88
CA GLN G 109 24.03 -3.71 -36.91
C GLN G 109 25.27 -4.57 -36.71
N LEU G 110 25.68 -4.73 -35.44
CA LEU G 110 26.81 -5.60 -35.11
C LEU G 110 26.47 -7.05 -35.42
N MET G 111 25.22 -7.43 -35.15
CA MET G 111 24.71 -8.76 -35.47
C MET G 111 24.70 -9.01 -37.00
N LYS G 112 24.22 -8.01 -37.76
CA LYS G 112 24.19 -8.09 -39.22
C LYS G 112 25.59 -8.17 -39.84
N LEU G 113 26.55 -7.48 -39.22
CA LEU G 113 27.92 -7.40 -39.71
C LEU G 113 28.63 -8.74 -39.89
N ASN G 114 28.30 -9.70 -39.04
CA ASN G 114 28.77 -11.08 -39.18
C ASN G 114 28.63 -11.57 -40.62
N PHE G 115 27.44 -11.40 -41.17
CA PHE G 115 27.10 -11.91 -42.50
C PHE G 115 27.63 -11.01 -43.61
N GLU G 116 27.73 -9.71 -43.32
CA GLU G 116 28.16 -8.73 -44.31
C GLU G 116 29.68 -8.74 -44.50
N LEU G 117 30.41 -8.85 -43.39
CA LEU G 117 31.87 -8.86 -43.42
C LEU G 117 32.43 -10.24 -43.74
N GLY G 118 31.66 -11.29 -43.42
CA GLY G 118 32.10 -12.66 -43.63
C GLY G 118 33.09 -13.14 -42.57
N ILE G 119 33.18 -12.40 -41.46
CA ILE G 119 33.97 -12.81 -40.29
C ILE G 119 33.14 -12.67 -39.02
N PRO G 120 33.47 -13.42 -37.96
CA PRO G 120 32.74 -13.33 -36.69
C PRO G 120 32.84 -11.96 -36.03
N VAL G 121 31.69 -11.39 -35.68
CA VAL G 121 31.63 -10.15 -34.93
C VAL G 121 31.08 -10.45 -33.53
N ILE G 122 31.96 -10.36 -32.54
CA ILE G 122 31.61 -10.69 -31.16
C ILE G 122 31.02 -9.48 -30.44
N PHE G 123 29.82 -9.65 -29.90
CA PHE G 123 29.13 -8.58 -29.19
C PHE G 123 29.83 -8.24 -27.88
N GLY G 124 30.57 -7.14 -27.89
CA GLY G 124 31.32 -6.70 -26.72
C GLY G 124 30.81 -5.38 -26.16
N VAL G 125 29.52 -5.12 -26.34
CA VAL G 125 28.90 -3.91 -25.84
C VAL G 125 28.15 -4.19 -24.54
N LEU G 126 28.51 -3.46 -23.49
CA LEU G 126 27.79 -3.53 -22.22
C LEU G 126 26.61 -2.58 -22.24
N THR G 127 25.45 -3.09 -21.84
CA THR G 127 24.21 -2.32 -21.80
C THR G 127 23.65 -2.30 -20.39
N CYS G 128 24.20 -1.41 -19.56
CA CYS G 128 23.91 -1.40 -18.12
C CYS G 128 23.05 -0.23 -17.68
N LEU G 129 22.38 -0.40 -16.54
CA LEU G 129 21.57 0.66 -15.93
C LEU G 129 22.37 1.52 -14.96
N THR G 130 23.43 0.95 -14.39
CA THR G 130 24.27 1.65 -13.41
C THR G 130 25.76 1.44 -13.70
N ASP G 131 26.58 2.36 -13.18
CA ASP G 131 28.03 2.25 -13.25
C ASP G 131 28.57 0.97 -12.59
N GLU G 132 27.97 0.59 -11.46
CA GLU G 132 28.35 -0.62 -10.73
C GLU G 132 28.26 -1.86 -11.60
N GLN G 133 27.14 -2.01 -12.30
CA GLN G 133 26.91 -3.15 -13.19
C GLN G 133 28.00 -3.33 -14.24
N ALA G 134 28.38 -2.22 -14.88
CA ALA G 134 29.43 -2.24 -15.90
C ALA G 134 30.81 -2.52 -15.30
N GLU G 135 31.06 -1.96 -14.12
CA GLU G 135 32.29 -2.22 -13.38
C GLU G 135 32.41 -3.69 -12.98
N ALA G 136 31.30 -4.26 -12.51
CA ALA G 136 31.24 -5.66 -12.10
C ALA G 136 31.42 -6.62 -13.27
N ARG G 137 30.85 -6.26 -14.41
CA ARG G 137 30.95 -7.09 -15.62
C ARG G 137 32.26 -6.88 -16.38
N ALA G 138 33.11 -5.98 -15.87
CA ALA G 138 34.47 -5.80 -16.36
C ALA G 138 35.49 -6.31 -15.34
N GLY G 139 34.98 -6.92 -14.27
CA GLY G 139 35.80 -7.52 -13.21
C GLY G 139 36.55 -6.52 -12.35
N LEU G 140 36.00 -5.32 -12.20
CA LEU G 140 36.64 -4.25 -11.44
C LEU G 140 36.26 -4.25 -9.96
N ILE G 141 35.26 -5.05 -9.61
CA ILE G 141 34.87 -5.23 -8.21
C ILE G 141 35.41 -6.56 -7.70
N GLU G 142 36.19 -6.50 -6.62
CA GLU G 142 36.81 -7.68 -6.02
C GLU G 142 35.77 -8.72 -5.60
N GLY G 143 36.00 -9.96 -6.02
CA GLY G 143 35.18 -11.10 -5.61
C GLY G 143 33.77 -11.17 -6.19
N LYS G 144 33.46 -10.27 -7.11
CA LYS G 144 32.14 -10.25 -7.74
C LYS G 144 32.22 -10.52 -9.24
N MET G 145 31.44 -11.49 -9.70
CA MET G 145 31.33 -11.84 -11.12
C MET G 145 32.71 -12.04 -11.79
N HIS G 146 32.79 -11.74 -13.08
CA HIS G 146 34.04 -11.89 -13.84
C HIS G 146 34.13 -10.87 -14.97
N ASN G 147 35.31 -10.75 -15.57
CA ASN G 147 35.53 -9.87 -16.71
C ASN G 147 34.94 -10.47 -17.99
N HIS G 148 33.86 -9.86 -18.47
CA HIS G 148 33.17 -10.29 -19.68
C HIS G 148 34.04 -10.22 -20.94
N GLY G 149 35.03 -9.34 -20.92
CA GLY G 149 36.02 -9.22 -21.99
C GLY G 149 36.71 -10.53 -22.31
N GLU G 150 36.99 -11.31 -21.28
CA GLU G 150 37.61 -12.63 -21.43
C GLU G 150 36.72 -13.60 -22.20
N ASP G 151 35.40 -13.53 -21.96
CA ASP G 151 34.44 -14.33 -22.71
C ASP G 151 34.48 -14.00 -24.20
N TRP G 152 34.57 -12.71 -24.50
CA TRP G 152 34.58 -12.22 -25.88
C TRP G 152 35.82 -12.67 -26.64
N GLY G 153 36.96 -12.68 -25.96
CA GLY G 153 38.19 -13.22 -26.51
C GLY G 153 38.07 -14.69 -26.86
N ALA G 154 37.56 -15.47 -25.90
CA ALA G 154 37.32 -16.90 -26.09
C ALA G 154 36.36 -17.17 -27.25
N ALA G 155 35.31 -16.34 -27.34
CA ALA G 155 34.30 -16.46 -28.39
C ALA G 155 34.88 -16.20 -29.77
N ALA G 156 35.73 -15.18 -29.87
CA ALA G 156 36.35 -14.79 -31.14
C ALA G 156 37.18 -15.94 -31.72
N VAL G 157 37.96 -16.57 -30.85
CA VAL G 157 38.83 -17.68 -31.25
C VAL G 157 38.01 -18.91 -31.68
N GLU G 158 36.96 -19.22 -30.92
CA GLU G 158 36.11 -20.37 -31.21
C GLU G 158 35.38 -20.21 -32.55
N MET G 159 34.78 -19.05 -32.76
CA MET G 159 33.97 -18.79 -33.96
C MET G 159 34.81 -18.73 -35.24
N ALA G 160 36.07 -18.36 -35.11
CA ALA G 160 36.99 -18.30 -36.25
C ALA G 160 37.65 -19.65 -36.55
N THR G 161 37.57 -20.60 -35.61
CA THR G 161 38.26 -21.89 -35.72
C THR G 161 37.32 -23.09 -35.91
N LYS G 162 36.27 -23.15 -35.08
CA LYS G 162 35.41 -24.33 -34.99
C LYS G 162 34.89 -24.89 -36.32
N PHE G 163 34.50 -24.00 -37.22
CA PHE G 163 33.82 -24.40 -38.44
C PHE G 163 34.73 -24.40 -39.69
N ASN G 164 36.04 -24.31 -39.46
CA ASN G 164 37.02 -24.36 -40.55
C ASN G 164 37.20 -25.79 -41.08
N TYR H 13 43.87 13.03 -38.18
CA TYR H 13 42.84 14.04 -37.76
C TYR H 13 42.95 15.35 -38.52
N ASP H 14 43.64 15.32 -39.66
CA ASP H 14 43.76 16.49 -40.53
C ASP H 14 42.48 16.64 -41.36
N GLY H 15 41.70 17.67 -41.06
CA GLY H 15 40.40 17.87 -41.69
C GLY H 15 40.39 18.87 -42.83
N SER H 16 41.56 19.39 -43.17
CA SER H 16 41.69 20.43 -44.20
C SER H 16 41.19 20.01 -45.59
N LYS H 17 41.37 18.73 -45.93
CA LYS H 17 40.90 18.17 -47.20
C LYS H 17 39.43 17.75 -47.20
N LEU H 18 38.76 17.86 -46.05
CA LEU H 18 37.41 17.33 -45.91
C LEU H 18 36.29 18.30 -46.29
N ARG H 19 35.20 17.73 -46.81
CA ARG H 19 33.97 18.46 -47.04
C ARG H 19 32.87 17.78 -46.22
N ILE H 20 32.36 18.49 -45.22
CA ILE H 20 31.38 17.92 -44.29
C ILE H 20 30.02 18.55 -44.53
N GLY H 21 29.00 17.70 -44.66
CA GLY H 21 27.63 18.15 -44.80
C GLY H 21 26.89 18.07 -43.47
N ILE H 22 26.12 19.12 -43.18
CA ILE H 22 25.25 19.13 -42.02
C ILE H 22 23.81 19.31 -42.48
N LEU H 23 22.97 18.34 -42.13
CA LEU H 23 21.56 18.38 -42.47
C LEU H 23 20.75 18.38 -41.18
N HIS H 24 19.97 19.44 -40.96
CA HIS H 24 19.20 19.56 -39.72
C HIS H 24 17.71 19.79 -39.92
N ALA H 25 16.92 19.25 -38.98
CA ALA H 25 15.47 19.46 -38.97
C ALA H 25 15.13 20.88 -38.52
N ARG H 26 13.87 21.27 -38.68
CA ARG H 26 13.46 22.64 -38.36
C ARG H 26 12.60 22.78 -37.09
N TRP H 27 12.15 21.65 -36.55
CA TRP H 27 11.43 21.65 -35.27
C TRP H 27 12.41 21.83 -34.11
N ASN H 28 12.00 22.59 -33.10
CA ASN H 28 12.86 22.97 -31.96
C ASN H 28 14.08 23.76 -32.42
N ARG H 29 13.82 24.89 -33.09
CA ARG H 29 14.85 25.61 -33.86
C ARG H 29 16.05 26.13 -33.08
N LYS H 30 15.83 26.76 -31.93
CA LYS H 30 16.94 27.35 -31.17
C LYS H 30 17.85 26.31 -30.48
N ILE H 31 17.34 25.10 -30.30
CA ILE H 31 18.17 23.97 -29.85
C ILE H 31 18.96 23.43 -31.05
N ILE H 32 18.28 23.26 -32.18
CA ILE H 32 18.91 22.85 -33.44
C ILE H 32 20.08 23.75 -33.78
N ASP H 33 19.84 25.07 -33.81
CA ASP H 33 20.85 26.05 -34.17
C ASP H 33 22.06 26.03 -33.24
N ALA H 34 21.82 25.80 -31.95
CA ALA H 34 22.89 25.69 -30.96
C ALA H 34 23.76 24.45 -31.20
N LEU H 35 23.14 23.36 -31.63
CA LEU H 35 23.86 22.13 -31.94
C LEU H 35 24.68 22.26 -33.22
N VAL H 36 24.09 22.91 -34.23
CA VAL H 36 24.76 23.14 -35.51
C VAL H 36 26.00 24.01 -35.33
N ALA H 37 25.84 25.10 -34.57
CA ALA H 37 26.93 26.04 -34.31
C ALA H 37 28.12 25.36 -33.65
N GLY H 38 27.85 24.46 -32.71
CA GLY H 38 28.89 23.68 -32.04
C GLY H 38 29.61 22.73 -32.98
N ALA H 39 28.86 22.11 -33.87
CA ALA H 39 29.43 21.22 -34.89
C ALA H 39 30.31 22.00 -35.86
N VAL H 40 29.81 23.16 -36.32
CA VAL H 40 30.56 24.05 -37.20
C VAL H 40 31.86 24.50 -36.53
N LYS H 41 31.75 24.92 -35.27
CA LYS H 41 32.90 25.38 -34.48
C LYS H 41 33.98 24.31 -34.36
N ARG H 42 33.57 23.10 -33.97
CA ARG H 42 34.48 21.98 -33.75
C ARG H 42 35.11 21.50 -35.06
N LEU H 43 34.31 21.46 -36.12
CA LEU H 43 34.78 21.14 -37.46
C LEU H 43 35.99 21.99 -37.84
N GLN H 44 35.87 23.29 -37.62
CA GLN H 44 36.90 24.27 -38.00
C GLN H 44 38.17 24.16 -37.17
N GLU H 45 38.05 23.65 -35.94
CA GLU H 45 39.19 23.43 -35.05
C GLU H 45 40.06 22.26 -35.52
N PHE H 46 39.47 21.37 -36.33
CA PHE H 46 40.20 20.27 -36.95
C PHE H 46 40.83 20.68 -38.29
N GLY H 47 40.51 21.88 -38.74
CA GLY H 47 41.06 22.41 -39.99
C GLY H 47 40.10 22.40 -41.17
N VAL H 48 38.84 22.06 -40.91
CA VAL H 48 37.82 22.09 -41.96
C VAL H 48 37.44 23.54 -42.27
N LYS H 49 37.44 23.89 -43.55
CA LYS H 49 37.20 25.25 -44.01
C LYS H 49 35.70 25.56 -44.06
N GLU H 50 35.33 26.81 -43.76
CA GLU H 50 33.92 27.23 -43.72
C GLU H 50 33.17 27.00 -45.03
N GLU H 51 33.86 27.17 -46.15
CA GLU H 51 33.30 26.90 -47.48
C GLU H 51 33.10 25.41 -47.76
N ASN H 52 33.76 24.57 -46.96
CA ASN H 52 33.64 23.12 -47.08
C ASN H 52 32.68 22.51 -46.05
N ILE H 53 31.98 23.36 -45.32
CA ILE H 53 30.93 22.95 -44.40
C ILE H 53 29.58 23.35 -45.01
N ILE H 54 28.89 22.37 -45.56
CA ILE H 54 27.63 22.62 -46.28
C ILE H 54 26.42 22.36 -45.37
N ILE H 55 25.68 23.42 -45.08
CA ILE H 55 24.51 23.35 -44.21
C ILE H 55 23.24 23.34 -45.04
N GLU H 56 22.41 22.31 -44.82
CA GLU H 56 21.11 22.22 -45.47
C GLU H 56 20.04 21.83 -44.46
N THR H 57 18.77 22.09 -44.80
CA THR H 57 17.65 21.84 -43.88
C THR H 57 16.61 20.88 -44.45
N VAL H 58 15.89 20.24 -43.55
CA VAL H 58 14.69 19.43 -43.88
C VAL H 58 13.60 19.76 -42.86
N PRO H 59 12.32 19.46 -43.17
CA PRO H 59 11.24 19.79 -42.24
C PRO H 59 11.37 19.13 -40.86
N GLY H 60 11.46 17.79 -40.85
CA GLY H 60 11.51 17.05 -39.59
C GLY H 60 12.53 15.93 -39.56
N SER H 61 12.63 15.26 -38.42
CA SER H 61 13.62 14.22 -38.20
C SER H 61 13.38 12.95 -39.02
N PHE H 62 12.12 12.70 -39.37
CA PHE H 62 11.79 11.57 -40.24
C PHE H 62 12.37 11.79 -41.63
N GLU H 63 12.48 13.06 -42.03
CA GLU H 63 13.05 13.43 -43.33
C GLU H 63 14.58 13.42 -43.36
N LEU H 64 15.21 13.29 -42.19
CA LEU H 64 16.67 13.31 -42.10
C LEU H 64 17.39 12.24 -42.96
N PRO H 65 17.06 10.95 -42.77
CA PRO H 65 17.83 9.91 -43.48
C PRO H 65 17.73 9.95 -45.01
N TYR H 66 16.53 10.06 -45.56
CA TYR H 66 16.39 10.16 -47.02
C TYR H 66 16.84 11.53 -47.52
N GLY H 67 16.68 12.55 -46.69
CA GLY H 67 17.20 13.88 -46.97
C GLY H 67 18.71 13.87 -47.09
N SER H 68 19.35 13.05 -46.27
CA SER H 68 20.80 12.87 -46.31
C SER H 68 21.21 12.22 -47.61
N LYS H 69 20.43 11.22 -48.03
CA LYS H 69 20.67 10.50 -49.28
C LYS H 69 20.66 11.46 -50.47
N LEU H 70 19.61 12.26 -50.56
CA LEU H 70 19.46 13.23 -51.66
C LEU H 70 20.53 14.31 -51.60
N PHE H 71 20.79 14.81 -50.38
CA PHE H 71 21.83 15.79 -50.13
C PHE H 71 23.18 15.29 -50.62
N VAL H 72 23.54 14.07 -50.23
CA VAL H 72 24.79 13.43 -50.69
C VAL H 72 24.82 13.34 -52.23
N GLU H 73 23.74 12.85 -52.82
CA GLU H 73 23.67 12.67 -54.27
C GLU H 73 23.70 14.00 -55.03
N LYS H 74 23.13 15.05 -54.44
CA LYS H 74 23.16 16.39 -55.04
C LYS H 74 24.59 16.94 -55.08
N GLN H 75 25.34 16.72 -54.01
CA GLN H 75 26.72 17.18 -53.90
C GLN H 75 27.65 16.49 -54.90
N LYS H 76 27.41 15.21 -55.16
CA LYS H 76 28.15 14.46 -56.18
C LYS H 76 27.91 15.05 -57.57
N ARG H 77 26.64 15.30 -57.88
CA ARG H 77 26.26 15.91 -59.16
C ARG H 77 26.82 17.31 -59.30
N LEU H 78 26.92 18.01 -58.16
CA LEU H 78 27.46 19.36 -58.12
C LEU H 78 28.99 19.36 -58.25
N GLY H 79 29.60 18.18 -58.17
CA GLY H 79 31.04 18.02 -58.33
C GLY H 79 31.84 18.23 -57.06
N LYS H 80 31.13 18.46 -55.95
CA LYS H 80 31.75 18.69 -54.66
C LYS H 80 31.20 17.69 -53.64
N PRO H 81 31.69 16.43 -53.68
CA PRO H 81 31.13 15.38 -52.85
C PRO H 81 31.46 15.53 -51.37
N LEU H 82 30.60 14.98 -50.52
CA LEU H 82 30.80 15.03 -49.07
C LEU H 82 31.60 13.82 -48.60
N ASP H 83 32.58 14.09 -47.74
CA ASP H 83 33.39 13.02 -47.14
C ASP H 83 32.69 12.43 -45.92
N ALA H 84 31.78 13.21 -45.34
CA ALA H 84 30.99 12.80 -44.18
C ALA H 84 29.75 13.68 -44.03
N ILE H 85 28.75 13.17 -43.33
CA ILE H 85 27.49 13.89 -43.12
C ILE H 85 27.02 13.79 -41.66
N ILE H 86 26.55 14.92 -41.12
CA ILE H 86 25.98 14.96 -39.78
C ILE H 86 24.51 15.39 -39.87
N PRO H 87 23.59 14.41 -39.92
CA PRO H 87 22.18 14.72 -39.78
C PRO H 87 21.82 15.07 -38.35
N ILE H 88 21.30 16.27 -38.13
CA ILE H 88 20.96 16.76 -36.79
C ILE H 88 19.45 16.90 -36.62
N GLY H 89 18.95 16.48 -35.46
CA GLY H 89 17.53 16.57 -35.14
C GLY H 89 17.28 16.56 -33.65
N VAL H 90 16.16 17.16 -33.23
CA VAL H 90 15.79 17.20 -31.82
C VAL H 90 14.38 16.67 -31.61
N LEU H 91 14.29 15.54 -30.92
CA LEU H 91 13.01 14.92 -30.60
C LEU H 91 12.73 14.99 -29.10
N ILE H 92 11.60 15.60 -28.75
CA ILE H 92 11.15 15.71 -27.36
C ILE H 92 9.86 14.92 -27.19
N LYS H 93 9.84 14.04 -26.19
CA LYS H 93 8.68 13.22 -25.87
C LYS H 93 7.44 14.08 -25.61
N GLY H 94 6.37 13.78 -26.35
CA GLY H 94 5.10 14.48 -26.20
C GLY H 94 4.07 13.65 -25.49
N SER H 95 2.81 13.77 -25.91
CA SER H 95 1.70 13.07 -25.28
C SER H 95 1.41 11.72 -25.95
N THR H 96 1.67 11.65 -27.25
CA THR H 96 1.40 10.44 -28.04
C THR H 96 2.62 9.53 -28.09
N MET H 97 2.55 8.51 -28.95
CA MET H 97 3.68 7.59 -29.16
C MET H 97 4.52 8.02 -30.37
N HIS H 98 4.21 9.18 -30.93
CA HIS H 98 4.93 9.74 -32.07
C HIS H 98 6.44 9.80 -31.83
N PHE H 99 6.82 10.24 -30.62
CA PHE H 99 8.22 10.28 -30.20
C PHE H 99 8.93 8.93 -30.37
N GLU H 100 8.33 7.87 -29.85
CA GLU H 100 8.93 6.53 -29.86
C GLU H 100 9.22 5.99 -31.26
N TYR H 101 8.24 6.10 -32.15
CA TYR H 101 8.35 5.50 -33.49
C TYR H 101 9.18 6.29 -34.49
N ILE H 102 9.26 7.61 -34.31
CA ILE H 102 10.14 8.45 -35.12
C ILE H 102 11.60 8.21 -34.72
N CYS H 103 11.87 8.21 -33.41
CA CYS H 103 13.21 7.92 -32.89
C CYS H 103 13.72 6.55 -33.33
N ASP H 104 12.83 5.57 -33.35
CA ASP H 104 13.19 4.18 -33.64
C ASP H 104 13.66 4.00 -35.07
N SER H 105 12.81 4.38 -36.03
CA SER H 105 13.10 4.20 -37.45
C SER H 105 14.18 5.14 -37.96
N THR H 106 14.27 6.34 -37.36
CA THR H 106 15.29 7.32 -37.73
C THR H 106 16.69 6.88 -37.28
N THR H 107 16.80 6.43 -36.03
CA THR H 107 18.07 5.92 -35.50
C THR H 107 18.57 4.72 -36.31
N HIS H 108 17.66 3.80 -36.62
CA HIS H 108 18.00 2.62 -37.42
C HIS H 108 18.43 2.93 -38.85
N GLN H 109 17.73 3.84 -39.51
CA GLN H 109 18.06 4.19 -40.89
C GLN H 109 19.34 5.00 -41.02
N LEU H 110 19.54 5.96 -40.11
CA LEU H 110 20.78 6.75 -40.09
C LEU H 110 21.98 5.85 -39.89
N MET H 111 21.80 4.81 -39.08
CA MET H 111 22.83 3.80 -38.85
C MET H 111 23.13 3.01 -40.13
N LYS H 112 22.08 2.50 -40.77
CA LYS H 112 22.21 1.74 -42.02
C LYS H 112 22.78 2.58 -43.15
N LEU H 113 22.52 3.87 -43.08
CA LEU H 113 22.94 4.84 -44.09
C LEU H 113 24.47 4.92 -44.24
N ASN H 114 25.18 4.66 -43.16
CA ASN H 114 26.65 4.58 -43.18
C ASN H 114 27.13 3.65 -44.29
N PHE H 115 26.53 2.46 -44.32
CA PHE H 115 26.89 1.42 -45.28
C PHE H 115 26.31 1.66 -46.66
N GLU H 116 25.12 2.26 -46.71
CA GLU H 116 24.44 2.54 -47.98
C GLU H 116 25.12 3.65 -48.78
N LEU H 117 25.53 4.71 -48.08
CA LEU H 117 26.17 5.86 -48.73
C LEU H 117 27.66 5.68 -48.92
N GLY H 118 28.30 4.95 -48.00
CA GLY H 118 29.74 4.72 -48.06
C GLY H 118 30.53 5.89 -47.49
N ILE H 119 29.86 6.71 -46.68
CA ILE H 119 30.51 7.78 -45.92
C ILE H 119 29.97 7.78 -44.48
N PRO H 120 30.80 8.24 -43.52
CA PRO H 120 30.36 8.33 -42.12
C PRO H 120 29.11 9.19 -41.92
N VAL H 121 28.09 8.59 -41.34
CA VAL H 121 26.85 9.28 -40.99
C VAL H 121 26.81 9.38 -39.45
N ILE H 122 27.03 10.59 -38.95
CA ILE H 122 27.12 10.83 -37.52
C ILE H 122 25.74 11.07 -36.93
N PHE H 123 25.39 10.27 -35.92
CA PHE H 123 24.08 10.36 -35.29
C PHE H 123 23.98 11.65 -34.47
N GLY H 124 23.31 12.64 -35.05
CA GLY H 124 23.14 13.94 -34.39
C GLY H 124 21.71 14.21 -33.97
N VAL H 125 21.03 13.17 -33.49
CA VAL H 125 19.64 13.29 -33.07
C VAL H 125 19.50 13.13 -31.56
N LEU H 126 19.00 14.18 -30.91
CA LEU H 126 18.70 14.12 -29.49
C LEU H 126 17.35 13.46 -29.27
N THR H 127 17.32 12.50 -28.36
CA THR H 127 16.09 11.75 -28.05
C THR H 127 15.72 11.96 -26.59
N CYS H 128 15.12 13.12 -26.32
CA CYS H 128 14.90 13.58 -24.94
C CYS H 128 13.46 13.46 -24.48
N LEU H 129 13.28 13.49 -23.16
CA LEU H 129 11.97 13.35 -22.53
C LEU H 129 11.40 14.71 -22.12
N THR H 130 12.28 15.68 -21.90
CA THR H 130 11.88 17.04 -21.54
C THR H 130 12.64 18.06 -22.38
N ASP H 131 12.14 19.30 -22.39
CA ASP H 131 12.80 20.41 -23.07
C ASP H 131 14.19 20.69 -22.50
N GLU H 132 14.27 20.73 -21.17
CA GLU H 132 15.51 21.03 -20.46
C GLU H 132 16.66 20.07 -20.82
N GLN H 133 16.31 18.81 -21.06
CA GLN H 133 17.30 17.78 -21.41
C GLN H 133 18.01 18.09 -22.72
N ALA H 134 17.25 18.52 -23.72
CA ALA H 134 17.82 18.90 -25.01
C ALA H 134 18.62 20.20 -24.89
N GLU H 135 18.08 21.15 -24.14
CA GLU H 135 18.75 22.42 -23.88
C GLU H 135 20.12 22.21 -23.23
N ALA H 136 20.18 21.29 -22.26
CA ALA H 136 21.41 20.95 -21.56
C ALA H 136 22.43 20.26 -22.47
N ARG H 137 21.93 19.41 -23.35
CA ARG H 137 22.79 18.65 -24.27
C ARG H 137 23.14 19.43 -25.53
N ALA H 138 22.57 20.64 -25.65
CA ALA H 138 22.97 21.58 -26.69
C ALA H 138 23.90 22.65 -26.12
N GLY H 139 24.19 22.55 -24.82
CA GLY H 139 25.07 23.49 -24.13
C GLY H 139 24.45 24.86 -23.90
N LEU H 140 23.12 24.91 -23.81
CA LEU H 140 22.37 26.17 -23.74
C LEU H 140 22.14 26.71 -22.33
N ILE H 141 22.23 25.85 -21.32
CA ILE H 141 21.96 26.29 -19.95
C ILE H 141 23.19 26.33 -19.04
N GLU H 142 23.39 27.50 -18.43
CA GLU H 142 24.39 27.72 -17.37
C GLU H 142 25.74 27.04 -17.62
N GLY H 143 26.24 26.31 -16.63
CA GLY H 143 27.51 25.60 -16.75
C GLY H 143 27.41 24.12 -16.47
N LYS H 144 26.41 23.47 -17.05
CA LYS H 144 26.24 22.01 -16.88
C LYS H 144 26.30 21.25 -18.21
N MET H 145 26.96 20.10 -18.16
CA MET H 145 27.19 19.24 -19.34
C MET H 145 27.90 19.99 -20.47
N HIS H 146 27.49 19.75 -21.72
CA HIS H 146 28.14 20.39 -22.88
C HIS H 146 27.27 20.34 -24.14
N ASN H 147 27.81 20.90 -25.23
CA ASN H 147 27.15 20.88 -26.53
C ASN H 147 27.57 19.65 -27.32
N HIS H 148 26.64 18.69 -27.45
CA HIS H 148 26.88 17.44 -28.14
C HIS H 148 27.25 17.60 -29.62
N GLY H 149 26.84 18.74 -30.19
CA GLY H 149 27.19 19.09 -31.58
C GLY H 149 28.68 19.06 -31.84
N GLU H 150 29.45 19.47 -30.84
CA GLU H 150 30.90 19.47 -30.92
C GLU H 150 31.47 18.06 -31.01
N ASP H 151 30.93 17.14 -30.22
CA ASP H 151 31.32 15.73 -30.26
C ASP H 151 31.02 15.13 -31.62
N TRP H 152 29.88 15.52 -32.20
CA TRP H 152 29.47 15.05 -33.52
C TRP H 152 30.41 15.54 -34.61
N GLY H 153 30.86 16.78 -34.47
CA GLY H 153 31.85 17.37 -35.38
C GLY H 153 33.17 16.61 -35.34
N ALA H 154 33.66 16.35 -34.13
CA ALA H 154 34.88 15.59 -33.92
C ALA H 154 34.78 14.17 -34.49
N ALA H 155 33.62 13.54 -34.30
CA ALA H 155 33.36 12.21 -34.82
C ALA H 155 33.42 12.17 -36.34
N ALA H 156 32.84 13.18 -36.99
CA ALA H 156 32.82 13.30 -38.45
C ALA H 156 34.23 13.28 -39.03
N VAL H 157 35.13 14.05 -38.43
CA VAL H 157 36.52 14.14 -38.87
C VAL H 157 37.26 12.83 -38.62
N GLU H 158 37.05 12.25 -37.44
CA GLU H 158 37.70 10.99 -37.08
C GLU H 158 37.28 9.84 -38.01
N MET H 159 35.98 9.70 -38.23
CA MET H 159 35.44 8.59 -39.00
C MET H 159 35.77 8.68 -40.50
N ALA H 160 36.11 9.88 -40.96
CA ALA H 160 36.50 10.09 -42.35
C ALA H 160 38.01 9.99 -42.56
N THR H 161 38.77 9.96 -41.46
CA THR H 161 40.23 10.05 -41.51
C THR H 161 40.95 8.80 -41.02
N LYS H 162 40.55 8.32 -39.85
CA LYS H 162 41.24 7.24 -39.15
C LYS H 162 41.63 6.04 -40.01
N PHE H 163 40.73 5.63 -40.89
CA PHE H 163 40.87 4.35 -41.59
C PHE H 163 41.25 4.46 -43.08
N ASN H 164 41.78 5.60 -43.48
CA ASN H 164 42.23 5.83 -44.86
C ASN H 164 43.36 4.90 -45.29
N LYS I 12 10.76 29.23 -49.69
CA LYS I 12 9.53 28.93 -50.48
C LYS I 12 9.78 27.92 -51.59
N TYR I 13 8.82 27.02 -51.78
CA TYR I 13 8.96 25.92 -52.73
C TYR I 13 7.83 25.92 -53.75
N ASP I 14 8.19 25.73 -55.02
CA ASP I 14 7.23 25.67 -56.10
C ASP I 14 6.87 24.22 -56.43
N GLY I 15 5.60 23.89 -56.25
CA GLY I 15 5.11 22.54 -56.53
C GLY I 15 4.19 22.47 -57.74
N SER I 16 4.26 23.48 -58.60
CA SER I 16 3.39 23.57 -59.78
C SER I 16 3.64 22.46 -60.79
N LYS I 17 4.89 22.01 -60.87
CA LYS I 17 5.27 20.97 -61.82
C LYS I 17 5.37 19.58 -61.19
N LEU I 18 4.67 19.40 -60.06
CA LEU I 18 4.72 18.14 -59.30
C LEU I 18 3.41 17.38 -59.30
N ARG I 19 3.51 16.05 -59.24
CA ARG I 19 2.37 15.18 -59.02
C ARG I 19 2.55 14.47 -57.69
N ILE I 20 1.62 14.72 -56.77
CA ILE I 20 1.69 14.16 -55.42
C ILE I 20 0.57 13.15 -55.22
N GLY I 21 0.91 12.01 -54.64
CA GLY I 21 -0.07 10.99 -54.31
C GLY I 21 -0.34 10.94 -52.83
N ILE I 22 -1.61 10.78 -52.48
CA ILE I 22 -2.03 10.56 -51.09
C ILE I 22 -2.69 9.19 -51.01
N LEU I 23 -2.15 8.34 -50.14
CA LEU I 23 -2.76 7.05 -49.86
C LEU I 23 -3.15 7.01 -48.39
N HIS I 24 -4.44 6.87 -48.13
CA HIS I 24 -4.92 6.86 -46.76
C HIS I 24 -5.72 5.61 -46.38
N ALA I 25 -5.56 5.18 -45.14
CA ALA I 25 -6.34 4.07 -44.58
C ALA I 25 -7.78 4.52 -44.32
N ARG I 26 -8.68 3.55 -44.12
CA ARG I 26 -10.10 3.86 -43.95
C ARG I 26 -10.62 3.75 -42.52
N TRP I 27 -9.80 3.20 -41.63
CA TRP I 27 -10.14 3.15 -40.21
C TRP I 27 -9.94 4.53 -39.58
N ASN I 28 -10.85 4.89 -38.67
CA ASN I 28 -10.91 6.24 -38.09
C ASN I 28 -11.10 7.30 -39.19
N ARG I 29 -12.20 7.14 -39.95
CA ARG I 29 -12.45 7.91 -41.17
C ARG I 29 -12.55 9.42 -40.95
N LYS I 30 -13.25 9.84 -39.89
CA LYS I 30 -13.42 11.26 -39.56
C LYS I 30 -12.09 12.00 -39.44
N ILE I 31 -11.15 11.40 -38.71
CA ILE I 31 -9.83 11.98 -38.51
C ILE I 31 -8.99 11.89 -39.79
N ILE I 32 -9.13 10.76 -40.51
CA ILE I 32 -8.47 10.56 -41.80
C ILE I 32 -8.81 11.68 -42.79
N ASP I 33 -10.10 11.97 -42.93
CA ASP I 33 -10.58 12.93 -43.92
C ASP I 33 -10.06 14.34 -43.65
N ALA I 34 -10.03 14.73 -42.37
CA ALA I 34 -9.50 16.03 -41.98
C ALA I 34 -8.00 16.14 -42.26
N LEU I 35 -7.27 15.04 -42.05
CA LEU I 35 -5.84 14.97 -42.36
C LEU I 35 -5.59 15.10 -43.86
N VAL I 36 -6.41 14.42 -44.66
CA VAL I 36 -6.33 14.47 -46.12
C VAL I 36 -6.64 15.89 -46.63
N ALA I 37 -7.77 16.44 -46.17
CA ALA I 37 -8.17 17.81 -46.52
C ALA I 37 -7.07 18.83 -46.21
N GLY I 38 -6.38 18.62 -45.08
CA GLY I 38 -5.24 19.46 -44.69
C GLY I 38 -4.06 19.33 -45.63
N ALA I 39 -3.73 18.10 -46.02
CA ALA I 39 -2.64 17.84 -46.95
C ALA I 39 -2.95 18.39 -48.34
N VAL I 40 -4.20 18.22 -48.77
CA VAL I 40 -4.69 18.76 -50.04
C VAL I 40 -4.64 20.29 -50.03
N LYS I 41 -5.08 20.89 -48.93
CA LYS I 41 -5.13 22.35 -48.78
C LYS I 41 -3.74 22.98 -48.89
N ARG I 42 -2.78 22.43 -48.15
CA ARG I 42 -1.41 22.93 -48.14
C ARG I 42 -0.69 22.67 -49.48
N LEU I 43 -0.98 21.53 -50.09
CA LEU I 43 -0.47 21.19 -51.42
C LEU I 43 -0.79 22.30 -52.42
N GLN I 44 -2.07 22.65 -52.51
CA GLN I 44 -2.56 23.67 -53.44
C GLN I 44 -2.02 25.07 -53.15
N GLU I 45 -1.67 25.32 -51.89
CA GLU I 45 -1.06 26.58 -51.48
C GLU I 45 0.37 26.72 -52.00
N PHE I 46 1.04 25.59 -52.22
CA PHE I 46 2.39 25.56 -52.78
C PHE I 46 2.38 25.52 -54.32
N GLY I 47 1.18 25.53 -54.90
CA GLY I 47 1.03 25.58 -56.35
C GLY I 47 0.74 24.25 -57.02
N VAL I 48 0.63 23.19 -56.22
CA VAL I 48 0.32 21.87 -56.76
C VAL I 48 -1.12 21.85 -57.26
N LYS I 49 -1.28 21.56 -58.54
CA LYS I 49 -2.59 21.55 -59.20
C LYS I 49 -3.45 20.40 -58.71
N GLU I 50 -4.77 20.62 -58.66
CA GLU I 50 -5.70 19.63 -58.09
C GLU I 50 -5.87 18.37 -58.96
N GLU I 51 -5.65 18.51 -60.27
CA GLU I 51 -5.62 17.36 -61.18
C GLU I 51 -4.36 16.51 -60.98
N ASN I 52 -3.37 17.09 -60.31
CA ASN I 52 -2.11 16.40 -60.02
C ASN I 52 -1.99 15.95 -58.56
N ILE I 53 -3.12 15.90 -57.86
CA ILE I 53 -3.20 15.35 -56.51
C ILE I 53 -4.03 14.08 -56.58
N ILE I 54 -3.36 12.93 -56.50
CA ILE I 54 -4.02 11.64 -56.69
C ILE I 54 -4.28 10.96 -55.35
N ILE I 55 -5.57 10.77 -55.03
CA ILE I 55 -5.97 10.16 -53.76
C ILE I 55 -6.45 8.73 -53.96
N GLU I 56 -5.92 7.82 -53.15
CA GLU I 56 -6.27 6.41 -53.17
C GLU I 56 -6.40 5.89 -51.75
N THR I 57 -7.14 4.78 -51.58
CA THR I 57 -7.41 4.23 -50.25
C THR I 57 -6.94 2.78 -50.08
N VAL I 58 -6.66 2.41 -48.83
CA VAL I 58 -6.38 1.03 -48.44
C VAL I 58 -7.17 0.71 -47.17
N PRO I 59 -7.43 -0.58 -46.89
CA PRO I 59 -8.21 -0.95 -45.70
C PRO I 59 -7.65 -0.36 -44.40
N GLY I 60 -6.43 -0.76 -44.04
CA GLY I 60 -5.82 -0.32 -42.78
C GLY I 60 -4.42 0.21 -42.92
N SER I 61 -3.81 0.56 -41.79
CA SER I 61 -2.48 1.16 -41.78
C SER I 61 -1.35 0.19 -42.15
N PHE I 62 -1.57 -1.10 -41.92
CA PHE I 62 -0.59 -2.13 -42.29
C PHE I 62 -0.43 -2.24 -43.81
N GLU I 63 -1.49 -1.88 -44.53
CA GLU I 63 -1.49 -1.93 -45.99
C GLU I 63 -0.85 -0.70 -46.65
N LEU I 64 -0.47 0.29 -45.85
CA LEU I 64 0.11 1.52 -46.37
C LEU I 64 1.45 1.34 -47.11
N PRO I 65 2.42 0.60 -46.53
CA PRO I 65 3.71 0.40 -47.22
C PRO I 65 3.59 -0.27 -48.59
N TYR I 66 2.99 -1.46 -48.66
CA TYR I 66 2.86 -2.15 -49.94
C TYR I 66 1.86 -1.45 -50.86
N GLY I 67 0.82 -0.86 -50.27
CA GLY I 67 -0.14 -0.06 -51.02
C GLY I 67 0.52 1.10 -51.74
N SER I 68 1.45 1.77 -51.05
CA SER I 68 2.22 2.88 -51.63
C SER I 68 3.05 2.41 -52.83
N LYS I 69 3.67 1.23 -52.71
CA LYS I 69 4.45 0.67 -53.79
C LYS I 69 3.59 0.38 -55.01
N LEU I 70 2.42 -0.23 -54.79
CA LEU I 70 1.48 -0.54 -55.87
C LEU I 70 0.88 0.72 -56.48
N PHE I 71 0.61 1.71 -55.64
CA PHE I 71 0.16 3.04 -56.07
C PHE I 71 1.17 3.65 -57.05
N VAL I 72 2.42 3.73 -56.60
CA VAL I 72 3.52 4.29 -57.38
C VAL I 72 3.71 3.53 -58.70
N GLU I 73 3.65 2.20 -58.64
CA GLU I 73 3.85 1.37 -59.83
C GLU I 73 2.72 1.52 -60.85
N LYS I 74 1.47 1.61 -60.39
CA LYS I 74 0.32 1.80 -61.27
C LYS I 74 0.39 3.17 -61.96
N GLN I 75 0.76 4.19 -61.21
CA GLN I 75 0.90 5.54 -61.73
C GLN I 75 1.98 5.62 -62.81
N LYS I 76 3.05 4.85 -62.65
CA LYS I 76 4.09 4.72 -63.68
C LYS I 76 3.53 4.10 -64.96
N ARG I 77 2.71 3.05 -64.80
CA ARG I 77 2.07 2.38 -65.93
C ARG I 77 1.05 3.25 -66.66
N LEU I 78 0.43 4.17 -65.91
CA LEU I 78 -0.52 5.13 -66.47
C LEU I 78 0.18 6.28 -67.22
N GLY I 79 1.48 6.41 -67.02
CA GLY I 79 2.26 7.50 -67.62
C GLY I 79 2.16 8.78 -66.82
N LYS I 80 1.67 8.67 -65.59
CA LYS I 80 1.52 9.81 -64.69
C LYS I 80 2.25 9.52 -63.37
N PRO I 81 3.60 9.54 -63.40
CA PRO I 81 4.37 9.16 -62.21
C PRO I 81 4.25 10.16 -61.06
N LEU I 82 4.42 9.67 -59.84
CA LEU I 82 4.36 10.53 -58.65
C LEU I 82 5.73 11.01 -58.25
N ASP I 83 5.83 12.27 -57.84
CA ASP I 83 7.08 12.87 -57.38
C ASP I 83 7.28 12.62 -55.88
N ALA I 84 6.18 12.38 -55.18
CA ALA I 84 6.17 12.10 -53.75
C ALA I 84 4.84 11.47 -53.37
N ILE I 85 4.86 10.72 -52.27
CA ILE I 85 3.65 10.09 -51.75
C ILE I 85 3.49 10.33 -50.24
N ILE I 86 2.26 10.58 -49.81
CA ILE I 86 1.96 10.76 -48.40
C ILE I 86 1.03 9.64 -47.91
N PRO I 87 1.60 8.57 -47.34
CA PRO I 87 0.76 7.57 -46.66
C PRO I 87 0.16 8.16 -45.39
N ILE I 88 -1.17 8.13 -45.31
CA ILE I 88 -1.89 8.68 -44.16
C ILE I 88 -2.66 7.57 -43.44
N GLY I 89 -2.46 7.48 -42.13
CA GLY I 89 -3.14 6.50 -41.29
C GLY I 89 -3.32 7.00 -39.87
N VAL I 90 -4.40 6.55 -39.22
CA VAL I 90 -4.66 6.90 -37.84
C VAL I 90 -4.70 5.62 -36.99
N LEU I 91 -3.77 5.53 -36.05
CA LEU I 91 -3.69 4.38 -35.15
C LEU I 91 -3.91 4.81 -33.71
N ILE I 92 -4.89 4.18 -33.08
CA ILE I 92 -5.26 4.49 -31.69
C ILE I 92 -5.08 3.25 -30.82
N LYS I 93 -4.32 3.42 -29.74
CA LYS I 93 -4.08 2.36 -28.76
C LYS I 93 -5.39 1.76 -28.25
N GLY I 94 -5.49 0.44 -28.29
CA GLY I 94 -6.66 -0.28 -27.80
C GLY I 94 -6.35 -1.11 -26.57
N SER I 95 -6.96 -2.29 -26.49
CA SER I 95 -6.77 -3.19 -25.34
C SER I 95 -5.62 -4.17 -25.55
N THR I 96 -5.36 -4.52 -26.81
CA THR I 96 -4.32 -5.49 -27.15
C THR I 96 -3.01 -4.81 -27.54
N MET I 97 -2.05 -5.60 -28.02
CA MET I 97 -0.77 -5.08 -28.48
C MET I 97 -0.75 -4.81 -29.98
N HIS I 98 -1.91 -4.96 -30.62
CA HIS I 98 -2.06 -4.73 -32.06
C HIS I 98 -1.51 -3.37 -32.48
N PHE I 99 -1.91 -2.31 -31.77
CA PHE I 99 -1.43 -0.95 -32.02
C PHE I 99 0.10 -0.84 -32.06
N GLU I 100 0.76 -1.42 -31.06
CA GLU I 100 2.23 -1.36 -30.94
C GLU I 100 2.97 -1.97 -32.14
N TYR I 101 2.56 -3.16 -32.55
CA TYR I 101 3.25 -3.87 -33.62
C TYR I 101 2.88 -3.37 -35.02
N ILE I 102 1.72 -2.73 -35.14
CA ILE I 102 1.34 -2.12 -36.42
C ILE I 102 2.11 -0.82 -36.63
N CYS I 103 2.17 0.02 -35.61
CA CYS I 103 2.94 1.25 -35.66
C CYS I 103 4.40 0.96 -36.02
N ASP I 104 5.02 0.06 -35.27
CA ASP I 104 6.44 -0.25 -35.41
C ASP I 104 6.83 -0.74 -36.81
N SER I 105 6.06 -1.71 -37.34
CA SER I 105 6.34 -2.30 -38.64
C SER I 105 6.07 -1.32 -39.79
N THR I 106 4.97 -0.58 -39.68
CA THR I 106 4.59 0.41 -40.69
C THR I 106 5.62 1.54 -40.78
N THR I 107 5.93 2.16 -39.65
CA THR I 107 6.90 3.26 -39.59
C THR I 107 8.23 2.86 -40.24
N HIS I 108 8.75 1.68 -39.87
CA HIS I 108 10.00 1.19 -40.42
C HIS I 108 9.98 0.99 -41.92
N GLN I 109 8.89 0.41 -42.44
CA GLN I 109 8.77 0.15 -43.87
C GLN I 109 8.46 1.39 -44.71
N LEU I 110 7.70 2.33 -44.15
CA LEU I 110 7.45 3.60 -44.81
C LEU I 110 8.75 4.38 -44.92
N MET I 111 9.58 4.28 -43.89
CA MET I 111 10.91 4.88 -43.90
C MET I 111 11.77 4.26 -45.00
N LYS I 112 11.82 2.93 -45.01
CA LYS I 112 12.57 2.18 -46.03
C LYS I 112 12.06 2.42 -47.45
N LEU I 113 10.76 2.69 -47.59
CA LEU I 113 10.15 2.99 -48.88
C LEU I 113 10.75 4.16 -49.63
N ASN I 114 11.22 5.17 -48.89
CA ASN I 114 11.93 6.30 -49.48
C ASN I 114 13.04 5.84 -50.42
N PHE I 115 13.80 4.83 -49.98
CA PHE I 115 14.96 4.33 -50.70
C PHE I 115 14.59 3.28 -51.75
N GLU I 116 13.55 2.49 -51.45
CA GLU I 116 13.09 1.46 -52.38
C GLU I 116 12.36 2.05 -53.58
N LEU I 117 11.56 3.09 -53.34
CA LEU I 117 10.77 3.73 -54.39
C LEU I 117 11.53 4.83 -55.13
N GLY I 118 12.50 5.44 -54.46
CA GLY I 118 13.29 6.53 -55.05
C GLY I 118 12.60 7.88 -55.03
N ILE I 119 11.47 7.96 -54.31
CA ILE I 119 10.76 9.23 -54.12
C ILE I 119 10.51 9.49 -52.63
N PRO I 120 10.44 10.77 -52.23
CA PRO I 120 10.12 11.09 -50.84
C PRO I 120 8.80 10.48 -50.37
N VAL I 121 8.85 9.80 -49.23
CA VAL I 121 7.68 9.17 -48.62
C VAL I 121 7.45 9.83 -47.26
N ILE I 122 6.42 10.67 -47.17
CA ILE I 122 6.17 11.46 -45.99
C ILE I 122 5.35 10.67 -44.96
N PHE I 123 5.87 10.57 -43.74
CA PHE I 123 5.20 9.84 -42.68
C PHE I 123 3.98 10.61 -42.20
N GLY I 124 2.81 10.16 -42.64
CA GLY I 124 1.54 10.78 -42.25
C GLY I 124 0.69 9.89 -41.37
N VAL I 125 1.35 9.14 -40.49
CA VAL I 125 0.65 8.22 -39.60
C VAL I 125 0.65 8.73 -38.16
N LEU I 126 -0.56 8.95 -37.63
CA LEU I 126 -0.74 9.33 -36.23
C LEU I 126 -0.70 8.09 -35.35
N THR I 127 0.11 8.16 -34.29
CA THR I 127 0.24 7.06 -33.33
C THR I 127 -0.15 7.55 -31.94
N CYS I 128 -1.46 7.56 -31.68
CA CYS I 128 -2.00 8.17 -30.46
C CYS I 128 -2.51 7.16 -29.44
N LEU I 129 -2.58 7.61 -28.18
CA LEU I 129 -3.10 6.78 -27.10
C LEU I 129 -4.60 6.94 -26.88
N THR I 130 -5.14 8.10 -27.26
CA THR I 130 -6.57 8.38 -27.14
C THR I 130 -7.17 8.95 -28.43
N ASP I 131 -8.50 8.98 -28.50
CA ASP I 131 -9.22 9.56 -29.62
C ASP I 131 -9.02 11.08 -29.70
N GLU I 132 -9.09 11.73 -28.55
CA GLU I 132 -8.94 13.18 -28.44
C GLU I 132 -7.58 13.68 -28.96
N GLN I 133 -6.52 12.93 -28.68
CA GLN I 133 -5.18 13.24 -29.17
C GLN I 133 -5.13 13.31 -30.69
N ALA I 134 -5.72 12.30 -31.34
CA ALA I 134 -5.75 12.21 -32.80
C ALA I 134 -6.63 13.31 -33.43
N GLU I 135 -7.73 13.63 -32.77
CA GLU I 135 -8.62 14.71 -33.21
C GLU I 135 -7.91 16.06 -33.18
N ALA I 136 -7.18 16.31 -32.10
CA ALA I 136 -6.44 17.56 -31.90
C ALA I 136 -5.38 17.78 -32.98
N ARG I 137 -4.66 16.71 -33.32
CA ARG I 137 -3.56 16.79 -34.29
C ARG I 137 -4.05 16.74 -35.74
N ALA I 138 -5.36 16.62 -35.91
CA ALA I 138 -6.00 16.76 -37.22
C ALA I 138 -6.75 18.10 -37.31
N GLY I 139 -6.65 18.91 -36.25
CA GLY I 139 -7.28 20.22 -36.19
C GLY I 139 -8.78 20.18 -35.97
N LEU I 140 -9.28 19.06 -35.46
CA LEU I 140 -10.72 18.85 -35.28
C LEU I 140 -11.25 19.44 -33.98
N ILE I 141 -10.35 19.77 -33.06
CA ILE I 141 -10.75 20.38 -31.78
C ILE I 141 -10.61 21.90 -31.84
N GLU I 142 -11.74 22.57 -31.61
CA GLU I 142 -11.90 24.03 -31.71
C GLU I 142 -10.61 24.83 -31.94
N GLY I 143 -9.86 25.11 -30.86
CA GLY I 143 -8.66 25.93 -30.95
C GLY I 143 -7.45 25.33 -30.26
N LYS I 144 -7.15 24.08 -30.57
CA LYS I 144 -5.99 23.40 -30.00
C LYS I 144 -5.08 22.85 -31.08
N MET I 145 -3.80 23.25 -31.03
CA MET I 145 -2.77 22.81 -31.97
C MET I 145 -3.15 23.13 -33.43
N HIS I 146 -2.76 22.25 -34.35
CA HIS I 146 -3.03 22.45 -35.78
C HIS I 146 -3.25 21.13 -36.50
N ASN I 147 -3.65 21.21 -37.77
CA ASN I 147 -3.79 20.04 -38.62
C ASN I 147 -2.42 19.59 -39.12
N HIS I 148 -1.94 18.47 -38.59
CA HIS I 148 -0.64 17.91 -38.96
C HIS I 148 -0.57 17.53 -40.45
N GLY I 149 -1.73 17.37 -41.09
CA GLY I 149 -1.81 17.08 -42.52
C GLY I 149 -1.20 18.18 -43.36
N GLU I 150 -1.33 19.42 -42.90
CA GLU I 150 -0.73 20.57 -43.58
C GLU I 150 0.80 20.53 -43.56
N ASP I 151 1.36 20.10 -42.43
CA ASP I 151 2.81 19.89 -42.32
C ASP I 151 3.31 18.90 -43.36
N TRP I 152 2.55 17.82 -43.57
CA TRP I 152 2.92 16.74 -44.49
C TRP I 152 2.82 17.17 -45.95
N GLY I 153 1.86 18.04 -46.25
CA GLY I 153 1.73 18.62 -47.58
C GLY I 153 2.95 19.46 -47.93
N ALA I 154 3.31 20.35 -47.01
CA ALA I 154 4.49 21.19 -47.16
C ALA I 154 5.78 20.36 -47.27
N ALA I 155 5.85 19.27 -46.51
CA ALA I 155 7.02 18.40 -46.50
C ALA I 155 7.26 17.70 -47.84
N ALA I 156 6.17 17.24 -48.46
CA ALA I 156 6.24 16.53 -49.74
C ALA I 156 6.80 17.42 -50.86
N VAL I 157 6.29 18.63 -50.95
CA VAL I 157 6.73 19.60 -51.95
C VAL I 157 8.22 19.91 -51.78
N GLU I 158 8.64 20.14 -50.55
CA GLU I 158 10.04 20.46 -50.23
C GLU I 158 10.98 19.31 -50.62
N MET I 159 10.71 18.12 -50.10
CA MET I 159 11.58 16.97 -50.30
C MET I 159 11.74 16.56 -51.76
N ALA I 160 10.71 16.84 -52.56
CA ALA I 160 10.72 16.53 -53.99
C ALA I 160 11.53 17.53 -54.82
N THR I 161 11.68 18.76 -54.32
CA THR I 161 12.28 19.84 -55.12
C THR I 161 13.63 20.34 -54.59
N LYS I 162 13.76 20.45 -53.26
CA LYS I 162 14.93 21.05 -52.62
C LYS I 162 16.28 20.58 -53.17
N PHE I 163 16.37 19.28 -53.44
CA PHE I 163 17.60 18.69 -53.98
C PHE I 163 17.44 18.38 -55.46
N ASN I 164 17.21 19.43 -56.25
CA ASN I 164 16.98 19.34 -57.70
C ASN I 164 15.77 18.49 -58.08
N TYR J 13 -15.43 -4.94 -55.06
CA TYR J 13 -14.24 -5.67 -55.60
C TYR J 13 -14.62 -7.06 -56.12
N ASP J 14 -14.11 -7.39 -57.30
CA ASP J 14 -14.33 -8.70 -57.90
C ASP J 14 -13.19 -9.64 -57.55
N GLY J 15 -13.51 -10.76 -56.91
CA GLY J 15 -12.50 -11.73 -56.50
C GLY J 15 -12.63 -13.08 -57.20
N SER J 16 -13.52 -13.15 -58.18
CA SER J 16 -13.81 -14.38 -58.92
C SER J 16 -12.60 -14.97 -59.64
N LYS J 17 -11.69 -14.10 -60.07
CA LYS J 17 -10.52 -14.52 -60.84
C LYS J 17 -9.26 -14.71 -59.97
N LEU J 18 -9.43 -14.54 -58.66
CA LEU J 18 -8.31 -14.61 -57.72
C LEU J 18 -8.15 -15.98 -57.06
N ARG J 19 -6.91 -16.31 -56.71
CA ARG J 19 -6.61 -17.45 -55.87
C ARG J 19 -5.94 -16.95 -54.59
N ILE J 20 -6.58 -17.18 -53.46
CA ILE J 20 -6.10 -16.68 -52.17
C ILE J 20 -5.61 -17.84 -51.31
N GLY J 21 -4.41 -17.67 -50.74
CA GLY J 21 -3.86 -18.64 -49.81
C GLY J 21 -4.11 -18.26 -48.36
N ILE J 22 -4.48 -19.25 -47.56
CA ILE J 22 -4.61 -19.06 -46.11
C ILE J 22 -3.64 -19.99 -45.41
N LEU J 23 -2.64 -19.41 -44.76
CA LEU J 23 -1.70 -20.18 -43.96
C LEU J 23 -1.89 -19.85 -42.50
N HIS J 24 -2.33 -20.82 -41.72
CA HIS J 24 -2.58 -20.59 -40.30
C HIS J 24 -1.74 -21.47 -39.38
N ALA J 25 -1.32 -20.88 -38.26
CA ALA J 25 -0.65 -21.61 -37.19
C ALA J 25 -1.65 -22.50 -36.47
N ARG J 26 -1.15 -23.43 -35.65
CA ARG J 26 -2.02 -24.43 -35.02
C ARG J 26 -2.15 -24.30 -33.50
N TRP J 27 -1.47 -23.31 -32.91
CA TRP J 27 -1.66 -22.99 -31.50
C TRP J 27 -2.90 -22.12 -31.33
N ASN J 28 -3.59 -22.28 -30.20
CA ASN J 28 -4.88 -21.63 -29.94
C ASN J 28 -5.88 -21.95 -31.05
N ARG J 29 -6.09 -23.25 -31.28
CA ARG J 29 -6.84 -23.75 -32.42
C ARG J 29 -8.30 -23.28 -32.50
N LYS J 30 -8.96 -23.20 -31.34
CA LYS J 30 -10.34 -22.71 -31.27
C LYS J 30 -10.46 -21.31 -31.91
N ILE J 31 -9.54 -20.42 -31.56
CA ILE J 31 -9.53 -19.06 -32.08
C ILE J 31 -9.09 -19.04 -33.55
N ILE J 32 -8.07 -19.83 -33.87
CA ILE J 32 -7.55 -19.97 -35.24
C ILE J 32 -8.67 -20.31 -36.23
N ASP J 33 -9.46 -21.34 -35.90
CA ASP J 33 -10.54 -21.81 -36.76
C ASP J 33 -11.60 -20.75 -37.02
N ALA J 34 -11.96 -19.99 -35.98
CA ALA J 34 -12.96 -18.93 -36.10
C ALA J 34 -12.47 -17.82 -37.02
N LEU J 35 -11.19 -17.47 -36.92
CA LEU J 35 -10.57 -16.47 -37.79
C LEU J 35 -10.50 -16.93 -39.24
N VAL J 36 -10.10 -18.19 -39.44
CA VAL J 36 -10.02 -18.80 -40.78
C VAL J 36 -11.41 -18.85 -41.42
N ALA J 37 -12.40 -19.28 -40.64
CA ALA J 37 -13.79 -19.30 -41.08
C ALA J 37 -14.26 -17.91 -41.52
N GLY J 38 -13.82 -16.88 -40.79
CA GLY J 38 -14.12 -15.49 -41.12
C GLY J 38 -13.53 -15.07 -42.46
N ALA J 39 -12.26 -15.42 -42.67
CA ALA J 39 -11.59 -15.16 -43.93
C ALA J 39 -12.28 -15.86 -45.10
N VAL J 40 -12.59 -17.14 -44.90
CA VAL J 40 -13.29 -17.95 -45.92
C VAL J 40 -14.64 -17.33 -46.29
N LYS J 41 -15.46 -17.05 -45.27
CA LYS J 41 -16.78 -16.47 -45.47
C LYS J 41 -16.76 -15.21 -46.31
N ARG J 42 -15.84 -14.29 -46.00
CA ARG J 42 -15.75 -13.01 -46.71
C ARG J 42 -15.17 -13.17 -48.11
N LEU J 43 -14.20 -14.06 -48.26
CA LEU J 43 -13.63 -14.39 -49.57
C LEU J 43 -14.71 -14.83 -50.56
N GLN J 44 -15.55 -15.76 -50.11
CA GLN J 44 -16.65 -16.29 -50.93
C GLN J 44 -17.69 -15.23 -51.28
N GLU J 45 -17.91 -14.29 -50.36
CA GLU J 45 -18.83 -13.18 -50.58
C GLU J 45 -18.27 -12.16 -51.56
N PHE J 46 -16.95 -12.19 -51.76
CA PHE J 46 -16.27 -11.32 -52.73
C PHE J 46 -16.08 -12.00 -54.09
N GLY J 47 -16.65 -13.19 -54.24
CA GLY J 47 -16.62 -13.90 -55.53
C GLY J 47 -15.59 -15.00 -55.65
N VAL J 48 -14.63 -15.05 -54.72
CA VAL J 48 -13.59 -16.09 -54.73
C VAL J 48 -14.22 -17.47 -54.55
N LYS J 49 -13.94 -18.36 -55.49
CA LYS J 49 -14.48 -19.72 -55.50
C LYS J 49 -13.78 -20.59 -54.45
N GLU J 50 -14.53 -21.50 -53.84
CA GLU J 50 -13.99 -22.41 -52.81
C GLU J 50 -12.79 -23.22 -53.30
N GLU J 51 -12.75 -23.49 -54.61
CA GLU J 51 -11.64 -24.18 -55.25
C GLU J 51 -10.36 -23.34 -55.22
N ASN J 52 -10.53 -22.01 -55.26
CA ASN J 52 -9.40 -21.08 -55.31
C ASN J 52 -9.01 -20.49 -53.96
N ILE J 53 -9.54 -21.09 -52.89
CA ILE J 53 -9.10 -20.76 -51.53
C ILE J 53 -8.32 -21.96 -51.01
N ILE J 54 -7.01 -21.76 -50.83
CA ILE J 54 -6.12 -22.85 -50.44
C ILE J 54 -5.67 -22.69 -49.00
N ILE J 55 -6.11 -23.60 -48.14
CA ILE J 55 -5.79 -23.55 -46.71
C ILE J 55 -4.65 -24.51 -46.37
N GLU J 56 -3.60 -23.96 -45.77
CA GLU J 56 -2.46 -24.76 -45.30
C GLU J 56 -2.05 -24.33 -43.89
N THR J 57 -1.42 -25.24 -43.15
CA THR J 57 -1.06 -24.99 -41.76
C THR J 57 0.44 -25.05 -41.48
N VAL J 58 0.88 -24.32 -40.47
CA VAL J 58 2.23 -24.46 -39.89
C VAL J 58 2.11 -24.61 -38.37
N PRO J 59 3.15 -25.14 -37.69
CA PRO J 59 3.04 -25.36 -36.23
C PRO J 59 2.75 -24.09 -35.43
N GLY J 60 3.63 -23.10 -35.55
CA GLY J 60 3.50 -21.85 -34.80
C GLY J 60 3.63 -20.60 -35.66
N SER J 61 3.41 -19.46 -35.04
CA SER J 61 3.43 -18.17 -35.74
C SER J 61 4.81 -17.79 -36.26
N PHE J 62 5.86 -18.25 -35.58
CA PHE J 62 7.22 -18.00 -36.03
C PHE J 62 7.48 -18.64 -37.40
N GLU J 63 6.75 -19.72 -37.69
CA GLU J 63 6.88 -20.43 -38.95
C GLU J 63 6.14 -19.76 -40.11
N LEU J 64 5.18 -18.89 -39.77
CA LEU J 64 4.35 -18.21 -40.79
C LEU J 64 5.11 -17.53 -41.94
N PRO J 65 6.11 -16.68 -41.62
CA PRO J 65 6.83 -16.00 -42.70
C PRO J 65 7.48 -16.93 -43.72
N TYR J 66 8.33 -17.84 -43.27
CA TYR J 66 9.00 -18.79 -44.17
C TYR J 66 8.03 -19.82 -44.74
N GLY J 67 7.00 -20.15 -43.96
CA GLY J 67 5.92 -21.01 -44.43
C GLY J 67 5.17 -20.38 -45.59
N SER J 68 4.94 -19.07 -45.50
CA SER J 68 4.30 -18.32 -46.58
C SER J 68 5.13 -18.38 -47.86
N LYS J 69 6.45 -18.22 -47.72
CA LYS J 69 7.38 -18.29 -48.84
C LYS J 69 7.33 -19.67 -49.49
N LEU J 70 7.36 -20.72 -48.68
CA LEU J 70 7.32 -22.10 -49.17
C LEU J 70 5.96 -22.47 -49.76
N PHE J 71 4.91 -21.88 -49.18
CA PHE J 71 3.55 -22.07 -49.66
C PHE J 71 3.37 -21.40 -51.03
N VAL J 72 3.88 -20.18 -51.18
CA VAL J 72 3.80 -19.43 -52.44
C VAL J 72 4.62 -20.10 -53.56
N GLU J 73 5.80 -20.60 -53.22
CA GLU J 73 6.67 -21.24 -54.21
C GLU J 73 6.14 -22.59 -54.69
N LYS J 74 5.52 -23.35 -53.78
CA LYS J 74 4.92 -24.65 -54.12
C LYS J 74 3.72 -24.48 -55.04
N GLN J 75 2.93 -23.44 -54.80
CA GLN J 75 1.75 -23.16 -55.61
C GLN J 75 2.12 -22.72 -57.03
N LYS J 76 3.22 -22.00 -57.16
CA LYS J 76 3.78 -21.65 -58.47
C LYS J 76 4.25 -22.89 -59.22
N ARG J 77 4.91 -23.78 -58.49
CA ARG J 77 5.42 -25.04 -59.03
C ARG J 77 4.26 -25.94 -59.47
N LEU J 78 3.15 -25.83 -58.74
CA LEU J 78 1.95 -26.61 -59.00
C LEU J 78 1.14 -26.04 -60.17
N GLY J 79 1.46 -24.82 -60.56
CA GLY J 79 0.78 -24.14 -61.65
C GLY J 79 -0.48 -23.42 -61.20
N LYS J 80 -0.63 -23.29 -59.89
CA LYS J 80 -1.79 -22.63 -59.29
C LYS J 80 -1.31 -21.48 -58.41
N PRO J 81 -0.83 -20.38 -59.04
CA PRO J 81 -0.22 -19.30 -58.25
C PRO J 81 -1.22 -18.54 -57.40
N LEU J 82 -0.76 -18.05 -56.25
CA LEU J 82 -1.57 -17.26 -55.35
C LEU J 82 -1.50 -15.79 -55.71
N ASP J 83 -2.64 -15.11 -55.65
CA ASP J 83 -2.71 -13.67 -55.91
C ASP J 83 -2.52 -12.88 -54.63
N ALA J 84 -2.81 -13.52 -53.49
CA ALA J 84 -2.61 -12.95 -52.16
C ALA J 84 -2.50 -14.06 -51.13
N ILE J 85 -1.95 -13.74 -49.96
CA ILE J 85 -1.86 -14.71 -48.87
C ILE J 85 -2.23 -14.09 -47.53
N ILE J 86 -2.97 -14.84 -46.72
CA ILE J 86 -3.37 -14.41 -45.39
C ILE J 86 -2.73 -15.33 -44.33
N PRO J 87 -1.57 -14.94 -43.78
CA PRO J 87 -1.01 -15.67 -42.64
C PRO J 87 -1.82 -15.39 -41.38
N ILE J 88 -2.40 -16.44 -40.80
CA ILE J 88 -3.21 -16.30 -39.59
C ILE J 88 -2.52 -16.96 -38.40
N GLY J 89 -2.33 -16.18 -37.34
CA GLY J 89 -1.75 -16.67 -36.09
C GLY J 89 -2.37 -16.00 -34.88
N VAL J 90 -2.35 -16.71 -33.75
CA VAL J 90 -2.89 -16.16 -32.50
C VAL J 90 -1.81 -16.20 -31.43
N LEU J 91 -1.41 -15.01 -30.99
CA LEU J 91 -0.38 -14.89 -29.96
C LEU J 91 -0.94 -14.21 -28.72
N ILE J 92 -0.79 -14.90 -27.58
CA ILE J 92 -1.31 -14.43 -26.30
C ILE J 92 -0.17 -14.39 -25.29
N LYS J 93 -0.04 -13.25 -24.60
CA LYS J 93 1.02 -13.03 -23.61
C LYS J 93 1.04 -14.09 -22.51
N GLY J 94 2.22 -14.66 -22.27
CA GLY J 94 2.41 -15.64 -21.22
C GLY J 94 3.14 -15.06 -20.02
N SER J 95 3.99 -15.88 -19.40
CA SER J 95 4.74 -15.48 -18.22
C SER J 95 6.18 -15.07 -18.54
N THR J 96 6.64 -15.44 -19.73
CA THR J 96 7.98 -15.08 -20.20
C THR J 96 7.90 -13.97 -21.24
N MET J 97 9.05 -13.66 -21.84
CA MET J 97 9.09 -12.63 -22.89
C MET J 97 8.92 -13.22 -24.28
N HIS J 98 8.60 -14.52 -24.32
CA HIS J 98 8.39 -15.25 -25.57
C HIS J 98 7.44 -14.52 -26.52
N PHE J 99 6.29 -14.11 -25.98
CA PHE J 99 5.28 -13.35 -26.72
C PHE J 99 5.86 -12.16 -27.47
N GLU J 100 6.59 -11.30 -26.76
CA GLU J 100 7.13 -10.05 -27.31
C GLU J 100 8.04 -10.25 -28.52
N TYR J 101 8.90 -11.26 -28.46
CA TYR J 101 9.89 -11.48 -29.51
C TYR J 101 9.36 -12.26 -30.70
N ILE J 102 8.36 -13.11 -30.47
CA ILE J 102 7.67 -13.79 -31.57
C ILE J 102 6.82 -12.78 -32.33
N CYS J 103 6.06 -11.96 -31.60
CA CYS J 103 5.24 -10.89 -32.20
C CYS J 103 6.09 -9.97 -33.07
N ASP J 104 7.16 -9.43 -32.49
CA ASP J 104 8.00 -8.44 -33.15
C ASP J 104 8.65 -8.96 -34.43
N SER J 105 9.27 -10.12 -34.34
CA SER J 105 10.00 -10.70 -35.48
C SER J 105 9.06 -11.17 -36.60
N THR J 106 7.90 -11.71 -36.22
CA THR J 106 6.91 -12.17 -37.19
C THR J 106 6.27 -11.00 -37.93
N THR J 107 5.85 -9.98 -37.19
CA THR J 107 5.21 -8.81 -37.77
C THR J 107 6.10 -8.14 -38.81
N HIS J 108 7.35 -7.87 -38.45
CA HIS J 108 8.32 -7.23 -39.35
C HIS J 108 8.58 -8.04 -40.61
N GLN J 109 8.68 -9.36 -40.45
CA GLN J 109 9.00 -10.25 -41.55
C GLN J 109 7.82 -10.40 -42.53
N LEU J 110 6.60 -10.47 -41.99
CA LEU J 110 5.40 -10.54 -42.82
C LEU J 110 5.18 -9.26 -43.61
N MET J 111 5.55 -8.13 -42.99
CA MET J 111 5.54 -6.84 -43.66
C MET J 111 6.53 -6.83 -44.83
N LYS J 112 7.76 -7.27 -44.57
CA LYS J 112 8.80 -7.39 -45.60
C LYS J 112 8.41 -8.36 -46.70
N LEU J 113 7.64 -9.39 -46.35
CA LEU J 113 7.19 -10.42 -47.28
C LEU J 113 6.34 -9.91 -48.45
N ASN J 114 5.55 -8.86 -48.20
CA ASN J 114 4.77 -8.20 -49.26
C ASN J 114 5.65 -7.92 -50.47
N PHE J 115 6.83 -7.37 -50.20
CA PHE J 115 7.74 -6.89 -51.23
C PHE J 115 8.57 -8.01 -51.84
N GLU J 116 8.95 -8.98 -51.01
CA GLU J 116 9.82 -10.07 -51.44
C GLU J 116 9.09 -11.15 -52.24
N LEU J 117 7.81 -11.36 -51.94
CA LEU J 117 6.99 -12.33 -52.66
C LEU J 117 6.25 -11.71 -53.85
N GLY J 118 6.02 -10.40 -53.80
CA GLY J 118 5.36 -9.69 -54.89
C GLY J 118 3.85 -9.86 -54.92
N ILE J 119 3.30 -10.35 -53.82
CA ILE J 119 1.84 -10.44 -53.63
C ILE J 119 1.46 -9.88 -52.25
N PRO J 120 0.22 -9.36 -52.11
CA PRO J 120 -0.27 -8.88 -50.82
C PRO J 120 -0.18 -9.92 -49.72
N VAL J 121 0.50 -9.57 -48.63
CA VAL J 121 0.55 -10.40 -47.43
C VAL J 121 -0.27 -9.66 -46.37
N ILE J 122 -1.43 -10.22 -46.05
CA ILE J 122 -2.35 -9.58 -45.09
C ILE J 122 -2.05 -10.05 -43.67
N PHE J 123 -1.73 -9.10 -42.79
CA PHE J 123 -1.37 -9.39 -41.41
C PHE J 123 -2.54 -9.95 -40.62
N GLY J 124 -2.62 -11.27 -40.55
CA GLY J 124 -3.70 -11.95 -39.83
C GLY J 124 -3.25 -12.53 -38.50
N VAL J 125 -2.31 -11.86 -37.85
CA VAL J 125 -1.81 -12.31 -36.55
C VAL J 125 -2.39 -11.45 -35.44
N LEU J 126 -3.10 -12.08 -34.52
CA LEU J 126 -3.59 -11.40 -33.32
C LEU J 126 -2.51 -11.35 -32.26
N THR J 127 -2.25 -10.16 -31.72
CA THR J 127 -1.26 -9.98 -30.67
C THR J 127 -1.96 -9.48 -29.40
N CYS J 128 -2.46 -10.43 -28.62
CA CYS J 128 -3.33 -10.13 -27.48
C CYS J 128 -2.66 -10.38 -26.13
N LEU J 129 -3.10 -9.65 -25.11
CA LEU J 129 -2.60 -9.82 -23.76
C LEU J 129 -3.36 -10.92 -23.02
N THR J 130 -4.64 -11.10 -23.38
CA THR J 130 -5.50 -12.09 -22.73
C THR J 130 -6.21 -12.96 -23.76
N ASP J 131 -6.59 -14.17 -23.34
CA ASP J 131 -7.35 -15.10 -24.18
C ASP J 131 -8.74 -14.54 -24.52
N GLU J 132 -9.33 -13.80 -23.58
CA GLU J 132 -10.60 -13.10 -23.78
C GLU J 132 -10.53 -12.10 -24.95
N GLN J 133 -9.44 -11.34 -25.01
CA GLN J 133 -9.23 -10.38 -26.08
C GLN J 133 -9.18 -11.02 -27.46
N ALA J 134 -8.54 -12.18 -27.55
CA ALA J 134 -8.38 -12.91 -28.80
C ALA J 134 -9.68 -13.52 -29.29
N GLU J 135 -10.50 -14.02 -28.37
CA GLU J 135 -11.78 -14.61 -28.72
C GLU J 135 -12.79 -13.54 -29.13
N ALA J 136 -12.70 -12.37 -28.51
CA ALA J 136 -13.55 -11.23 -28.84
C ALA J 136 -13.29 -10.72 -30.26
N ARG J 137 -12.02 -10.76 -30.67
CA ARG J 137 -11.60 -10.31 -32.00
C ARG J 137 -11.67 -11.42 -33.05
N ALA J 138 -12.22 -12.57 -32.64
CA ALA J 138 -12.47 -13.68 -33.56
C ALA J 138 -13.97 -13.87 -33.78
N GLY J 139 -14.77 -13.00 -33.16
CA GLY J 139 -16.22 -13.06 -33.26
C GLY J 139 -16.84 -14.19 -32.48
N LEU J 140 -16.10 -14.71 -31.49
CA LEU J 140 -16.54 -15.85 -30.69
C LEU J 140 -17.41 -15.50 -29.48
N ILE J 141 -17.46 -14.22 -29.13
CA ILE J 141 -18.30 -13.76 -28.02
C ILE J 141 -19.63 -13.20 -28.53
N GLU J 142 -20.72 -13.83 -28.12
CA GLU J 142 -22.08 -13.59 -28.62
C GLU J 142 -22.35 -12.19 -29.18
N GLY J 143 -22.35 -11.18 -28.31
CA GLY J 143 -22.68 -9.82 -28.71
C GLY J 143 -21.60 -8.80 -28.43
N LYS J 144 -20.42 -9.03 -28.98
CA LYS J 144 -19.27 -8.16 -28.76
C LYS J 144 -18.35 -8.13 -29.98
N MET J 145 -18.07 -6.92 -30.47
CA MET J 145 -17.14 -6.68 -31.59
C MET J 145 -17.44 -7.55 -32.82
N HIS J 146 -16.41 -7.99 -33.53
CA HIS J 146 -16.59 -8.77 -34.75
C HIS J 146 -15.37 -9.64 -35.08
N ASN J 147 -15.57 -10.59 -35.99
CA ASN J 147 -14.51 -11.46 -36.48
C ASN J 147 -13.55 -10.70 -37.40
N HIS J 148 -12.31 -10.53 -36.93
CA HIS J 148 -11.27 -9.82 -37.68
C HIS J 148 -10.84 -10.58 -38.94
N GLY J 149 -11.09 -11.88 -38.96
CA GLY J 149 -10.85 -12.71 -40.13
C GLY J 149 -11.54 -12.20 -41.38
N GLU J 150 -12.76 -11.71 -41.21
CA GLU J 150 -13.53 -11.14 -42.32
C GLU J 150 -12.83 -9.93 -42.92
N ASP J 151 -12.26 -9.08 -42.06
CA ASP J 151 -11.49 -7.91 -42.49
C ASP J 151 -10.28 -8.30 -43.32
N TRP J 152 -9.63 -9.40 -42.95
CA TRP J 152 -8.47 -9.89 -43.67
C TRP J 152 -8.86 -10.52 -45.00
N GLY J 153 -10.07 -11.06 -45.06
CA GLY J 153 -10.64 -11.58 -46.29
C GLY J 153 -10.88 -10.47 -47.30
N ALA J 154 -11.53 -9.41 -46.84
CA ALA J 154 -11.82 -8.25 -47.67
C ALA J 154 -10.54 -7.54 -48.13
N ALA J 155 -9.57 -7.43 -47.23
CA ALA J 155 -8.31 -6.76 -47.52
C ALA J 155 -7.51 -7.49 -48.59
N ALA J 156 -7.50 -8.83 -48.52
CA ALA J 156 -6.79 -9.66 -49.48
C ALA J 156 -7.30 -9.46 -50.90
N VAL J 157 -8.62 -9.37 -51.06
CA VAL J 157 -9.25 -9.16 -52.36
C VAL J 157 -8.95 -7.76 -52.90
N GLU J 158 -9.02 -6.76 -52.02
CA GLU J 158 -8.80 -5.37 -52.40
C GLU J 158 -7.37 -5.14 -52.89
N MET J 159 -6.39 -5.55 -52.08
CA MET J 159 -4.98 -5.34 -52.39
C MET J 159 -4.50 -6.11 -53.62
N ALA J 160 -5.28 -7.11 -54.04
CA ALA J 160 -4.95 -7.92 -55.20
C ALA J 160 -5.56 -7.37 -56.49
N THR J 161 -6.56 -6.52 -56.37
CA THR J 161 -7.29 -6.01 -57.55
C THR J 161 -7.19 -4.50 -57.78
N LYS J 162 -7.10 -3.74 -56.68
CA LYS J 162 -7.21 -2.27 -56.74
C LYS J 162 -6.22 -1.59 -57.69
N PHE J 163 -5.00 -2.10 -57.74
CA PHE J 163 -3.93 -1.46 -58.50
C PHE J 163 -3.51 -2.23 -59.76
N ASN J 164 -3.80 -3.52 -59.81
CA ASN J 164 -3.38 -4.36 -60.93
C ASN J 164 -4.24 -4.16 -62.18
N LYS K 12 -2.16 -35.96 6.38
CA LYS K 12 -0.69 -35.86 6.61
C LYS K 12 -0.32 -34.78 7.62
N TYR K 13 -1.33 -34.30 8.36
CA TYR K 13 -1.14 -33.23 9.33
C TYR K 13 -0.49 -33.73 10.62
N ASP K 14 0.47 -32.94 11.11
CA ASP K 14 1.21 -33.27 12.33
C ASP K 14 0.67 -32.47 13.51
N GLY K 15 0.21 -33.17 14.54
CA GLY K 15 -0.37 -32.52 15.72
C GLY K 15 0.46 -32.70 16.99
N SER K 16 1.58 -33.42 16.88
CA SER K 16 2.41 -33.74 18.03
C SER K 16 2.91 -32.53 18.82
N LYS K 17 2.99 -31.38 18.15
CA LYS K 17 3.47 -30.14 18.79
C LYS K 17 2.32 -29.21 19.18
N LEU K 18 1.09 -29.65 18.92
CA LEU K 18 -0.09 -28.82 19.16
C LEU K 18 -0.73 -29.06 20.52
N ARG K 19 -1.42 -28.04 21.01
CA ARG K 19 -2.24 -28.11 22.21
C ARG K 19 -3.65 -27.70 21.82
N ILE K 20 -4.59 -28.64 21.90
CA ILE K 20 -5.96 -28.41 21.48
C ILE K 20 -6.91 -28.45 22.67
N GLY K 21 -7.76 -27.43 22.77
CA GLY K 21 -8.76 -27.36 23.83
C GLY K 21 -10.14 -27.76 23.32
N ILE K 22 -10.90 -28.43 24.19
CA ILE K 22 -12.30 -28.77 23.91
C ILE K 22 -13.16 -28.21 25.04
N LEU K 23 -14.13 -27.37 24.67
CA LEU K 23 -15.05 -26.79 25.65
C LEU K 23 -16.47 -27.21 25.32
N HIS K 24 -17.06 -28.05 26.16
CA HIS K 24 -18.41 -28.55 25.87
C HIS K 24 -19.48 -28.11 26.86
N ALA K 25 -20.71 -27.98 26.35
CA ALA K 25 -21.88 -27.70 27.18
C ALA K 25 -22.26 -28.97 27.95
N ARG K 26 -23.15 -28.84 28.91
CA ARG K 26 -23.53 -29.97 29.77
C ARG K 26 -24.97 -30.47 29.57
N TRP K 27 -25.77 -29.73 28.82
CA TRP K 27 -27.10 -30.19 28.40
C TRP K 27 -26.95 -31.26 27.33
N ASN K 28 -27.80 -32.29 27.41
CA ASN K 28 -27.73 -33.45 26.52
C ASN K 28 -26.36 -34.13 26.60
N ARG K 29 -25.96 -34.46 27.83
CA ARG K 29 -24.62 -34.94 28.14
C ARG K 29 -24.22 -36.20 27.35
N LYS K 30 -25.17 -37.13 27.20
CA LYS K 30 -24.92 -38.38 26.49
C LYS K 30 -24.41 -38.16 25.06
N ILE K 31 -25.08 -37.27 24.33
CA ILE K 31 -24.69 -36.94 22.95
C ILE K 31 -23.40 -36.12 22.94
N ILE K 32 -23.28 -35.21 23.91
CA ILE K 32 -22.07 -34.41 24.11
C ILE K 32 -20.84 -35.30 24.30
N ASP K 33 -20.96 -36.29 25.19
CA ASP K 33 -19.86 -37.19 25.52
C ASP K 33 -19.33 -37.96 24.31
N ALA K 34 -20.23 -38.42 23.46
CA ALA K 34 -19.85 -39.15 22.25
C ALA K 34 -19.08 -38.28 21.26
N LEU K 35 -19.51 -37.02 21.14
CA LEU K 35 -18.84 -36.05 20.25
C LEU K 35 -17.45 -35.68 20.76
N VAL K 36 -17.35 -35.51 22.09
CA VAL K 36 -16.08 -35.23 22.75
C VAL K 36 -15.12 -36.40 22.55
N ALA K 37 -15.59 -37.62 22.79
CA ALA K 37 -14.78 -38.83 22.64
C ALA K 37 -14.28 -39.00 21.21
N GLY K 38 -15.11 -38.64 20.24
CA GLY K 38 -14.74 -38.65 18.83
C GLY K 38 -13.67 -37.64 18.53
N ALA K 39 -13.82 -36.44 19.09
CA ALA K 39 -12.85 -35.37 18.94
C ALA K 39 -11.49 -35.72 19.58
N VAL K 40 -11.55 -36.39 20.73
CA VAL K 40 -10.35 -36.87 21.43
C VAL K 40 -9.66 -37.96 20.61
N LYS K 41 -10.45 -38.90 20.09
CA LYS K 41 -9.96 -40.03 19.31
C LYS K 41 -9.18 -39.59 18.07
N ARG K 42 -9.70 -38.60 17.36
CA ARG K 42 -9.06 -38.08 16.15
C ARG K 42 -7.84 -37.21 16.47
N LEU K 43 -7.92 -36.45 17.57
CA LEU K 43 -6.80 -35.67 18.07
C LEU K 43 -5.60 -36.57 18.37
N GLN K 44 -5.85 -37.68 19.07
CA GLN K 44 -4.80 -38.64 19.40
C GLN K 44 -4.19 -39.27 18.15
N GLU K 45 -5.02 -39.54 17.15
CA GLU K 45 -4.58 -40.16 15.88
C GLU K 45 -3.70 -39.23 15.05
N PHE K 46 -3.95 -37.93 15.14
CA PHE K 46 -3.14 -36.93 14.43
C PHE K 46 -1.85 -36.55 15.16
N GLY K 47 -1.59 -37.20 16.29
CA GLY K 47 -0.34 -37.03 17.00
C GLY K 47 -0.40 -36.21 18.28
N VAL K 48 -1.50 -35.51 18.50
CA VAL K 48 -1.67 -34.67 19.68
C VAL K 48 -1.55 -35.51 20.95
N LYS K 49 -0.64 -35.10 21.82
CA LYS K 49 -0.32 -35.85 23.03
C LYS K 49 -1.41 -35.72 24.09
N GLU K 50 -1.52 -36.75 24.93
CA GLU K 50 -2.56 -36.85 25.96
C GLU K 50 -2.70 -35.60 26.82
N GLU K 51 -1.58 -35.05 27.27
CA GLU K 51 -1.55 -33.85 28.11
C GLU K 51 -1.95 -32.58 27.36
N ASN K 52 -1.89 -32.62 26.03
CA ASN K 52 -2.20 -31.45 25.20
C ASN K 52 -3.62 -31.42 24.64
N ILE K 53 -4.47 -32.32 25.16
CA ILE K 53 -5.91 -32.25 24.91
C ILE K 53 -6.58 -31.82 26.22
N ILE K 54 -7.02 -30.56 26.26
CA ILE K 54 -7.61 -29.99 27.47
C ILE K 54 -9.13 -29.92 27.37
N ILE K 55 -9.81 -30.62 28.29
CA ILE K 55 -11.26 -30.64 28.32
C ILE K 55 -11.79 -29.76 29.47
N GLU K 56 -12.68 -28.84 29.12
CA GLU K 56 -13.36 -28.01 30.12
C GLU K 56 -14.85 -27.90 29.77
N THR K 57 -15.68 -27.55 30.75
CA THR K 57 -17.13 -27.53 30.56
C THR K 57 -17.78 -26.18 30.86
N VAL K 58 -18.92 -25.93 30.22
CA VAL K 58 -19.78 -24.79 30.53
C VAL K 58 -21.23 -25.29 30.68
N PRO K 59 -22.07 -24.55 31.44
CA PRO K 59 -23.46 -24.99 31.63
C PRO K 59 -24.24 -25.21 30.32
N GLY K 60 -24.32 -24.19 29.48
CA GLY K 60 -25.08 -24.28 28.22
C GLY K 60 -24.34 -23.81 26.99
N SER K 61 -24.98 -23.94 25.83
CA SER K 61 -24.38 -23.55 24.55
C SER K 61 -24.15 -22.04 24.42
N PHE K 62 -24.97 -21.25 25.11
CA PHE K 62 -24.83 -19.80 25.12
C PHE K 62 -23.52 -19.37 25.80
N GLU K 63 -23.05 -20.20 26.73
CA GLU K 63 -21.82 -19.92 27.45
C GLU K 63 -20.55 -20.35 26.70
N LEU K 64 -20.73 -20.92 25.51
CA LEU K 64 -19.60 -21.41 24.71
C LEU K 64 -18.65 -20.31 24.20
N PRO K 65 -19.18 -19.23 23.60
CA PRO K 65 -18.29 -18.19 23.11
C PRO K 65 -17.44 -17.54 24.21
N TYR K 66 -18.06 -16.89 25.18
CA TYR K 66 -17.29 -16.22 26.25
C TYR K 66 -16.51 -17.20 27.11
N GLY K 67 -17.05 -18.40 27.29
CA GLY K 67 -16.36 -19.47 27.99
C GLY K 67 -15.08 -19.85 27.26
N SER K 68 -15.14 -19.83 25.93
CA SER K 68 -13.97 -20.12 25.10
C SER K 68 -12.86 -19.10 25.29
N LYS K 69 -13.23 -17.82 25.38
CA LYS K 69 -12.26 -16.76 25.64
C LYS K 69 -11.61 -16.92 27.03
N LEU K 70 -12.44 -17.14 28.05
CA LEU K 70 -11.94 -17.34 29.41
C LEU K 70 -11.02 -18.56 29.50
N PHE K 71 -11.37 -19.60 28.74
CA PHE K 71 -10.59 -20.82 28.61
C PHE K 71 -9.23 -20.52 27.97
N VAL K 72 -9.25 -19.84 26.83
CA VAL K 72 -8.03 -19.46 26.11
C VAL K 72 -7.13 -18.56 26.94
N GLU K 73 -7.74 -17.59 27.64
CA GLU K 73 -6.99 -16.65 28.49
C GLU K 73 -6.36 -17.34 29.69
N LYS K 74 -7.06 -18.33 30.26
CA LYS K 74 -6.54 -19.10 31.39
C LYS K 74 -5.32 -19.91 30.96
N GLN K 75 -5.41 -20.56 29.81
CA GLN K 75 -4.32 -21.37 29.27
C GLN K 75 -3.08 -20.53 28.94
N LYS K 76 -3.29 -19.28 28.52
CA LYS K 76 -2.19 -18.33 28.32
C LYS K 76 -1.49 -17.99 29.64
N ARG K 77 -2.27 -17.76 30.69
CA ARG K 77 -1.74 -17.42 32.02
C ARG K 77 -0.99 -18.59 32.66
N LEU K 78 -1.36 -19.81 32.29
CA LEU K 78 -0.73 -21.01 32.81
C LEU K 78 0.54 -21.37 32.05
N GLY K 79 0.78 -20.69 30.94
CA GLY K 79 1.98 -20.91 30.12
C GLY K 79 1.81 -22.06 29.15
N LYS K 80 0.57 -22.50 28.97
CA LYS K 80 0.25 -23.61 28.08
C LYS K 80 -0.88 -23.20 27.13
N PRO K 81 -0.58 -22.31 26.16
CA PRO K 81 -1.61 -21.76 25.29
C PRO K 81 -2.18 -22.78 24.31
N LEU K 82 -3.45 -22.60 23.95
CA LEU K 82 -4.12 -23.46 22.99
C LEU K 82 -3.82 -23.01 21.56
N ASP K 83 -3.62 -23.97 20.67
CA ASP K 83 -3.40 -23.69 19.26
C ASP K 83 -4.72 -23.66 18.49
N ALA K 84 -5.70 -24.39 19.01
CA ALA K 84 -7.05 -24.44 18.43
C ALA K 84 -8.04 -24.88 19.50
N ILE K 85 -9.26 -24.36 19.42
CA ILE K 85 -10.32 -24.71 20.35
C ILE K 85 -11.53 -25.32 19.64
N ILE K 86 -12.11 -26.35 20.25
CA ILE K 86 -13.32 -26.99 19.72
C ILE K 86 -14.47 -26.81 20.72
N PRO K 87 -15.20 -25.69 20.63
CA PRO K 87 -16.40 -25.55 21.45
C PRO K 87 -17.51 -26.46 20.92
N ILE K 88 -18.00 -27.34 21.80
CA ILE K 88 -19.01 -28.34 21.43
C ILE K 88 -20.32 -28.12 22.18
N GLY K 89 -21.43 -28.16 21.43
CA GLY K 89 -22.76 -28.03 22.01
C GLY K 89 -23.80 -28.82 21.24
N VAL K 90 -24.89 -29.20 21.91
CA VAL K 90 -26.01 -29.87 21.26
C VAL K 90 -27.32 -29.15 21.56
N LEU K 91 -27.91 -28.59 20.51
CA LEU K 91 -29.16 -27.86 20.65
C LEU K 91 -30.29 -28.54 19.87
N ILE K 92 -31.28 -29.02 20.61
CA ILE K 92 -32.47 -29.64 20.02
C ILE K 92 -33.61 -28.62 20.03
N LYS K 93 -34.43 -28.64 18.98
CA LYS K 93 -35.59 -27.77 18.90
C LYS K 93 -36.65 -28.19 19.92
N GLY K 94 -37.04 -27.23 20.76
CA GLY K 94 -38.10 -27.46 21.75
C GLY K 94 -39.44 -26.91 21.27
N SER K 95 -40.18 -26.31 22.19
CA SER K 95 -41.50 -25.77 21.89
C SER K 95 -41.43 -24.28 21.55
N THR K 96 -40.61 -23.55 22.31
CA THR K 96 -40.47 -22.11 22.13
C THR K 96 -39.45 -21.79 21.03
N MET K 97 -39.11 -20.51 20.89
CA MET K 97 -38.13 -20.07 19.90
C MET K 97 -36.72 -19.97 20.50
N HIS K 98 -36.58 -20.48 21.73
CA HIS K 98 -35.31 -20.53 22.45
C HIS K 98 -34.21 -21.16 21.60
N PHE K 99 -34.53 -22.29 20.96
CA PHE K 99 -33.62 -22.99 20.07
C PHE K 99 -32.99 -22.07 19.02
N GLU K 100 -33.83 -21.34 18.30
CA GLU K 100 -33.38 -20.49 17.18
C GLU K 100 -32.43 -19.37 17.59
N TYR K 101 -32.80 -18.63 18.63
CA TYR K 101 -32.02 -17.45 19.04
C TYR K 101 -30.70 -17.80 19.72
N ILE K 102 -30.67 -18.94 20.42
CA ILE K 102 -29.43 -19.44 21.00
C ILE K 102 -28.48 -19.90 19.88
N CYS K 103 -29.01 -20.67 18.94
CA CYS K 103 -28.24 -21.13 17.77
C CYS K 103 -27.61 -19.97 17.02
N ASP K 104 -28.45 -19.02 16.59
CA ASP K 104 -28.03 -17.88 15.78
C ASP K 104 -26.90 -17.07 16.44
N SER K 105 -27.08 -16.76 17.73
CA SER K 105 -26.09 -15.99 18.49
C SER K 105 -24.78 -16.75 18.70
N THR K 106 -24.88 -17.99 19.15
CA THR K 106 -23.71 -18.82 19.42
C THR K 106 -22.90 -19.04 18.15
N THR K 107 -23.58 -19.40 17.06
CA THR K 107 -22.95 -19.63 15.76
C THR K 107 -22.18 -18.39 15.28
N HIS K 108 -22.83 -17.23 15.36
CA HIS K 108 -22.20 -15.97 14.94
C HIS K 108 -20.97 -15.60 15.78
N GLN K 109 -21.11 -15.71 17.11
CA GLN K 109 -20.01 -15.36 18.00
C GLN K 109 -18.83 -16.33 17.94
N LEU K 110 -19.12 -17.62 17.77
CA LEU K 110 -18.08 -18.63 17.59
C LEU K 110 -17.30 -18.41 16.31
N MET K 111 -17.98 -17.87 15.30
CA MET K 111 -17.36 -17.54 14.03
C MET K 111 -16.44 -16.33 14.18
N LYS K 112 -16.92 -15.29 14.86
CA LYS K 112 -16.16 -14.06 15.10
C LYS K 112 -14.98 -14.29 16.05
N LEU K 113 -15.08 -15.36 16.85
CA LEU K 113 -14.09 -15.68 17.87
C LEU K 113 -12.77 -16.15 17.28
N ASN K 114 -12.82 -16.68 16.05
CA ASN K 114 -11.61 -16.99 15.27
C ASN K 114 -10.67 -15.78 15.18
N PHE K 115 -11.26 -14.62 14.93
CA PHE K 115 -10.50 -13.39 14.68
C PHE K 115 -10.09 -12.69 15.98
N GLU K 116 -10.97 -12.73 16.97
CA GLU K 116 -10.73 -12.07 18.26
C GLU K 116 -9.67 -12.80 19.09
N LEU K 117 -9.72 -14.12 19.10
CA LEU K 117 -8.74 -14.94 19.83
C LEU K 117 -7.43 -15.12 19.07
N GLY K 118 -7.51 -15.16 17.75
CA GLY K 118 -6.33 -15.37 16.92
C GLY K 118 -5.95 -16.84 16.78
N ILE K 119 -6.87 -17.72 17.17
CA ILE K 119 -6.69 -19.16 17.01
C ILE K 119 -7.92 -19.76 16.33
N PRO K 120 -7.74 -20.87 15.59
CA PRO K 120 -8.86 -21.58 14.97
C PRO K 120 -9.93 -22.01 15.98
N VAL K 121 -11.16 -21.60 15.71
CA VAL K 121 -12.32 -22.03 16.49
C VAL K 121 -13.16 -22.94 15.60
N ILE K 122 -13.27 -24.21 16.00
CA ILE K 122 -13.99 -25.20 15.23
C ILE K 122 -15.45 -25.30 15.72
N PHE K 123 -16.38 -25.05 14.81
CA PHE K 123 -17.81 -25.08 15.13
C PHE K 123 -18.28 -26.51 15.41
N GLY K 124 -18.31 -26.86 16.70
CA GLY K 124 -18.73 -28.19 17.12
C GLY K 124 -20.10 -28.21 17.76
N VAL K 125 -21.01 -27.39 17.23
CA VAL K 125 -22.38 -27.32 17.76
C VAL K 125 -23.35 -27.98 16.78
N LEU K 126 -24.12 -28.94 17.29
CA LEU K 126 -25.18 -29.56 16.52
C LEU K 126 -26.49 -28.79 16.72
N THR K 127 -27.16 -28.49 15.61
CA THR K 127 -28.41 -27.74 15.63
C THR K 127 -29.54 -28.58 15.03
N CYS K 128 -30.04 -29.52 15.83
CA CYS K 128 -30.99 -30.52 15.35
C CYS K 128 -32.43 -30.24 15.79
N LEU K 129 -33.37 -30.82 15.06
CA LEU K 129 -34.80 -30.71 15.38
C LEU K 129 -35.28 -31.92 16.19
N THR K 130 -34.53 -33.02 16.10
CA THR K 130 -34.89 -34.27 16.76
C THR K 130 -33.69 -34.86 17.49
N ASP K 131 -33.96 -35.58 18.58
CA ASP K 131 -32.93 -36.26 19.38
C ASP K 131 -32.16 -37.30 18.56
N GLU K 132 -32.88 -38.01 17.70
CA GLU K 132 -32.31 -39.03 16.83
C GLU K 132 -31.27 -38.44 15.87
N GLN K 133 -31.56 -37.24 15.37
CA GLN K 133 -30.66 -36.53 14.45
C GLN K 133 -29.30 -36.24 15.10
N ALA K 134 -29.33 -35.83 16.36
CA ALA K 134 -28.11 -35.54 17.13
C ALA K 134 -27.34 -36.82 17.47
N GLU K 135 -28.08 -37.87 17.82
CA GLU K 135 -27.48 -39.17 18.14
C GLU K 135 -26.77 -39.78 16.94
N ALA K 136 -27.39 -39.65 15.76
CA ALA K 136 -26.82 -40.13 14.50
C ALA K 136 -25.55 -39.36 14.12
N ARG K 137 -25.52 -38.07 14.41
CA ARG K 137 -24.38 -37.21 14.11
C ARG K 137 -23.28 -37.33 15.16
N ALA K 138 -23.53 -38.13 16.19
CA ALA K 138 -22.53 -38.43 17.22
C ALA K 138 -22.09 -39.89 17.14
N GLY K 139 -22.61 -40.62 16.15
CA GLY K 139 -22.24 -42.01 15.91
C GLY K 139 -22.82 -42.99 16.90
N LEU K 140 -24.02 -42.71 17.39
CA LEU K 140 -24.66 -43.55 18.42
C LEU K 140 -25.81 -44.42 17.89
N ILE K 141 -26.10 -44.31 16.59
CA ILE K 141 -27.12 -45.14 15.95
C ILE K 141 -26.44 -46.27 15.16
N GLU K 142 -26.92 -47.49 15.35
CA GLU K 142 -26.37 -48.69 14.72
C GLU K 142 -26.15 -48.54 13.21
N GLY K 143 -24.89 -48.35 12.83
CA GLY K 143 -24.48 -48.28 11.42
C GLY K 143 -25.15 -47.17 10.61
N LYS K 144 -25.31 -46.01 11.21
CA LYS K 144 -25.93 -44.86 10.55
C LYS K 144 -25.05 -43.62 10.64
N MET K 145 -24.73 -43.05 9.49
CA MET K 145 -23.87 -41.87 9.38
C MET K 145 -22.53 -42.05 10.08
N HIS K 146 -22.04 -41.01 10.73
CA HIS K 146 -20.75 -41.05 11.44
C HIS K 146 -20.70 -40.04 12.58
N ASN K 147 -19.62 -40.10 13.36
CA ASN K 147 -19.40 -39.16 14.46
C ASN K 147 -18.76 -37.88 13.96
N HIS K 148 -19.49 -36.78 14.05
CA HIS K 148 -19.03 -35.47 13.59
C HIS K 148 -17.90 -34.91 14.47
N GLY K 149 -17.80 -35.40 15.70
CA GLY K 149 -16.73 -35.02 16.62
C GLY K 149 -15.35 -35.25 16.04
N GLU K 150 -15.19 -36.36 15.32
CA GLU K 150 -13.93 -36.69 14.66
C GLU K 150 -13.54 -35.67 13.59
N ASP K 151 -14.52 -35.23 12.80
CA ASP K 151 -14.32 -34.19 11.79
C ASP K 151 -13.81 -32.90 12.42
N TRP K 152 -14.33 -32.59 13.60
CA TRP K 152 -13.96 -31.38 14.33
C TRP K 152 -12.54 -31.50 14.89
N GLY K 153 -12.18 -32.72 15.31
CA GLY K 153 -10.82 -33.02 15.75
C GLY K 153 -9.81 -32.84 14.63
N ALA K 154 -10.13 -33.40 13.46
CA ALA K 154 -9.27 -33.29 12.28
C ALA K 154 -9.13 -31.84 11.81
N ALA K 155 -10.23 -31.09 11.86
CA ALA K 155 -10.24 -29.70 11.41
C ALA K 155 -9.36 -28.81 12.27
N ALA K 156 -9.39 -29.04 13.58
CA ALA K 156 -8.58 -28.29 14.54
C ALA K 156 -7.09 -28.40 14.28
N VAL K 157 -6.64 -29.61 13.95
CA VAL K 157 -5.23 -29.87 13.67
C VAL K 157 -4.81 -29.21 12.35
N GLU K 158 -5.65 -29.36 11.34
CA GLU K 158 -5.39 -28.75 10.03
C GLU K 158 -5.29 -27.23 10.12
N MET K 159 -6.27 -26.61 10.77
CA MET K 159 -6.35 -25.14 10.84
C MET K 159 -5.18 -24.52 11.62
N ALA K 160 -4.67 -25.25 12.60
CA ALA K 160 -3.57 -24.76 13.44
C ALA K 160 -2.19 -24.87 12.78
N THR K 161 -2.08 -25.66 11.72
CA THR K 161 -0.78 -25.96 11.10
C THR K 161 -0.63 -25.59 9.62
N LYS K 162 -1.71 -25.72 8.86
CA LYS K 162 -1.68 -25.57 7.39
C LYS K 162 -1.01 -24.29 6.86
N PHE K 163 -1.21 -23.18 7.58
CA PHE K 163 -0.80 -21.87 7.09
C PHE K 163 0.46 -21.30 7.75
N ASN K 164 1.17 -22.14 8.51
CA ASN K 164 2.44 -21.77 9.12
C ASN K 164 3.52 -21.46 8.08
N TYR L 13 -19.69 -24.73 43.18
CA TYR L 13 -18.87 -23.50 42.92
C TYR L 13 -19.06 -22.48 44.04
N ASP L 14 -17.95 -22.05 44.64
CA ASP L 14 -17.97 -21.08 45.72
C ASP L 14 -18.16 -19.66 45.18
N GLY L 15 -19.32 -19.08 45.47
CA GLY L 15 -19.64 -17.72 45.04
C GLY L 15 -19.77 -16.72 46.18
N SER L 16 -19.20 -17.06 47.34
CA SER L 16 -19.31 -16.24 48.55
C SER L 16 -18.55 -14.91 48.45
N LYS L 17 -17.55 -14.85 47.58
CA LYS L 17 -16.76 -13.64 47.37
C LYS L 17 -17.24 -12.84 46.14
N LEU L 18 -18.41 -13.20 45.62
CA LEU L 18 -18.92 -12.60 44.39
C LEU L 18 -20.06 -11.62 44.60
N ARG L 19 -20.09 -10.58 43.79
CA ARG L 19 -21.22 -9.67 43.70
C ARG L 19 -21.85 -9.85 42.33
N ILE L 20 -23.12 -10.25 42.33
CA ILE L 20 -23.83 -10.56 41.09
C ILE L 20 -25.05 -9.65 40.92
N GLY L 21 -25.15 -9.03 39.75
CA GLY L 21 -26.25 -8.13 39.44
C GLY L 21 -27.36 -8.83 38.67
N ILE L 22 -28.59 -8.45 39.00
CA ILE L 22 -29.77 -8.91 38.27
C ILE L 22 -30.48 -7.70 37.69
N LEU L 23 -30.62 -7.68 36.37
CA LEU L 23 -31.36 -6.63 35.69
C LEU L 23 -32.53 -7.25 34.94
N HIS L 24 -33.75 -6.95 35.37
CA HIS L 24 -34.93 -7.52 34.74
C HIS L 24 -35.89 -6.46 34.17
N ALA L 25 -36.58 -6.84 33.11
CA ALA L 25 -37.63 -6.01 32.53
C ALA L 25 -38.89 -6.03 33.39
N ARG L 26 -39.79 -5.08 33.15
CA ARG L 26 -41.01 -4.97 33.94
C ARG L 26 -42.26 -5.50 33.22
N TRP L 27 -42.14 -5.74 31.92
CA TRP L 27 -43.20 -6.39 31.14
C TRP L 27 -43.35 -7.85 31.54
N ASN L 28 -44.60 -8.29 31.73
CA ASN L 28 -44.92 -9.63 32.24
C ASN L 28 -44.35 -9.87 33.63
N ARG L 29 -44.71 -8.97 34.55
CA ARG L 29 -44.15 -8.94 35.91
C ARG L 29 -44.39 -10.22 36.69
N LYS L 30 -45.53 -10.88 36.45
CA LYS L 30 -45.85 -12.16 37.09
C LYS L 30 -44.77 -13.21 36.82
N ILE L 31 -44.34 -13.33 35.56
CA ILE L 31 -43.36 -14.32 35.15
C ILE L 31 -41.92 -13.87 35.50
N ILE L 32 -41.67 -12.57 35.33
CA ILE L 32 -40.38 -11.97 35.66
C ILE L 32 -39.98 -12.20 37.11
N ASP L 33 -40.92 -11.93 38.03
CA ASP L 33 -40.67 -12.08 39.47
C ASP L 33 -40.32 -13.51 39.86
N ALA L 34 -40.96 -14.48 39.20
CA ALA L 34 -40.74 -15.91 39.47
C ALA L 34 -39.32 -16.34 39.07
N LEU L 35 -38.83 -15.78 37.97
CA LEU L 35 -37.49 -16.07 37.47
C LEU L 35 -36.41 -15.40 38.32
N VAL L 36 -36.66 -14.16 38.71
CA VAL L 36 -35.78 -13.39 39.59
C VAL L 36 -35.65 -14.09 40.95
N ALA L 37 -36.77 -14.55 41.50
CA ALA L 37 -36.77 -15.28 42.76
C ALA L 37 -35.98 -16.58 42.68
N GLY L 38 -36.03 -17.21 41.50
CA GLY L 38 -35.29 -18.44 41.24
C GLY L 38 -33.78 -18.22 41.17
N ALA L 39 -33.39 -17.08 40.61
CA ALA L 39 -31.98 -16.71 40.51
C ALA L 39 -31.41 -16.35 41.89
N VAL L 40 -32.17 -15.57 42.65
CA VAL L 40 -31.78 -15.16 44.00
C VAL L 40 -31.64 -16.39 44.91
N LYS L 41 -32.55 -17.35 44.77
CA LYS L 41 -32.52 -18.58 45.55
C LYS L 41 -31.25 -19.39 45.29
N ARG L 42 -30.91 -19.58 44.01
CA ARG L 42 -29.73 -20.35 43.63
C ARG L 42 -28.44 -19.61 44.02
N LEU L 43 -28.42 -18.30 43.83
CA LEU L 43 -27.32 -17.44 44.26
C LEU L 43 -27.02 -17.61 45.75
N GLN L 44 -28.07 -17.52 46.57
CA GLN L 44 -27.94 -17.68 48.02
C GLN L 44 -27.46 -19.08 48.41
N GLU L 45 -27.79 -20.07 47.59
CA GLU L 45 -27.40 -21.46 47.83
C GLU L 45 -25.93 -21.73 47.51
N PHE L 46 -25.35 -20.90 46.63
CA PHE L 46 -23.94 -21.00 46.28
C PHE L 46 -23.02 -20.14 47.15
N GLY L 47 -23.61 -19.45 48.13
CA GLY L 47 -22.85 -18.66 49.08
C GLY L 47 -22.88 -17.16 48.88
N VAL L 48 -23.38 -16.72 47.72
CA VAL L 48 -23.47 -15.29 47.40
C VAL L 48 -24.28 -14.56 48.48
N LYS L 49 -23.65 -13.57 49.10
CA LYS L 49 -24.27 -12.81 50.19
C LYS L 49 -25.40 -11.91 49.66
N GLU L 50 -26.34 -11.61 50.53
CA GLU L 50 -27.56 -10.90 50.17
C GLU L 50 -27.32 -9.43 49.82
N GLU L 51 -26.37 -8.80 50.51
CA GLU L 51 -25.96 -7.44 50.20
C GLU L 51 -25.18 -7.37 48.86
N ASN L 52 -24.83 -8.55 48.34
CA ASN L 52 -24.10 -8.65 47.09
C ASN L 52 -24.94 -9.17 45.91
N ILE L 53 -26.25 -9.15 46.08
CA ILE L 53 -27.18 -9.45 44.99
C ILE L 53 -27.96 -8.18 44.67
N ILE L 54 -27.52 -7.47 43.62
CA ILE L 54 -28.11 -6.20 43.25
C ILE L 54 -29.19 -6.41 42.18
N ILE L 55 -30.38 -5.88 42.44
CA ILE L 55 -31.50 -5.98 41.52
C ILE L 55 -31.93 -4.60 41.02
N GLU L 56 -31.92 -4.42 39.71
CA GLU L 56 -32.40 -3.18 39.09
C GLU L 56 -33.31 -3.52 37.92
N THR L 57 -34.10 -2.55 37.47
CA THR L 57 -35.11 -2.78 36.44
C THR L 57 -34.94 -1.89 35.21
N VAL L 58 -35.51 -2.34 34.09
CA VAL L 58 -35.65 -1.55 32.87
C VAL L 58 -37.08 -1.74 32.33
N PRO L 59 -37.59 -0.77 31.53
CA PRO L 59 -38.95 -0.88 31.00
C PRO L 59 -39.20 -2.18 30.23
N GLY L 60 -38.47 -2.40 29.14
CA GLY L 60 -38.65 -3.58 28.31
C GLY L 60 -37.38 -4.37 28.11
N SER L 61 -37.47 -5.42 27.29
CA SER L 61 -36.33 -6.29 27.00
C SER L 61 -35.26 -5.63 26.13
N PHE L 62 -35.70 -4.70 25.28
CA PHE L 62 -34.79 -3.98 24.38
C PHE L 62 -33.80 -3.11 25.15
N GLU L 63 -34.19 -2.69 26.36
CA GLU L 63 -33.36 -1.83 27.19
C GLU L 63 -32.34 -2.61 28.02
N LEU L 64 -32.42 -3.94 27.97
CA LEU L 64 -31.54 -4.83 28.76
C LEU L 64 -30.04 -4.72 28.45
N PRO L 65 -29.66 -4.75 27.15
CA PRO L 65 -28.24 -4.64 26.80
C PRO L 65 -27.58 -3.33 27.24
N TYR L 66 -28.16 -2.19 26.89
CA TYR L 66 -27.59 -0.91 27.30
C TYR L 66 -27.79 -0.66 28.81
N GLY L 67 -28.93 -1.10 29.31
CA GLY L 67 -29.21 -1.06 30.75
C GLY L 67 -28.16 -1.81 31.55
N SER L 68 -27.72 -2.96 31.02
CA SER L 68 -26.67 -3.75 31.64
C SER L 68 -25.36 -2.99 31.68
N LYS L 69 -25.04 -2.32 30.57
CA LYS L 69 -23.83 -1.52 30.45
C LYS L 69 -23.84 -0.36 31.44
N LEU L 70 -24.96 0.35 31.52
CA LEU L 70 -25.11 1.46 32.45
C LEU L 70 -25.11 0.99 33.90
N PHE L 71 -25.70 -0.18 34.13
CA PHE L 71 -25.76 -0.81 35.44
C PHE L 71 -24.37 -1.22 35.94
N VAL L 72 -23.57 -1.79 35.04
CA VAL L 72 -22.19 -2.20 35.37
C VAL L 72 -21.30 -0.99 35.68
N GLU L 73 -21.40 0.06 34.86
CA GLU L 73 -20.60 1.27 35.05
C GLU L 73 -20.96 2.02 36.33
N LYS L 74 -22.24 1.99 36.70
CA LYS L 74 -22.70 2.63 37.93
C LYS L 74 -22.13 1.92 39.16
N GLN L 75 -22.14 0.58 39.11
CA GLN L 75 -21.60 -0.24 40.19
C GLN L 75 -20.09 -0.07 40.37
N LYS L 76 -19.38 0.16 39.26
CA LYS L 76 -17.95 0.47 39.29
C LYS L 76 -17.68 1.82 39.96
N ARG L 77 -18.46 2.83 39.58
CA ARG L 77 -18.35 4.18 40.17
C ARG L 77 -18.78 4.19 41.64
N LEU L 78 -19.56 3.18 42.03
CA LEU L 78 -20.10 3.06 43.37
C LEU L 78 -19.11 2.35 44.31
N GLY L 79 -18.11 1.70 43.73
CA GLY L 79 -17.10 0.96 44.48
C GLY L 79 -17.50 -0.48 44.74
N LYS L 80 -18.61 -0.91 44.13
CA LYS L 80 -19.13 -2.26 44.29
C LYS L 80 -19.31 -2.91 42.91
N PRO L 81 -18.19 -3.29 42.26
CA PRO L 81 -18.29 -3.81 40.88
C PRO L 81 -18.96 -5.18 40.82
N LEU L 82 -19.62 -5.46 39.69
CA LEU L 82 -20.27 -6.74 39.46
C LEU L 82 -19.31 -7.76 38.87
N ASP L 83 -19.39 -8.99 39.37
CA ASP L 83 -18.59 -10.10 38.85
C ASP L 83 -19.31 -10.79 37.69
N ALA L 84 -20.62 -10.61 37.63
CA ALA L 84 -21.48 -11.17 36.59
C ALA L 84 -22.84 -10.48 36.58
N ILE L 85 -23.52 -10.53 35.43
CA ILE L 85 -24.86 -9.95 35.31
C ILE L 85 -25.85 -10.93 34.69
N ILE L 86 -27.08 -10.92 35.21
CA ILE L 86 -28.18 -11.73 34.68
C ILE L 86 -29.31 -10.83 34.18
N PRO L 87 -29.29 -10.48 32.88
CA PRO L 87 -30.39 -9.76 32.25
C PRO L 87 -31.59 -10.69 32.06
N ILE L 88 -32.71 -10.34 32.66
CA ILE L 88 -33.92 -11.16 32.62
C ILE L 88 -35.07 -10.47 31.88
N GLY L 89 -35.64 -11.18 30.92
CA GLY L 89 -36.76 -10.68 30.14
C GLY L 89 -37.69 -11.79 29.73
N VAL L 90 -38.98 -11.48 29.63
CA VAL L 90 -39.97 -12.42 29.13
C VAL L 90 -40.62 -11.86 27.87
N LEU L 91 -40.36 -12.52 26.75
CA LEU L 91 -40.92 -12.11 25.47
C LEU L 91 -41.90 -13.16 24.95
N ILE L 92 -43.14 -12.72 24.73
CA ILE L 92 -44.20 -13.58 24.21
C ILE L 92 -44.59 -13.13 22.80
N LYS L 93 -44.69 -14.09 21.89
CA LYS L 93 -45.13 -13.82 20.52
C LYS L 93 -46.53 -13.19 20.50
N GLY L 94 -46.63 -12.05 19.83
CA GLY L 94 -47.90 -11.34 19.66
C GLY L 94 -48.46 -11.50 18.25
N SER L 95 -49.18 -10.49 17.80
CA SER L 95 -49.78 -10.50 16.47
C SER L 95 -48.83 -10.00 15.39
N THR L 96 -47.90 -9.13 15.79
CA THR L 96 -46.95 -8.50 14.87
C THR L 96 -45.60 -9.21 14.87
N MET L 97 -44.65 -8.66 14.11
CA MET L 97 -43.29 -9.19 14.03
C MET L 97 -42.38 -8.59 15.10
N HIS L 98 -42.94 -7.74 15.96
CA HIS L 98 -42.23 -7.08 17.05
C HIS L 98 -41.41 -8.06 17.87
N PHE L 99 -42.06 -9.15 18.29
CA PHE L 99 -41.41 -10.25 19.03
C PHE L 99 -40.13 -10.73 18.35
N GLU L 100 -40.21 -11.02 17.05
CA GLU L 100 -39.07 -11.57 16.30
C GLU L 100 -37.83 -10.68 16.27
N TYR L 101 -38.04 -9.37 16.13
CA TYR L 101 -36.92 -8.44 16.00
C TYR L 101 -36.35 -7.96 17.33
N ILE L 102 -37.19 -7.94 18.36
CA ILE L 102 -36.72 -7.63 19.72
C ILE L 102 -35.85 -8.77 20.23
N CYS L 103 -36.29 -10.02 20.00
CA CYS L 103 -35.55 -11.21 20.39
C CYS L 103 -34.19 -11.31 19.71
N ASP L 104 -34.17 -11.06 18.40
CA ASP L 104 -32.96 -11.21 17.59
C ASP L 104 -31.86 -10.24 18.02
N SER L 105 -32.21 -8.96 18.14
CA SER L 105 -31.25 -7.91 18.47
C SER L 105 -30.79 -7.95 19.93
N THR L 106 -31.72 -8.25 20.83
CA THR L 106 -31.41 -8.37 22.26
C THR L 106 -30.45 -9.53 22.52
N THR L 107 -30.74 -10.69 21.94
CA THR L 107 -29.91 -11.87 22.13
C THR L 107 -28.48 -11.65 21.65
N HIS L 108 -28.33 -11.10 20.44
CA HIS L 108 -27.03 -10.80 19.87
C HIS L 108 -26.22 -9.81 20.70
N GLN L 109 -26.88 -8.78 21.21
CA GLN L 109 -26.21 -7.76 22.03
C GLN L 109 -25.80 -8.24 23.41
N LEU L 110 -26.65 -9.04 24.05
CA LEU L 110 -26.34 -9.60 25.37
C LEU L 110 -25.18 -10.59 25.26
N MET L 111 -25.19 -11.39 24.21
CA MET L 111 -24.08 -12.29 23.88
C MET L 111 -22.77 -11.50 23.69
N LYS L 112 -22.86 -10.43 22.92
CA LYS L 112 -21.71 -9.58 22.61
C LYS L 112 -21.23 -8.83 23.85
N LEU L 113 -22.16 -8.57 24.77
CA LEU L 113 -21.90 -7.79 25.97
C LEU L 113 -20.91 -8.46 26.92
N ASN L 114 -20.81 -9.79 26.81
CA ASN L 114 -19.78 -10.57 27.50
C ASN L 114 -18.38 -10.03 27.24
N PHE L 115 -18.10 -9.72 25.97
CA PHE L 115 -16.80 -9.24 25.53
C PHE L 115 -16.66 -7.74 25.74
N GLU L 116 -17.78 -7.04 25.69
CA GLU L 116 -17.86 -5.61 25.95
C GLU L 116 -17.52 -5.26 27.40
N LEU L 117 -18.25 -5.88 28.33
CA LEU L 117 -18.15 -5.56 29.75
C LEU L 117 -16.98 -6.27 30.45
N GLY L 118 -16.53 -7.38 29.88
CA GLY L 118 -15.46 -8.18 30.46
C GLY L 118 -15.94 -9.10 31.57
N ILE L 119 -17.25 -9.13 31.80
CA ILE L 119 -17.85 -10.01 32.79
C ILE L 119 -18.95 -10.89 32.16
N PRO L 120 -19.17 -12.10 32.71
CA PRO L 120 -20.22 -12.99 32.21
C PRO L 120 -21.60 -12.35 32.17
N VAL L 121 -22.28 -12.49 31.04
CA VAL L 121 -23.65 -12.04 30.86
C VAL L 121 -24.50 -13.28 30.59
N ILE L 122 -25.27 -13.69 31.59
CA ILE L 122 -26.08 -14.90 31.48
C ILE L 122 -27.40 -14.58 30.79
N PHE L 123 -27.70 -15.32 29.72
CA PHE L 123 -28.90 -15.10 28.92
C PHE L 123 -30.15 -15.55 29.65
N GLY L 124 -30.81 -14.60 30.31
CA GLY L 124 -32.02 -14.88 31.07
C GLY L 124 -33.28 -14.37 30.40
N VAL L 125 -33.32 -14.47 29.07
CA VAL L 125 -34.47 -14.00 28.31
C VAL L 125 -35.23 -15.19 27.75
N LEU L 126 -36.51 -15.29 28.14
CA LEU L 126 -37.39 -16.31 27.62
C LEU L 126 -38.02 -15.83 26.32
N THR L 127 -37.85 -16.61 25.26
CA THR L 127 -38.38 -16.27 23.95
C THR L 127 -39.50 -17.26 23.59
N CYS L 128 -40.67 -17.05 24.19
CA CYS L 128 -41.79 -17.99 24.11
C CYS L 128 -42.88 -17.56 23.13
N LEU L 129 -43.66 -18.54 22.68
CA LEU L 129 -44.76 -18.30 21.75
C LEU L 129 -46.08 -18.02 22.46
N THR L 130 -46.34 -18.76 23.55
CA THR L 130 -47.54 -18.57 24.36
C THR L 130 -47.19 -18.15 25.79
N ASP L 131 -48.21 -17.70 26.53
CA ASP L 131 -48.05 -17.31 27.93
C ASP L 131 -47.82 -18.51 28.84
N GLU L 132 -48.38 -19.66 28.44
CA GLU L 132 -48.26 -20.91 29.17
C GLU L 132 -46.82 -21.45 29.15
N GLN L 133 -46.15 -21.30 28.00
CA GLN L 133 -44.77 -21.73 27.84
C GLN L 133 -43.81 -21.00 28.77
N ALA L 134 -44.02 -19.68 28.92
CA ALA L 134 -43.18 -18.84 29.77
C ALA L 134 -43.41 -19.13 31.25
N GLU L 135 -44.65 -19.45 31.61
CA GLU L 135 -45.00 -19.81 32.99
C GLU L 135 -44.40 -21.15 33.38
N ALA L 136 -44.37 -22.09 32.43
CA ALA L 136 -43.82 -23.42 32.62
C ALA L 136 -42.31 -23.38 32.86
N ARG L 137 -41.65 -22.40 32.25
CA ARG L 137 -40.21 -22.23 32.37
C ARG L 137 -39.82 -21.25 33.48
N ALA L 138 -40.81 -20.82 34.25
CA ALA L 138 -40.60 -19.98 35.43
C ALA L 138 -40.94 -20.74 36.73
N GLY L 139 -41.40 -21.97 36.58
CA GLY L 139 -41.79 -22.81 37.72
C GLY L 139 -43.16 -22.47 38.28
N LEU L 140 -44.01 -21.85 37.46
CA LEU L 140 -45.33 -21.40 37.90
C LEU L 140 -46.44 -22.45 37.76
N ILE L 141 -46.14 -23.54 37.05
CA ILE L 141 -47.12 -24.61 36.86
C ILE L 141 -46.72 -25.87 37.65
N GLU L 142 -47.67 -26.39 38.43
CA GLU L 142 -47.43 -27.51 39.35
C GLU L 142 -46.86 -28.76 38.67
N GLY L 143 -45.66 -29.13 39.07
CA GLY L 143 -45.02 -30.38 38.62
C GLY L 143 -44.68 -30.47 37.15
N LYS L 144 -44.49 -29.31 36.50
CA LYS L 144 -44.09 -29.28 35.09
C LYS L 144 -42.78 -28.51 34.92
N MET L 145 -41.78 -29.21 34.36
CA MET L 145 -40.45 -28.66 34.13
C MET L 145 -39.84 -28.02 35.38
N HIS L 146 -39.14 -26.90 35.22
CA HIS L 146 -38.47 -26.23 36.33
C HIS L 146 -38.30 -24.74 36.07
N ASN L 147 -37.97 -24.00 37.13
CA ASN L 147 -37.64 -22.58 37.01
C ASN L 147 -36.27 -22.42 36.37
N HIS L 148 -36.25 -21.78 35.21
CA HIS L 148 -35.01 -21.54 34.46
C HIS L 148 -34.10 -20.52 35.13
N GLY L 149 -34.68 -19.69 36.00
CA GLY L 149 -33.92 -18.72 36.79
C GLY L 149 -32.84 -19.37 37.64
N GLU L 150 -33.16 -20.55 38.18
CA GLU L 150 -32.22 -21.33 38.98
C GLU L 150 -30.98 -21.74 38.19
N ASP L 151 -31.16 -22.04 36.91
CA ASP L 151 -30.05 -22.38 36.01
C ASP L 151 -29.14 -21.17 35.78
N TRP L 152 -29.77 -20.02 35.54
CA TRP L 152 -29.05 -18.77 35.25
C TRP L 152 -28.22 -18.29 36.44
N GLY L 153 -28.76 -18.47 37.65
CA GLY L 153 -28.05 -18.15 38.88
C GLY L 153 -26.85 -19.07 39.08
N ALA L 154 -27.04 -20.35 38.79
CA ALA L 154 -25.97 -21.34 38.85
C ALA L 154 -24.89 -21.06 37.81
N ALA L 155 -25.32 -20.62 36.63
CA ALA L 155 -24.42 -20.30 35.53
C ALA L 155 -23.56 -19.06 35.82
N ALA L 156 -24.14 -18.09 36.51
CA ALA L 156 -23.45 -16.84 36.84
C ALA L 156 -22.26 -17.06 37.78
N VAL L 157 -22.44 -17.96 38.75
CA VAL L 157 -21.40 -18.26 39.74
C VAL L 157 -20.25 -19.03 39.10
N GLU L 158 -20.59 -19.99 38.23
CA GLU L 158 -19.60 -20.81 37.54
C GLU L 158 -18.72 -19.99 36.59
N MET L 159 -19.36 -19.17 35.75
CA MET L 159 -18.66 -18.39 34.74
C MET L 159 -17.77 -17.29 35.34
N ALA L 160 -18.13 -16.84 36.54
CA ALA L 160 -17.35 -15.83 37.24
C ALA L 160 -16.15 -16.43 37.99
N THR L 161 -16.16 -17.74 38.20
CA THR L 161 -15.16 -18.39 39.07
C THR L 161 -14.29 -19.46 38.39
N LYS L 162 -14.88 -20.26 37.50
CA LYS L 162 -14.22 -21.44 36.92
C LYS L 162 -12.84 -21.18 36.32
N PHE L 163 -12.70 -20.05 35.63
CA PHE L 163 -11.47 -19.76 34.87
C PHE L 163 -10.61 -18.70 35.54
N ASN L 164 -10.14 -19.00 36.74
CA ASN L 164 -9.28 -18.08 37.49
C ASN L 164 -7.88 -18.66 37.74
N TYR M 13 -39.40 9.42 37.98
CA TYR M 13 -38.18 9.93 37.29
C TYR M 13 -38.36 11.38 36.88
N ASP M 14 -37.36 12.21 37.19
CA ASP M 14 -37.40 13.63 36.86
C ASP M 14 -36.64 13.91 35.56
N GLY M 15 -37.36 14.43 34.57
CA GLY M 15 -36.78 14.74 33.27
C GLY M 15 -36.68 16.24 32.98
N SER M 16 -36.92 17.05 34.00
CA SER M 16 -36.92 18.51 33.87
C SER M 16 -35.55 19.09 33.47
N LYS M 17 -34.50 18.28 33.64
CA LYS M 17 -33.15 18.69 33.28
C LYS M 17 -32.62 17.93 32.06
N LEU M 18 -33.52 17.27 31.33
CA LEU M 18 -33.16 16.45 30.17
C LEU M 18 -33.53 17.09 28.83
N ARG M 19 -32.75 16.76 27.80
CA ARG M 19 -33.09 17.13 26.43
C ARG M 19 -33.27 15.87 25.59
N ILE M 20 -34.50 15.63 25.17
CA ILE M 20 -34.84 14.43 24.41
C ILE M 20 -35.09 14.77 22.94
N GLY M 21 -34.46 14.00 22.06
CA GLY M 21 -34.64 14.16 20.62
C GLY M 21 -35.53 13.09 20.04
N ILE M 22 -36.42 13.51 19.14
CA ILE M 22 -37.29 12.58 18.43
C ILE M 22 -36.99 12.68 16.93
N LEU M 23 -36.53 11.57 16.36
CA LEU M 23 -36.28 11.48 14.94
C LEU M 23 -37.26 10.49 14.33
N HIS M 24 -38.19 10.99 13.53
CA HIS M 24 -39.17 10.11 12.91
C HIS M 24 -39.05 10.05 11.39
N ALA M 25 -39.44 8.91 10.82
CA ALA M 25 -39.55 8.74 9.38
C ALA M 25 -40.80 9.46 8.86
N ARG M 26 -40.95 9.54 7.54
CA ARG M 26 -42.08 10.24 6.94
C ARG M 26 -43.06 9.30 6.21
N TRP M 27 -42.68 8.03 6.05
CA TRP M 27 -43.57 7.01 5.51
C TRP M 27 -44.66 6.67 6.52
N ASN M 28 -45.88 6.50 6.04
CA ASN M 28 -47.06 6.24 6.89
C ASN M 28 -47.23 7.36 7.92
N ARG M 29 -47.44 8.57 7.43
CA ARG M 29 -47.43 9.78 8.25
C ARG M 29 -48.57 9.86 9.27
N LYS M 30 -49.71 9.25 8.95
CA LYS M 30 -50.85 9.18 9.85
C LYS M 30 -50.48 8.53 11.19
N ILE M 31 -49.83 7.37 11.11
CA ILE M 31 -49.46 6.58 12.29
C ILE M 31 -48.25 7.19 13.00
N ILE M 32 -47.32 7.75 12.23
CA ILE M 32 -46.11 8.39 12.75
C ILE M 32 -46.43 9.55 13.70
N ASP M 33 -47.30 10.46 13.28
CA ASP M 33 -47.65 11.65 14.06
C ASP M 33 -48.32 11.33 15.41
N ALA M 34 -49.14 10.28 15.42
CA ALA M 34 -49.82 9.84 16.65
C ALA M 34 -48.84 9.28 17.68
N LEU M 35 -47.83 8.55 17.20
CA LEU M 35 -46.78 8.00 18.06
C LEU M 35 -45.90 9.10 18.62
N VAL M 36 -45.57 10.08 17.77
CA VAL M 36 -44.76 11.24 18.16
C VAL M 36 -45.47 12.07 19.23
N ALA M 37 -46.75 12.37 18.99
CA ALA M 37 -47.57 13.15 19.93
C ALA M 37 -47.71 12.47 21.28
N GLY M 38 -47.75 11.13 21.27
CA GLY M 38 -47.79 10.35 22.51
C GLY M 38 -46.49 10.45 23.28
N ALA M 39 -45.37 10.35 22.57
CA ALA M 39 -44.04 10.51 23.15
C ALA M 39 -43.87 11.91 23.75
N VAL M 40 -44.26 12.92 22.96
CA VAL M 40 -44.24 14.31 23.41
C VAL M 40 -45.13 14.51 24.65
N LYS M 41 -46.29 13.87 24.66
CA LYS M 41 -47.23 13.98 25.79
C LYS M 41 -46.65 13.39 27.06
N ARG M 42 -46.01 12.22 26.94
CA ARG M 42 -45.43 11.54 28.10
C ARG M 42 -44.19 12.28 28.62
N LEU M 43 -43.37 12.78 27.68
CA LEU M 43 -42.19 13.58 28.01
C LEU M 43 -42.51 14.75 28.93
N GLN M 44 -43.53 15.53 28.57
CA GLN M 44 -43.95 16.68 29.35
C GLN M 44 -44.53 16.30 30.73
N GLU M 45 -45.09 15.10 30.81
CA GLU M 45 -45.61 14.56 32.08
C GLU M 45 -44.48 14.20 33.05
N PHE M 46 -43.29 13.93 32.51
CA PHE M 46 -42.11 13.65 33.33
C PHE M 46 -41.29 14.89 33.64
N GLY M 47 -41.75 16.05 33.15
CA GLY M 47 -41.11 17.33 33.45
C GLY M 47 -40.26 17.93 32.34
N VAL M 48 -40.07 17.18 31.26
CA VAL M 48 -39.31 17.67 30.11
C VAL M 48 -40.02 18.86 29.46
N LYS M 49 -39.27 19.94 29.22
CA LYS M 49 -39.82 21.18 28.69
C LYS M 49 -40.00 21.12 27.17
N GLU M 50 -40.97 21.87 26.66
CA GLU M 50 -41.23 21.98 25.21
C GLU M 50 -40.00 22.44 24.43
N GLU M 51 -39.21 23.32 25.05
CA GLU M 51 -37.95 23.81 24.47
C GLU M 51 -36.87 22.74 24.41
N ASN M 52 -36.99 21.72 25.27
CA ASN M 52 -36.01 20.64 25.35
C ASN M 52 -36.42 19.35 24.63
N ILE M 53 -37.50 19.41 23.87
CA ILE M 53 -37.91 18.30 23.01
C ILE M 53 -37.66 18.70 21.55
N ILE M 54 -36.71 18.02 20.91
CA ILE M 54 -36.30 18.39 19.56
C ILE M 54 -36.78 17.35 18.54
N ILE M 55 -37.68 17.76 17.66
CA ILE M 55 -38.24 16.87 16.64
C ILE M 55 -37.55 17.08 15.30
N GLU M 56 -37.15 15.98 14.67
CA GLU M 56 -36.51 16.02 13.36
C GLU M 56 -36.99 14.84 12.51
N THR M 57 -36.85 14.98 11.19
CA THR M 57 -37.38 13.96 10.26
C THR M 57 -36.33 13.36 9.34
N VAL M 58 -36.60 12.13 8.90
CA VAL M 58 -35.84 11.48 7.84
C VAL M 58 -36.82 10.86 6.83
N PRO M 59 -36.38 10.59 5.59
CA PRO M 59 -37.29 10.04 4.57
C PRO M 59 -37.94 8.72 5.01
N GLY M 60 -37.13 7.76 5.43
CA GLY M 60 -37.63 6.43 5.80
C GLY M 60 -36.91 5.81 6.98
N SER M 61 -37.31 4.58 7.31
CA SER M 61 -36.79 3.87 8.50
C SER M 61 -35.32 3.49 8.40
N PHE M 62 -34.85 3.22 7.18
CA PHE M 62 -33.45 2.84 6.95
C PHE M 62 -32.49 3.99 7.27
N GLU M 63 -33.00 5.21 7.20
CA GLU M 63 -32.19 6.40 7.46
C GLU M 63 -32.14 6.77 8.94
N LEU M 64 -32.94 6.09 9.75
CA LEU M 64 -33.04 6.37 11.20
C LEU M 64 -31.73 6.20 11.98
N PRO M 65 -31.01 5.07 11.78
CA PRO M 65 -29.76 4.88 12.53
C PRO M 65 -28.70 5.95 12.27
N TYR M 66 -28.39 6.22 11.01
CA TYR M 66 -27.37 7.22 10.69
C TYR M 66 -27.88 8.64 10.91
N GLY M 67 -29.14 8.88 10.59
CA GLY M 67 -29.80 10.16 10.86
C GLY M 67 -29.71 10.54 12.32
N SER M 68 -29.83 9.53 13.19
CA SER M 68 -29.72 9.71 14.63
C SER M 68 -28.31 10.20 15.03
N LYS M 69 -27.29 9.61 14.41
CA LYS M 69 -25.91 10.03 14.66
C LYS M 69 -25.72 11.47 14.23
N LEU M 70 -26.15 11.78 13.00
CA LEU M 70 -26.06 13.14 12.47
C LEU M 70 -26.81 14.12 13.35
N PHE M 71 -28.00 13.73 13.82
CA PHE M 71 -28.83 14.53 14.72
C PHE M 71 -28.12 14.81 16.05
N VAL M 72 -27.55 13.77 16.64
CA VAL M 72 -26.82 13.90 17.92
C VAL M 72 -25.59 14.82 17.79
N GLU M 73 -24.80 14.61 16.73
CA GLU M 73 -23.59 15.42 16.50
C GLU M 73 -23.92 16.89 16.23
N LYS M 74 -25.01 17.14 15.52
CA LYS M 74 -25.47 18.50 15.25
C LYS M 74 -25.85 19.21 16.54
N GLN M 75 -26.57 18.50 17.41
CA GLN M 75 -26.97 19.03 18.70
C GLN M 75 -25.76 19.33 19.61
N LYS M 76 -24.70 18.54 19.45
CA LYS M 76 -23.43 18.80 20.15
C LYS M 76 -22.75 20.07 19.64
N ARG M 77 -22.68 20.22 18.31
CA ARG M 77 -22.11 21.41 17.68
C ARG M 77 -22.88 22.68 18.04
N LEU M 78 -24.19 22.53 18.25
CA LEU M 78 -25.05 23.63 18.72
C LEU M 78 -24.83 23.94 20.19
N GLY M 79 -24.31 22.98 20.94
CA GLY M 79 -24.13 23.12 22.38
C GLY M 79 -25.40 22.77 23.15
N LYS M 80 -26.31 22.06 22.47
CA LYS M 80 -27.55 21.60 23.08
C LYS M 80 -27.61 20.08 22.94
N PRO M 81 -26.79 19.34 23.72
CA PRO M 81 -26.67 17.90 23.52
C PRO M 81 -27.93 17.14 23.91
N LEU M 82 -28.19 16.03 23.23
CA LEU M 82 -29.32 15.18 23.56
C LEU M 82 -28.93 14.15 24.61
N ASP M 83 -29.77 14.03 25.64
CA ASP M 83 -29.54 13.07 26.71
C ASP M 83 -30.07 11.69 26.30
N ALA M 84 -31.02 11.68 25.37
CA ALA M 84 -31.62 10.46 24.82
C ALA M 84 -32.26 10.76 23.47
N ILE M 85 -32.42 9.72 22.66
CA ILE M 85 -33.04 9.86 21.35
C ILE M 85 -34.12 8.79 21.12
N ILE M 86 -35.22 9.19 20.49
CA ILE M 86 -36.29 8.26 20.14
C ILE M 86 -36.50 8.23 18.62
N PRO M 87 -35.79 7.32 17.93
CA PRO M 87 -36.05 7.07 16.51
C PRO M 87 -37.40 6.37 16.31
N ILE M 88 -38.28 7.01 15.54
CA ILE M 88 -39.62 6.49 15.29
C ILE M 88 -39.83 6.17 13.81
N GLY M 89 -40.30 4.96 13.55
CA GLY M 89 -40.59 4.51 12.19
C GLY M 89 -41.72 3.52 12.19
N VAL M 90 -42.45 3.45 11.08
CA VAL M 90 -43.54 2.51 10.93
C VAL M 90 -43.32 1.67 9.69
N LEU M 91 -43.13 0.37 9.90
CA LEU M 91 -42.88 -0.57 8.79
C LEU M 91 -43.98 -1.62 8.69
N ILE M 92 -44.66 -1.62 7.54
CA ILE M 92 -45.75 -2.55 7.27
C ILE M 92 -45.30 -3.58 6.23
N LYS M 93 -45.58 -4.85 6.49
CA LYS M 93 -45.25 -5.94 5.57
C LYS M 93 -45.96 -5.76 4.23
N GLY M 94 -45.16 -5.68 3.17
CA GLY M 94 -45.69 -5.56 1.82
C GLY M 94 -45.66 -6.87 1.06
N SER M 95 -45.59 -6.78 -0.27
CA SER M 95 -45.57 -7.97 -1.12
C SER M 95 -44.17 -8.55 -1.28
N THR M 96 -43.15 -7.72 -1.08
CA THR M 96 -41.76 -8.14 -1.23
C THR M 96 -41.07 -8.34 0.12
N MET M 97 -39.80 -8.74 0.07
CA MET M 97 -39.00 -8.97 1.27
C MET M 97 -38.39 -7.68 1.84
N HIS M 98 -38.78 -6.54 1.27
CA HIS M 98 -38.31 -5.22 1.72
C HIS M 98 -38.50 -5.08 3.24
N PHE M 99 -39.74 -5.29 3.69
CA PHE M 99 -40.08 -5.26 5.12
C PHE M 99 -39.07 -5.99 6.00
N GLU M 100 -38.82 -7.26 5.68
CA GLU M 100 -37.96 -8.14 6.49
C GLU M 100 -36.54 -7.59 6.68
N TYR M 101 -35.89 -7.24 5.57
CA TYR M 101 -34.49 -6.82 5.61
C TYR M 101 -34.29 -5.40 6.14
N ILE M 102 -35.28 -4.54 5.93
CA ILE M 102 -35.27 -3.18 6.51
C ILE M 102 -35.46 -3.25 8.03
N CYS M 103 -36.41 -4.05 8.49
CA CYS M 103 -36.65 -4.23 9.92
C CYS M 103 -35.42 -4.79 10.62
N ASP M 104 -34.86 -5.86 10.06
CA ASP M 104 -33.75 -6.59 10.67
C ASP M 104 -32.51 -5.71 10.86
N SER M 105 -32.09 -5.03 9.80
CA SER M 105 -30.89 -4.20 9.83
C SER M 105 -31.08 -2.93 10.67
N THR M 106 -32.26 -2.31 10.54
CA THR M 106 -32.58 -1.11 11.31
C THR M 106 -32.59 -1.40 12.80
N THR M 107 -33.19 -2.52 13.19
CA THR M 107 -33.30 -2.92 14.59
C THR M 107 -31.91 -3.15 15.21
N HIS M 108 -31.05 -3.85 14.48
CA HIS M 108 -29.70 -4.14 14.97
C HIS M 108 -28.84 -2.90 15.16
N GLN M 109 -28.90 -1.98 14.20
CA GLN M 109 -28.10 -0.76 14.27
C GLN M 109 -28.59 0.24 15.30
N LEU M 110 -29.91 0.31 15.47
CA LEU M 110 -30.50 1.15 16.53
C LEU M 110 -30.14 0.60 17.90
N MET M 111 -30.04 -0.73 18.00
CA MET M 111 -29.61 -1.41 19.21
C MET M 111 -28.14 -1.10 19.52
N LYS M 112 -27.28 -1.21 18.49
CA LYS M 112 -25.85 -0.94 18.63
C LYS M 112 -25.58 0.54 18.87
N LEU M 113 -26.48 1.38 18.38
CA LEU M 113 -26.37 2.83 18.47
C LEU M 113 -26.31 3.33 19.90
N ASN M 114 -26.93 2.59 20.81
CA ASN M 114 -26.86 2.86 22.25
C ASN M 114 -25.41 2.99 22.74
N PHE M 115 -24.56 2.08 22.28
CA PHE M 115 -23.16 2.01 22.72
C PHE M 115 -22.25 2.94 21.92
N GLU M 116 -22.65 3.24 20.69
CA GLU M 116 -21.86 4.09 19.81
C GLU M 116 -22.03 5.58 20.15
N LEU M 117 -23.25 5.97 20.50
CA LEU M 117 -23.55 7.37 20.79
C LEU M 117 -23.34 7.71 22.26
N GLY M 118 -23.36 6.69 23.12
CA GLY M 118 -23.21 6.88 24.55
C GLY M 118 -24.44 7.42 25.24
N ILE M 119 -25.57 7.42 24.53
CA ILE M 119 -26.87 7.79 25.11
C ILE M 119 -27.92 6.73 24.79
N PRO M 120 -28.94 6.59 25.66
CA PRO M 120 -30.05 5.66 25.38
C PRO M 120 -30.78 5.96 24.07
N VAL M 121 -30.87 4.95 23.22
CA VAL M 121 -31.62 5.01 21.98
C VAL M 121 -32.86 4.14 22.14
N ILE M 122 -34.02 4.78 22.23
CA ILE M 122 -35.27 4.06 22.48
C ILE M 122 -35.87 3.54 21.18
N PHE M 123 -36.12 2.23 21.13
CA PHE M 123 -36.65 1.60 19.93
C PHE M 123 -38.10 1.98 19.69
N GLY M 124 -38.31 2.87 18.73
CA GLY M 124 -39.66 3.35 18.40
C GLY M 124 -40.12 2.97 17.01
N VAL M 125 -39.65 1.83 16.53
CA VAL M 125 -40.03 1.32 15.21
C VAL M 125 -41.09 0.22 15.36
N LEU M 126 -42.21 0.39 14.66
CA LEU M 126 -43.26 -0.62 14.63
C LEU M 126 -43.08 -1.54 13.43
N THR M 127 -43.12 -2.84 13.70
CA THR M 127 -42.92 -3.85 12.66
C THR M 127 -44.18 -4.71 12.52
N CYS M 128 -45.11 -4.24 11.69
CA CYS M 128 -46.44 -4.85 11.59
C CYS M 128 -46.68 -5.59 10.28
N LEU M 129 -47.53 -6.61 10.34
CA LEU M 129 -47.95 -7.36 9.16
C LEU M 129 -49.03 -6.59 8.38
N THR M 130 -49.93 -5.94 9.12
CA THR M 130 -51.02 -5.16 8.53
C THR M 130 -51.05 -3.72 9.05
N ASP M 131 -51.76 -2.86 8.32
CA ASP M 131 -51.90 -1.44 8.68
C ASP M 131 -52.77 -1.25 9.92
N GLU M 132 -53.61 -2.25 10.21
CA GLU M 132 -54.52 -2.23 11.35
C GLU M 132 -53.77 -2.35 12.66
N GLN M 133 -52.74 -3.21 12.66
CA GLN M 133 -51.90 -3.45 13.84
C GLN M 133 -51.12 -2.20 14.26
N ALA M 134 -50.65 -1.45 13.27
CA ALA M 134 -49.90 -0.21 13.52
C ALA M 134 -50.80 0.92 14.04
N GLU M 135 -52.04 0.95 13.56
CA GLU M 135 -53.03 1.94 14.00
C GLU M 135 -53.37 1.76 15.47
N ALA M 136 -53.62 0.51 15.87
CA ALA M 136 -53.98 0.17 17.25
C ALA M 136 -52.82 0.42 18.22
N ARG M 137 -51.61 0.12 17.78
CA ARG M 137 -50.40 0.34 18.58
C ARG M 137 -49.99 1.81 18.65
N ALA M 138 -50.70 2.65 17.89
CA ALA M 138 -50.54 4.10 17.97
C ALA M 138 -51.68 4.71 18.78
N GLY M 139 -52.57 3.85 19.28
CA GLY M 139 -53.70 4.27 20.11
C GLY M 139 -54.77 5.06 19.38
N LEU M 140 -54.87 4.84 18.07
CA LEU M 140 -55.80 5.58 17.22
C LEU M 140 -57.24 5.07 17.27
N ILE M 141 -57.44 3.89 17.85
CA ILE M 141 -58.77 3.28 17.93
C ILE M 141 -59.25 3.08 19.37
N GLU M 142 -60.38 3.69 19.68
CA GLU M 142 -61.12 3.53 20.95
C GLU M 142 -60.25 3.25 22.18
N GLY M 143 -60.63 2.22 22.93
CA GLY M 143 -59.86 1.74 24.06
C GLY M 143 -59.30 0.35 23.78
N LYS M 144 -58.54 0.24 22.69
CA LYS M 144 -57.84 -0.99 22.34
C LYS M 144 -56.34 -0.78 22.50
N MET M 145 -55.72 -1.60 23.35
CA MET M 145 -54.29 -1.51 23.69
C MET M 145 -53.93 -0.11 24.19
N HIS M 146 -52.87 0.48 23.63
CA HIS M 146 -52.39 1.79 24.04
C HIS M 146 -51.40 2.36 23.01
N ASN M 147 -51.21 3.69 23.05
CA ASN M 147 -50.21 4.35 22.23
C ASN M 147 -48.80 4.05 22.72
N HIS M 148 -48.08 3.24 21.95
CA HIS M 148 -46.72 2.81 22.28
C HIS M 148 -45.72 3.96 22.37
N GLY M 149 -46.08 5.10 21.78
CA GLY M 149 -45.28 6.31 21.86
C GLY M 149 -45.07 6.80 23.28
N GLU M 150 -46.11 6.68 24.10
CA GLU M 150 -46.03 7.05 25.52
C GLU M 150 -45.02 6.17 26.27
N ASP M 151 -45.00 4.87 25.93
CA ASP M 151 -44.05 3.93 26.52
C ASP M 151 -42.61 4.34 26.21
N TRP M 152 -42.39 4.83 24.99
CA TRP M 152 -41.07 5.24 24.52
C TRP M 152 -40.60 6.54 25.16
N GLY M 153 -41.52 7.49 25.30
CA GLY M 153 -41.25 8.74 26.01
C GLY M 153 -40.83 8.46 27.45
N ALA M 154 -41.59 7.60 28.12
CA ALA M 154 -41.30 7.18 29.49
C ALA M 154 -39.95 6.46 29.59
N ALA M 155 -39.66 5.60 28.62
CA ALA M 155 -38.41 4.84 28.58
C ALA M 155 -37.18 5.74 28.45
N ALA M 156 -37.28 6.78 27.62
CA ALA M 156 -36.20 7.74 27.41
C ALA M 156 -35.84 8.50 28.68
N VAL M 157 -36.86 8.86 29.46
CA VAL M 157 -36.66 9.56 30.73
C VAL M 157 -35.98 8.66 31.75
N GLU M 158 -36.45 7.41 31.84
CA GLU M 158 -35.94 6.43 32.79
C GLU M 158 -34.48 6.04 32.49
N MET M 159 -34.21 5.70 31.23
CA MET M 159 -32.88 5.22 30.82
C MET M 159 -31.79 6.29 30.93
N ALA M 160 -32.19 7.55 30.89
CA ALA M 160 -31.24 8.67 30.93
C ALA M 160 -30.97 9.22 32.34
N THR M 161 -31.65 8.69 33.35
CA THR M 161 -31.55 9.23 34.71
C THR M 161 -31.21 8.23 35.81
N LYS M 162 -31.81 7.04 35.76
CA LYS M 162 -31.74 6.12 36.90
C LYS M 162 -30.37 5.48 37.16
N PHE M 163 -29.42 5.68 36.26
CA PHE M 163 -28.06 5.17 36.43
C PHE M 163 -27.02 6.28 36.62
N ASN M 164 -27.49 7.52 36.72
CA ASN M 164 -26.61 8.68 36.91
C ASN M 164 -26.03 8.76 38.33
N LYS N 12 -37.12 22.89 -0.59
CA LYS N 12 -36.72 21.98 0.53
C LYS N 12 -35.21 21.81 0.61
N TYR N 13 -34.64 21.04 -0.31
CA TYR N 13 -33.22 20.71 -0.27
C TYR N 13 -32.49 21.10 -1.56
N ASP N 14 -31.29 21.64 -1.39
CA ASP N 14 -30.47 22.08 -2.51
C ASP N 14 -29.24 21.18 -2.64
N GLY N 15 -29.11 20.55 -3.80
CA GLY N 15 -27.98 19.65 -4.06
C GLY N 15 -26.94 20.19 -5.01
N SER N 16 -26.99 21.50 -5.27
CA SER N 16 -26.09 22.14 -6.25
C SER N 16 -24.62 22.07 -5.89
N LYS N 17 -24.32 21.98 -4.60
CA LYS N 17 -22.94 21.92 -4.11
C LYS N 17 -22.54 20.51 -3.67
N LEU N 18 -23.33 19.52 -4.08
CA LEU N 18 -23.10 18.13 -3.69
C LEU N 18 -22.58 17.26 -4.83
N ARG N 19 -21.77 16.26 -4.48
CA ARG N 19 -21.36 15.23 -5.41
C ARG N 19 -21.91 13.90 -4.93
N ILE N 20 -22.77 13.29 -5.75
CA ILE N 20 -23.45 12.06 -5.38
C ILE N 20 -22.95 10.92 -6.27
N GLY N 21 -22.58 9.81 -5.63
CA GLY N 21 -22.12 8.63 -6.35
C GLY N 21 -23.22 7.60 -6.45
N ILE N 22 -23.35 6.99 -7.63
CA ILE N 22 -24.27 5.89 -7.83
C ILE N 22 -23.48 4.65 -8.24
N LEU N 23 -23.52 3.64 -7.39
CA LEU N 23 -22.88 2.36 -7.70
C LEU N 23 -23.96 1.31 -7.87
N HIS N 24 -24.03 0.71 -9.05
CA HIS N 24 -25.07 -0.30 -9.31
C HIS N 24 -24.54 -1.66 -9.76
N ALA N 25 -25.28 -2.71 -9.38
CA ALA N 25 -25.00 -4.06 -9.85
C ALA N 25 -25.47 -4.20 -11.30
N ARG N 26 -25.00 -5.25 -11.98
CA ARG N 26 -25.29 -5.41 -13.40
C ARG N 26 -26.28 -6.54 -13.71
N TRP N 27 -26.68 -7.28 -12.68
CA TRP N 27 -27.72 -8.30 -12.84
C TRP N 27 -29.10 -7.65 -12.86
N ASN N 28 -29.97 -8.19 -13.72
CA ASN N 28 -31.29 -7.59 -13.98
C ASN N 28 -31.16 -6.17 -14.53
N ARG N 29 -30.37 -6.04 -15.60
CA ARG N 29 -29.95 -4.74 -16.14
C ARG N 29 -31.12 -3.82 -16.52
N LYS N 30 -32.14 -4.38 -17.17
CA LYS N 30 -33.32 -3.63 -17.57
C LYS N 30 -33.95 -2.87 -16.40
N ILE N 31 -34.00 -3.53 -15.23
CA ILE N 31 -34.56 -2.93 -14.02
C ILE N 31 -33.57 -1.96 -13.37
N ILE N 32 -32.29 -2.34 -13.34
CA ILE N 32 -31.22 -1.49 -12.79
C ILE N 32 -31.21 -0.12 -13.46
N ASP N 33 -31.16 -0.11 -14.78
CA ASP N 33 -31.07 1.13 -15.55
C ASP N 33 -32.25 2.07 -15.33
N ALA N 34 -33.44 1.49 -15.10
CA ALA N 34 -34.64 2.27 -14.77
C ALA N 34 -34.53 2.94 -13.40
N LEU N 35 -33.97 2.22 -12.43
CA LEU N 35 -33.77 2.74 -11.08
C LEU N 35 -32.71 3.84 -11.06
N VAL N 36 -31.63 3.62 -11.80
CA VAL N 36 -30.54 4.58 -11.90
C VAL N 36 -31.04 5.88 -12.55
N ALA N 37 -31.78 5.75 -13.66
CA ALA N 37 -32.34 6.91 -14.36
C ALA N 37 -33.29 7.70 -13.45
N GLY N 38 -34.02 6.99 -12.60
CA GLY N 38 -34.91 7.61 -11.62
C GLY N 38 -34.15 8.41 -10.59
N ALA N 39 -33.03 7.87 -10.13
CA ALA N 39 -32.17 8.55 -9.17
C ALA N 39 -31.52 9.78 -9.81
N VAL N 40 -30.91 9.60 -10.98
CA VAL N 40 -30.31 10.69 -11.75
C VAL N 40 -31.32 11.83 -11.97
N LYS N 41 -32.56 11.46 -12.27
CA LYS N 41 -33.64 12.43 -12.50
C LYS N 41 -33.89 13.33 -11.29
N ARG N 42 -34.12 12.71 -10.13
CA ARG N 42 -34.42 13.45 -8.90
C ARG N 42 -33.22 14.28 -8.45
N LEU N 43 -32.03 13.70 -8.57
CA LEU N 43 -30.77 14.39 -8.27
C LEU N 43 -30.65 15.71 -9.01
N GLN N 44 -30.91 15.68 -10.31
CA GLN N 44 -30.80 16.86 -11.17
C GLN N 44 -31.94 17.86 -10.93
N GLU N 45 -33.09 17.34 -10.50
CA GLU N 45 -34.20 18.20 -10.09
C GLU N 45 -33.87 18.96 -8.81
N PHE N 46 -33.08 18.32 -7.94
CA PHE N 46 -32.62 18.93 -6.70
C PHE N 46 -31.42 19.87 -6.90
N GLY N 47 -30.97 19.97 -8.15
CA GLY N 47 -29.92 20.91 -8.52
C GLY N 47 -28.52 20.35 -8.63
N VAL N 48 -28.37 19.04 -8.41
CA VAL N 48 -27.05 18.41 -8.53
C VAL N 48 -26.58 18.45 -9.98
N LYS N 49 -25.37 18.99 -10.18
CA LYS N 49 -24.77 19.16 -11.50
C LYS N 49 -24.47 17.82 -12.18
N GLU N 50 -24.52 17.82 -13.50
CA GLU N 50 -24.24 16.64 -14.31
C GLU N 50 -22.87 16.03 -14.01
N GLU N 51 -21.85 16.89 -13.94
CA GLU N 51 -20.47 16.47 -13.64
C GLU N 51 -20.30 15.93 -12.22
N ASN N 52 -21.27 16.21 -11.34
CA ASN N 52 -21.21 15.78 -9.95
C ASN N 52 -22.13 14.60 -9.63
N ILE N 53 -22.54 13.88 -10.67
CA ILE N 53 -23.22 12.60 -10.50
C ILE N 53 -22.34 11.52 -11.14
N ILE N 54 -21.64 10.78 -10.29
CA ILE N 54 -20.66 9.79 -10.75
C ILE N 54 -21.29 8.40 -10.69
N ILE N 55 -21.40 7.77 -11.85
CA ILE N 55 -21.99 6.43 -11.95
C ILE N 55 -20.92 5.38 -12.21
N GLU N 56 -20.93 4.33 -11.39
CA GLU N 56 -19.98 3.23 -11.48
C GLU N 56 -20.70 1.90 -11.23
N THR N 57 -20.12 0.80 -11.68
CA THR N 57 -20.78 -0.52 -11.64
C THR N 57 -19.95 -1.62 -10.96
N VAL N 58 -20.64 -2.55 -10.32
CA VAL N 58 -20.05 -3.81 -9.83
C VAL N 58 -20.82 -4.98 -10.46
N PRO N 59 -20.21 -6.18 -10.52
CA PRO N 59 -20.91 -7.32 -11.11
C PRO N 59 -22.25 -7.66 -10.42
N GLY N 60 -22.24 -7.79 -9.10
CA GLY N 60 -23.44 -8.19 -8.35
C GLY N 60 -23.63 -7.47 -7.03
N SER N 61 -24.76 -7.74 -6.37
CA SER N 61 -25.15 -7.07 -5.13
C SER N 61 -24.19 -7.30 -3.95
N PHE N 62 -23.51 -8.44 -3.94
CA PHE N 62 -22.54 -8.76 -2.89
C PHE N 62 -21.34 -7.81 -2.91
N GLU N 63 -21.02 -7.27 -4.10
CA GLU N 63 -19.88 -6.38 -4.26
C GLU N 63 -20.25 -4.91 -4.02
N LEU N 64 -21.51 -4.65 -3.70
CA LEU N 64 -21.97 -3.28 -3.44
C LEU N 64 -21.33 -2.61 -2.23
N PRO N 65 -21.27 -3.30 -1.06
CA PRO N 65 -20.65 -2.69 0.12
C PRO N 65 -19.16 -2.36 -0.05
N TYR N 66 -18.35 -3.34 -0.43
CA TYR N 66 -16.91 -3.09 -0.61
C TYR N 66 -16.61 -2.25 -1.85
N GLY N 67 -17.44 -2.41 -2.88
CA GLY N 67 -17.38 -1.57 -4.06
C GLY N 67 -17.59 -0.12 -3.70
N SER N 68 -18.56 0.13 -2.82
CA SER N 68 -18.84 1.48 -2.32
C SER N 68 -17.64 2.09 -1.59
N LYS N 69 -16.96 1.29 -0.78
CA LYS N 69 -15.77 1.76 -0.07
C LYS N 69 -14.67 2.15 -1.05
N LEU N 70 -14.41 1.28 -2.03
CA LEU N 70 -13.38 1.52 -3.05
C LEU N 70 -13.74 2.71 -3.94
N PHE N 71 -15.02 2.84 -4.25
CA PHE N 71 -15.54 3.96 -5.03
C PHE N 71 -15.34 5.27 -4.26
N VAL N 72 -15.65 5.25 -2.96
CA VAL N 72 -15.46 6.43 -2.10
C VAL N 72 -13.99 6.82 -1.96
N GLU N 73 -13.13 5.82 -1.74
CA GLU N 73 -11.69 6.05 -1.60
C GLU N 73 -11.05 6.56 -2.89
N LYS N 74 -11.47 6.04 -4.03
CA LYS N 74 -10.96 6.50 -5.33
C LYS N 74 -11.31 7.97 -5.56
N GLN N 75 -12.57 8.32 -5.30
CA GLN N 75 -13.05 9.68 -5.46
C GLN N 75 -12.32 10.68 -4.56
N LYS N 76 -11.98 10.25 -3.34
CA LYS N 76 -11.17 11.06 -2.42
C LYS N 76 -9.76 11.35 -2.95
N ARG N 77 -9.11 10.31 -3.48
CA ARG N 77 -7.78 10.43 -4.08
C ARG N 77 -7.78 11.26 -5.37
N LEU N 78 -8.93 11.27 -6.05
CA LEU N 78 -9.11 12.10 -7.24
C LEU N 78 -9.28 13.58 -6.91
N GLY N 79 -9.56 13.87 -5.64
CA GLY N 79 -9.83 15.23 -5.19
C GLY N 79 -11.26 15.65 -5.46
N LYS N 80 -12.11 14.65 -5.75
CA LYS N 80 -13.55 14.87 -5.97
C LYS N 80 -14.32 13.96 -5.03
N PRO N 81 -14.32 14.28 -3.71
CA PRO N 81 -14.94 13.37 -2.75
C PRO N 81 -16.47 13.37 -2.85
N LEU N 82 -17.08 12.26 -2.45
CA LEU N 82 -18.52 12.10 -2.50
C LEU N 82 -19.19 12.56 -1.21
N ASP N 83 -20.34 13.22 -1.35
CA ASP N 83 -21.11 13.68 -0.20
C ASP N 83 -22.11 12.61 0.26
N ALA N 84 -22.53 11.76 -0.67
CA ALA N 84 -23.39 10.62 -0.40
C ALA N 84 -23.25 9.59 -1.51
N ILE N 85 -23.65 8.35 -1.23
CA ILE N 85 -23.58 7.28 -2.22
C ILE N 85 -24.86 6.43 -2.25
N ILE N 86 -25.28 6.05 -3.44
CA ILE N 86 -26.48 5.23 -3.63
C ILE N 86 -26.12 3.89 -4.29
N PRO N 87 -25.87 2.85 -3.47
CA PRO N 87 -25.69 1.50 -4.02
C PRO N 87 -27.02 0.94 -4.50
N ILE N 88 -27.09 0.58 -5.78
CA ILE N 88 -28.32 0.07 -6.37
C ILE N 88 -28.17 -1.39 -6.83
N GLY N 89 -29.06 -2.25 -6.35
CA GLY N 89 -29.08 -3.65 -6.73
C GLY N 89 -30.50 -4.18 -6.87
N VAL N 90 -30.66 -5.24 -7.66
CA VAL N 90 -31.95 -5.91 -7.81
C VAL N 90 -31.78 -7.40 -7.57
N LEU N 91 -32.37 -7.89 -6.49
CA LEU N 91 -32.32 -9.31 -6.15
C LEU N 91 -33.69 -9.94 -6.28
N ILE N 92 -33.76 -10.97 -7.12
CA ILE N 92 -34.98 -11.75 -7.34
C ILE N 92 -34.80 -13.14 -6.76
N LYS N 93 -35.79 -13.59 -6.00
CA LYS N 93 -35.79 -14.93 -5.42
C LYS N 93 -35.66 -16.01 -6.51
N GLY N 94 -34.56 -16.76 -6.46
CA GLY N 94 -34.33 -17.87 -7.37
C GLY N 94 -34.84 -19.19 -6.80
N SER N 95 -34.23 -20.28 -7.23
CA SER N 95 -34.60 -21.62 -6.76
C SER N 95 -33.92 -21.98 -5.44
N THR N 96 -32.69 -21.51 -5.25
CA THR N 96 -31.90 -21.84 -4.06
C THR N 96 -32.09 -20.82 -2.93
N MET N 97 -31.21 -20.88 -1.93
CA MET N 97 -31.23 -19.94 -0.81
C MET N 97 -30.28 -18.76 -1.04
N HIS N 98 -29.71 -18.70 -2.25
CA HIS N 98 -28.78 -17.64 -2.63
C HIS N 98 -29.35 -16.25 -2.32
N PHE N 99 -30.61 -16.04 -2.73
CA PHE N 99 -31.33 -14.79 -2.52
C PHE N 99 -31.32 -14.33 -1.05
N GLU N 100 -31.68 -15.23 -0.14
CA GLU N 100 -31.81 -14.90 1.28
C GLU N 100 -30.51 -14.39 1.91
N TYR N 101 -29.43 -15.13 1.71
CA TYR N 101 -28.16 -14.82 2.36
C TYR N 101 -27.41 -13.66 1.71
N ILE N 102 -27.61 -13.45 0.41
CA ILE N 102 -27.09 -12.26 -0.27
C ILE N 102 -27.82 -11.01 0.23
N CYS N 103 -29.15 -11.07 0.27
CA CYS N 103 -29.97 -9.97 0.76
C CYS N 103 -29.60 -9.57 2.17
N ASP N 104 -29.46 -10.56 3.05
CA ASP N 104 -29.20 -10.35 4.47
C ASP N 104 -27.87 -9.62 4.71
N SER N 105 -26.79 -10.17 4.18
CA SER N 105 -25.45 -9.62 4.37
C SER N 105 -25.24 -8.27 3.68
N THR N 106 -25.78 -8.14 2.47
CA THR N 106 -25.72 -6.87 1.72
C THR N 106 -26.40 -5.74 2.52
N THR N 107 -27.66 -5.97 2.90
CA THR N 107 -28.45 -4.99 3.66
C THR N 107 -27.71 -4.52 4.91
N HIS N 108 -27.23 -5.47 5.71
CA HIS N 108 -26.51 -5.16 6.95
C HIS N 108 -25.23 -4.35 6.74
N GLN N 109 -24.44 -4.73 5.74
CA GLN N 109 -23.17 -4.03 5.47
C GLN N 109 -23.35 -2.64 4.88
N LEU N 110 -24.36 -2.47 4.03
CA LEU N 110 -24.70 -1.16 3.49
C LEU N 110 -25.18 -0.22 4.60
N MET N 111 -25.87 -0.78 5.59
CA MET N 111 -26.31 -0.04 6.76
C MET N 111 -25.12 0.46 7.58
N LYS N 112 -24.19 -0.44 7.91
CA LYS N 112 -22.98 -0.11 8.66
C LYS N 112 -22.08 0.87 7.91
N LEU N 113 -22.13 0.79 6.58
CA LEU N 113 -21.28 1.59 5.71
C LEU N 113 -21.47 3.09 5.91
N ASN N 114 -22.69 3.48 6.30
CA ASN N 114 -22.98 4.85 6.73
C ASN N 114 -21.95 5.35 7.75
N PHE N 115 -21.74 4.55 8.80
CA PHE N 115 -20.90 4.93 9.92
C PHE N 115 -19.41 4.80 9.61
N GLU N 116 -19.06 3.76 8.86
CA GLU N 116 -17.66 3.53 8.45
C GLU N 116 -17.16 4.58 7.47
N LEU N 117 -17.94 4.84 6.43
CA LEU N 117 -17.55 5.80 5.39
C LEU N 117 -17.73 7.26 5.82
N GLY N 118 -18.59 7.48 6.80
CA GLY N 118 -18.87 8.83 7.29
C GLY N 118 -19.72 9.67 6.35
N ILE N 119 -20.32 9.02 5.36
CA ILE N 119 -21.27 9.67 4.45
C ILE N 119 -22.57 8.86 4.34
N PRO N 120 -23.70 9.53 4.07
CA PRO N 120 -24.96 8.81 3.89
C PRO N 120 -24.88 7.74 2.79
N VAL N 121 -25.32 6.53 3.12
CA VAL N 121 -25.39 5.43 2.17
C VAL N 121 -26.86 5.05 2.02
N ILE N 122 -27.42 5.39 0.87
CA ILE N 122 -28.85 5.19 0.61
C ILE N 122 -29.11 3.76 0.11
N PHE N 123 -30.01 3.06 0.78
CA PHE N 123 -30.31 1.68 0.44
C PHE N 123 -31.14 1.58 -0.84
N GLY N 124 -30.46 1.28 -1.94
CA GLY N 124 -31.11 1.17 -3.24
C GLY N 124 -31.16 -0.25 -3.77
N VAL N 125 -31.34 -1.20 -2.86
CA VAL N 125 -31.42 -2.61 -3.22
C VAL N 125 -32.87 -3.08 -3.15
N LEU N 126 -33.36 -3.64 -4.25
CA LEU N 126 -34.68 -4.25 -4.29
C LEU N 126 -34.57 -5.73 -3.96
N THR N 127 -35.43 -6.18 -3.04
CA THR N 127 -35.44 -7.57 -2.60
C THR N 127 -36.81 -8.19 -2.91
N CYS N 128 -36.91 -8.77 -4.10
CA CYS N 128 -38.20 -9.21 -4.63
C CYS N 128 -38.34 -10.72 -4.78
N LEU N 129 -39.58 -11.19 -4.75
CA LEU N 129 -39.90 -12.60 -4.98
C LEU N 129 -40.07 -12.89 -6.47
N THR N 130 -40.54 -11.90 -7.21
CA THR N 130 -40.80 -12.04 -8.65
C THR N 130 -40.23 -10.87 -9.45
N ASP N 131 -40.07 -11.08 -10.75
CA ASP N 131 -39.64 -10.03 -11.68
C ASP N 131 -40.66 -8.90 -11.75
N GLU N 132 -41.94 -9.27 -11.65
CA GLU N 132 -43.06 -8.34 -11.62
C GLU N 132 -42.87 -7.23 -10.58
N GLN N 133 -42.57 -7.64 -9.34
CA GLN N 133 -42.43 -6.72 -8.22
C GLN N 133 -41.26 -5.76 -8.36
N ALA N 134 -40.18 -6.22 -8.99
CA ALA N 134 -39.01 -5.38 -9.22
C ALA N 134 -39.28 -4.35 -10.32
N GLU N 135 -39.93 -4.80 -11.40
CA GLU N 135 -40.32 -3.92 -12.49
C GLU N 135 -41.30 -2.84 -12.00
N ALA N 136 -42.20 -3.23 -11.13
CA ALA N 136 -43.21 -2.32 -10.57
C ALA N 136 -42.57 -1.21 -9.73
N ARG N 137 -41.59 -1.58 -8.92
CA ARG N 137 -40.90 -0.64 -8.03
C ARG N 137 -39.82 0.17 -8.75
N ALA N 138 -39.71 -0.02 -10.07
CA ALA N 138 -38.77 0.72 -10.90
C ALA N 138 -39.49 1.65 -11.87
N GLY N 139 -40.82 1.66 -11.79
CA GLY N 139 -41.65 2.50 -12.66
C GLY N 139 -41.81 1.95 -14.07
N LEU N 140 -41.49 0.67 -14.23
CA LEU N 140 -41.51 0.03 -15.55
C LEU N 140 -42.89 -0.46 -15.98
N ILE N 141 -43.83 -0.50 -15.03
CA ILE N 141 -45.22 -0.85 -15.33
C ILE N 141 -46.08 0.40 -15.19
N GLU N 142 -46.70 0.81 -16.31
CA GLU N 142 -47.50 2.03 -16.36
C GLU N 142 -48.79 1.93 -15.56
N GLY N 143 -49.03 2.93 -14.71
CA GLY N 143 -50.20 2.98 -13.84
C GLY N 143 -50.02 2.15 -12.58
N LYS N 144 -48.77 1.88 -12.22
CA LYS N 144 -48.44 1.03 -11.08
C LYS N 144 -47.34 1.63 -10.21
N MET N 145 -47.71 2.00 -8.99
CA MET N 145 -46.77 2.53 -7.98
C MET N 145 -45.85 3.61 -8.56
N HIS N 146 -44.57 3.57 -8.21
CA HIS N 146 -43.59 4.57 -8.70
C HIS N 146 -42.17 4.02 -8.75
N ASN N 147 -41.27 4.79 -9.36
CA ASN N 147 -39.85 4.47 -9.40
C ASN N 147 -39.20 4.80 -8.05
N HIS N 148 -38.86 3.75 -7.30
CA HIS N 148 -38.22 3.91 -5.98
C HIS N 148 -36.87 4.63 -6.08
N GLY N 149 -36.26 4.56 -7.27
CA GLY N 149 -34.99 5.25 -7.54
C GLY N 149 -35.06 6.74 -7.29
N GLU N 150 -36.21 7.33 -7.59
CA GLU N 150 -36.44 8.76 -7.35
C GLU N 150 -36.37 9.10 -5.86
N ASP N 151 -37.02 8.28 -5.03
CA ASP N 151 -36.97 8.43 -3.57
C ASP N 151 -35.54 8.38 -3.04
N TRP N 152 -34.74 7.50 -3.62
CA TRP N 152 -33.34 7.32 -3.20
C TRP N 152 -32.50 8.55 -3.49
N GLY N 153 -32.72 9.18 -4.64
CA GLY N 153 -32.05 10.43 -5.00
C GLY N 153 -32.37 11.55 -4.03
N ALA N 154 -33.65 11.70 -3.70
CA ALA N 154 -34.11 12.71 -2.76
C ALA N 154 -33.53 12.50 -1.37
N ALA N 155 -33.50 11.23 -0.93
CA ALA N 155 -32.91 10.86 0.34
C ALA N 155 -31.44 11.21 0.41
N ALA N 156 -30.72 10.97 -0.69
CA ALA N 156 -29.29 11.26 -0.77
C ALA N 156 -28.98 12.74 -0.58
N VAL N 157 -29.79 13.60 -1.20
CA VAL N 157 -29.63 15.04 -1.06
C VAL N 157 -29.98 15.48 0.37
N GLU N 158 -31.13 15.01 0.86
CA GLU N 158 -31.60 15.34 2.21
C GLU N 158 -30.61 14.93 3.30
N MET N 159 -30.17 13.66 3.26
CA MET N 159 -29.28 13.13 4.29
C MET N 159 -27.91 13.80 4.34
N ALA N 160 -27.48 14.33 3.19
CA ALA N 160 -26.19 14.99 3.08
C ALA N 160 -26.20 16.47 3.48
N THR N 161 -27.39 17.06 3.63
CA THR N 161 -27.51 18.49 3.91
C THR N 161 -28.33 18.87 5.14
N LYS N 162 -29.34 18.08 5.49
CA LYS N 162 -30.27 18.38 6.58
C LYS N 162 -29.59 18.74 7.90
N PHE N 163 -28.59 17.94 8.29
CA PHE N 163 -27.91 18.11 9.57
C PHE N 163 -26.59 18.86 9.44
N ASN N 164 -26.51 19.74 8.43
CA ASN N 164 -25.30 20.46 8.04
C ASN N 164 -24.34 19.60 7.23
N LYS O 12 -12.04 -4.23 -21.58
CA LYS O 12 -11.86 -3.96 -20.11
C LYS O 12 -11.53 -5.22 -19.32
N TYR O 13 -10.85 -5.01 -18.18
CA TYR O 13 -10.42 -6.08 -17.26
C TYR O 13 -9.22 -6.89 -17.77
N ASP O 14 -8.10 -6.73 -17.08
CA ASP O 14 -6.84 -7.40 -17.39
C ASP O 14 -6.17 -7.78 -16.07
N GLY O 15 -6.05 -9.07 -15.81
CA GLY O 15 -5.51 -9.57 -14.55
C GLY O 15 -4.07 -10.03 -14.62
N SER O 16 -3.30 -9.49 -15.56
CA SER O 16 -1.91 -9.88 -15.77
C SER O 16 -1.01 -9.58 -14.56
N LYS O 17 -1.27 -8.45 -13.90
CA LYS O 17 -0.48 -8.04 -12.73
C LYS O 17 -1.02 -8.60 -11.40
N LEU O 18 -2.14 -9.30 -11.47
CA LEU O 18 -2.85 -9.74 -10.26
C LEU O 18 -2.45 -11.14 -9.79
N ARG O 19 -2.44 -11.30 -8.47
CA ARG O 19 -2.32 -12.61 -7.84
C ARG O 19 -3.63 -12.91 -7.13
N ILE O 20 -4.27 -14.01 -7.52
CA ILE O 20 -5.58 -14.37 -7.00
C ILE O 20 -5.51 -15.67 -6.18
N GLY O 21 -6.12 -15.64 -5.01
CA GLY O 21 -6.18 -16.83 -4.15
C GLY O 21 -7.53 -17.51 -4.23
N ILE O 22 -7.51 -18.82 -4.39
CA ILE O 22 -8.73 -19.62 -4.30
C ILE O 22 -8.61 -20.54 -3.09
N LEU O 23 -9.56 -20.42 -2.18
CA LEU O 23 -9.61 -21.25 -0.98
C LEU O 23 -10.92 -22.03 -0.98
N HIS O 24 -10.83 -23.35 -1.10
CA HIS O 24 -12.05 -24.16 -1.18
C HIS O 24 -12.21 -25.21 -0.10
N ALA O 25 -13.47 -25.46 0.27
CA ALA O 25 -13.82 -26.56 1.17
C ALA O 25 -13.65 -27.89 0.44
N ARG O 26 -13.67 -28.98 1.20
CA ARG O 26 -13.52 -30.32 0.60
C ARG O 26 -14.78 -31.18 0.69
N TRP O 27 -15.78 -30.69 1.41
CA TRP O 27 -17.13 -31.28 1.39
C TRP O 27 -17.74 -31.07 0.00
N ASN O 28 -18.47 -32.06 -0.48
CA ASN O 28 -19.06 -32.06 -1.83
C ASN O 28 -18.01 -31.80 -2.92
N ARG O 29 -16.99 -32.66 -2.93
CA ARG O 29 -15.80 -32.47 -3.77
C ARG O 29 -16.07 -32.47 -5.27
N LYS O 30 -17.04 -33.28 -5.70
CA LYS O 30 -17.43 -33.35 -7.12
C LYS O 30 -17.86 -31.99 -7.65
N ILE O 31 -18.66 -31.28 -6.86
CA ILE O 31 -19.15 -29.95 -7.22
C ILE O 31 -18.07 -28.88 -7.01
N ILE O 32 -17.38 -28.96 -5.87
CA ILE O 32 -16.27 -28.04 -5.56
C ILE O 32 -15.27 -27.96 -6.71
N ASP O 33 -14.79 -29.12 -7.17
CA ASP O 33 -13.80 -29.21 -8.25
C ASP O 33 -14.23 -28.55 -9.56
N ALA O 34 -15.52 -28.66 -9.89
CA ALA O 34 -16.06 -28.02 -11.09
C ALA O 34 -16.03 -26.50 -10.99
N LEU O 35 -16.38 -25.98 -9.81
CA LEU O 35 -16.39 -24.55 -9.55
C LEU O 35 -14.98 -23.95 -9.53
N VAL O 36 -14.02 -24.70 -8.98
CA VAL O 36 -12.62 -24.28 -8.93
C VAL O 36 -12.05 -24.21 -10.34
N ALA O 37 -12.32 -25.23 -11.15
CA ALA O 37 -11.88 -25.28 -12.54
C ALA O 37 -12.45 -24.11 -13.35
N GLY O 38 -13.71 -23.79 -13.11
CA GLY O 38 -14.38 -22.67 -13.77
C GLY O 38 -13.74 -21.34 -13.42
N ALA O 39 -13.45 -21.15 -12.13
CA ALA O 39 -12.75 -19.97 -11.65
C ALA O 39 -11.35 -19.85 -12.27
N VAL O 40 -10.56 -20.92 -12.19
CA VAL O 40 -9.22 -20.97 -12.77
C VAL O 40 -9.25 -20.61 -14.26
N LYS O 41 -10.18 -21.22 -15.00
CA LYS O 41 -10.33 -20.98 -16.43
C LYS O 41 -10.55 -19.50 -16.76
N ARG O 42 -11.52 -18.88 -16.08
CA ARG O 42 -11.85 -17.48 -16.32
C ARG O 42 -10.74 -16.52 -15.90
N LEU O 43 -10.06 -16.87 -14.80
CA LEU O 43 -8.87 -16.15 -14.36
C LEU O 43 -7.81 -16.12 -15.45
N GLN O 44 -7.45 -17.30 -15.96
CA GLN O 44 -6.45 -17.45 -17.01
C GLN O 44 -6.86 -16.75 -18.30
N GLU O 45 -8.15 -16.79 -18.62
CA GLU O 45 -8.68 -16.15 -19.83
C GLU O 45 -8.61 -14.63 -19.76
N PHE O 46 -8.60 -14.10 -18.54
CA PHE O 46 -8.58 -12.66 -18.30
C PHE O 46 -7.17 -12.12 -18.03
N GLY O 47 -6.17 -12.97 -18.18
CA GLY O 47 -4.78 -12.55 -18.08
C GLY O 47 -4.00 -13.00 -16.85
N VAL O 48 -4.70 -13.52 -15.85
CA VAL O 48 -4.04 -14.01 -14.64
C VAL O 48 -3.21 -15.25 -14.98
N LYS O 49 -1.92 -15.19 -14.65
CA LYS O 49 -0.97 -16.23 -15.00
C LYS O 49 -1.10 -17.46 -14.10
N GLU O 50 -0.59 -18.60 -14.56
CA GLU O 50 -0.67 -19.86 -13.83
C GLU O 50 -0.01 -19.76 -12.45
N GLU O 51 1.15 -19.09 -12.42
CA GLU O 51 1.94 -18.87 -11.21
C GLU O 51 1.18 -18.05 -10.17
N ASN O 52 0.26 -17.21 -10.63
CA ASN O 52 -0.42 -16.24 -9.77
C ASN O 52 -1.82 -16.65 -9.32
N ILE O 53 -2.19 -17.91 -9.60
CA ILE O 53 -3.42 -18.49 -9.06
C ILE O 53 -3.04 -19.51 -7.98
N ILE O 54 -3.16 -19.09 -6.73
CA ILE O 54 -2.78 -19.91 -5.58
C ILE O 54 -4.01 -20.61 -5.01
N ILE O 55 -4.00 -21.94 -5.05
CA ILE O 55 -5.13 -22.74 -4.59
C ILE O 55 -4.78 -23.50 -3.31
N GLU O 56 -5.60 -23.27 -2.27
CA GLU O 56 -5.45 -23.94 -0.98
C GLU O 56 -6.83 -24.41 -0.50
N THR O 57 -6.84 -25.36 0.44
CA THR O 57 -8.09 -25.98 0.89
C THR O 57 -8.32 -25.83 2.41
N VAL O 58 -9.59 -25.93 2.80
CA VAL O 58 -9.99 -26.07 4.21
C VAL O 58 -10.99 -27.24 4.32
N PRO O 59 -11.18 -27.80 5.54
CA PRO O 59 -12.11 -28.93 5.68
C PRO O 59 -13.55 -28.59 5.28
N GLY O 60 -14.07 -27.47 5.76
CA GLY O 60 -15.47 -27.11 5.53
C GLY O 60 -15.70 -25.63 5.35
N SER O 61 -16.95 -25.28 5.04
CA SER O 61 -17.35 -23.90 4.76
C SER O 61 -17.22 -22.95 5.96
N PHE O 62 -17.32 -23.50 7.17
CA PHE O 62 -17.17 -22.68 8.38
C PHE O 62 -15.73 -22.20 8.56
N GLU O 63 -14.78 -22.99 8.07
CA GLU O 63 -13.35 -22.65 8.13
C GLU O 63 -12.91 -21.70 7.01
N LEU O 64 -13.85 -21.29 6.16
CA LEU O 64 -13.52 -20.39 5.04
C LEU O 64 -13.12 -18.96 5.45
N PRO O 65 -13.91 -18.28 6.30
CA PRO O 65 -13.52 -16.94 6.71
C PRO O 65 -12.13 -16.85 7.34
N TYR O 66 -11.88 -17.63 8.40
CA TYR O 66 -10.58 -17.60 9.06
C TYR O 66 -9.47 -18.23 8.21
N GLY O 67 -9.83 -19.24 7.42
CA GLY O 67 -8.90 -19.84 6.47
C GLY O 67 -8.41 -18.83 5.46
N SER O 68 -9.30 -17.94 5.05
CA SER O 68 -8.98 -16.88 4.10
C SER O 68 -8.02 -15.87 4.70
N LYS O 69 -8.23 -15.54 5.98
CA LYS O 69 -7.37 -14.60 6.71
C LYS O 69 -5.97 -15.15 6.88
N LEU O 70 -5.87 -16.41 7.31
CA LEU O 70 -4.59 -17.10 7.46
C LEU O 70 -3.89 -17.23 6.12
N PHE O 71 -4.66 -17.52 5.07
CA PHE O 71 -4.15 -17.64 3.71
C PHE O 71 -3.57 -16.33 3.19
N VAL O 72 -4.30 -15.23 3.42
CA VAL O 72 -3.84 -13.89 3.06
C VAL O 72 -2.56 -13.51 3.83
N GLU O 73 -2.54 -13.81 5.13
CA GLU O 73 -1.39 -13.50 5.98
C GLU O 73 -0.14 -14.31 5.62
N LYS O 74 -0.31 -15.57 5.24
CA LYS O 74 0.79 -16.45 4.82
C LYS O 74 1.43 -15.94 3.54
N GLN O 75 0.60 -15.48 2.60
CA GLN O 75 1.06 -14.96 1.32
C GLN O 75 1.84 -13.65 1.47
N LYS O 76 1.39 -12.80 2.40
CA LYS O 76 2.12 -11.58 2.77
C LYS O 76 3.49 -11.92 3.36
N ARG O 77 3.52 -12.98 4.18
CA ARG O 77 4.75 -13.45 4.83
C ARG O 77 5.74 -13.96 3.78
N LEU O 78 5.20 -14.59 2.73
CA LEU O 78 6.00 -15.13 1.63
C LEU O 78 6.43 -14.06 0.62
N GLY O 79 5.85 -12.87 0.75
CA GLY O 79 6.13 -11.77 -0.19
C GLY O 79 5.42 -11.96 -1.51
N LYS O 80 4.33 -12.71 -1.47
CA LYS O 80 3.49 -12.95 -2.64
C LYS O 80 2.03 -12.61 -2.28
N PRO O 81 1.75 -11.32 -2.03
CA PRO O 81 0.42 -10.94 -1.56
C PRO O 81 -0.68 -11.25 -2.58
N LEU O 82 -1.87 -11.58 -2.08
CA LEU O 82 -3.02 -11.81 -2.94
C LEU O 82 -3.76 -10.50 -3.14
N ASP O 83 -4.14 -10.23 -4.39
CA ASP O 83 -4.87 -9.01 -4.74
C ASP O 83 -6.38 -9.19 -4.56
N ALA O 84 -6.82 -10.44 -4.52
CA ALA O 84 -8.20 -10.81 -4.24
C ALA O 84 -8.26 -12.28 -3.83
N ILE O 85 -9.37 -12.67 -3.21
CA ILE O 85 -9.56 -14.05 -2.78
C ILE O 85 -10.98 -14.55 -3.08
N ILE O 86 -11.07 -15.81 -3.53
CA ILE O 86 -12.34 -16.45 -3.79
C ILE O 86 -12.51 -17.66 -2.87
N PRO O 87 -13.14 -17.45 -1.71
CA PRO O 87 -13.53 -18.59 -0.87
C PRO O 87 -14.67 -19.36 -1.53
N ILE O 88 -14.46 -20.65 -1.76
CA ILE O 88 -15.44 -21.49 -2.44
C ILE O 88 -15.93 -22.61 -1.52
N GLY O 89 -17.24 -22.75 -1.43
CA GLY O 89 -17.85 -23.79 -0.62
C GLY O 89 -19.21 -24.20 -1.17
N VAL O 90 -19.62 -25.42 -0.85
CA VAL O 90 -20.91 -25.93 -1.27
C VAL O 90 -21.71 -26.37 -0.06
N LEU O 91 -22.85 -25.71 0.16
CA LEU O 91 -23.74 -26.06 1.26
C LEU O 91 -25.07 -26.54 0.72
N ILE O 92 -25.40 -27.79 1.05
CA ILE O 92 -26.66 -28.42 0.64
C ILE O 92 -27.53 -28.63 1.88
N LYS O 93 -28.79 -28.22 1.77
CA LYS O 93 -29.76 -28.37 2.87
C LYS O 93 -30.00 -29.84 3.22
N GLY O 94 -29.70 -30.19 4.47
CA GLY O 94 -29.90 -31.54 4.98
C GLY O 94 -31.17 -31.66 5.82
N SER O 95 -31.11 -32.53 6.83
CA SER O 95 -32.26 -32.78 7.70
C SER O 95 -32.39 -31.74 8.81
N THR O 96 -31.25 -31.27 9.32
CA THR O 96 -31.23 -30.37 10.49
C THR O 96 -31.11 -28.90 10.08
N MET O 97 -30.87 -28.04 11.07
CA MET O 97 -30.69 -26.61 10.86
C MET O 97 -29.24 -26.22 10.59
N HIS O 98 -28.36 -27.22 10.53
CA HIS O 98 -26.94 -27.03 10.28
C HIS O 98 -26.67 -26.14 9.05
N PHE O 99 -27.35 -26.45 7.94
CA PHE O 99 -27.28 -25.69 6.71
C PHE O 99 -27.51 -24.19 6.94
N GLU O 100 -28.62 -23.87 7.61
CA GLU O 100 -29.02 -22.48 7.84
C GLU O 100 -27.97 -21.67 8.60
N TYR O 101 -27.47 -22.22 9.70
CA TYR O 101 -26.57 -21.48 10.58
C TYR O 101 -25.14 -21.36 10.05
N ILE O 102 -24.68 -22.38 9.31
CA ILE O 102 -23.38 -22.29 8.65
C ILE O 102 -23.45 -21.27 7.52
N CYS O 103 -24.52 -21.32 6.72
CA CYS O 103 -24.75 -20.33 5.65
C CYS O 103 -24.73 -18.90 6.18
N ASP O 104 -25.50 -18.67 7.24
CA ASP O 104 -25.71 -17.32 7.78
C ASP O 104 -24.43 -16.68 8.32
N SER O 105 -23.73 -17.38 9.20
CA SER O 105 -22.52 -16.85 9.82
C SER O 105 -21.37 -16.71 8.81
N THR O 106 -21.22 -17.70 7.93
CA THR O 106 -20.18 -17.68 6.90
C THR O 106 -20.38 -16.50 5.94
N THR O 107 -21.59 -16.36 5.41
CA THR O 107 -21.90 -15.28 4.47
C THR O 107 -21.57 -13.90 5.06
N HIS O 108 -22.05 -13.64 6.28
CA HIS O 108 -21.79 -12.37 6.97
C HIS O 108 -20.30 -12.11 7.21
N GLN O 109 -19.57 -13.14 7.64
CA GLN O 109 -18.14 -12.98 7.89
C GLN O 109 -17.31 -12.80 6.64
N LEU O 110 -17.68 -13.52 5.57
CA LEU O 110 -17.01 -13.36 4.27
C LEU O 110 -17.23 -11.96 3.73
N MET O 111 -18.45 -11.45 3.91
CA MET O 111 -18.79 -10.08 3.58
C MET O 111 -17.89 -9.09 4.33
N LYS O 112 -17.80 -9.26 5.65
CA LYS O 112 -16.96 -8.42 6.50
C LYS O 112 -15.47 -8.51 6.17
N LEU O 113 -15.03 -9.69 5.73
CA LEU O 113 -13.64 -9.94 5.34
C LEU O 113 -13.08 -8.98 4.32
N ASN O 114 -13.94 -8.51 3.40
CA ASN O 114 -13.56 -7.46 2.44
C ASN O 114 -12.88 -6.29 3.15
N PHE O 115 -13.46 -5.87 4.27
CA PHE O 115 -13.03 -4.68 5.00
C PHE O 115 -11.91 -4.94 6.01
N GLU O 116 -11.80 -6.19 6.46
CA GLU O 116 -10.74 -6.60 7.39
C GLU O 116 -9.45 -6.92 6.64
N LEU O 117 -9.57 -7.68 5.55
CA LEU O 117 -8.42 -8.06 4.74
C LEU O 117 -7.90 -6.94 3.85
N GLY O 118 -8.78 -6.01 3.49
CA GLY O 118 -8.42 -4.89 2.61
C GLY O 118 -8.27 -5.29 1.16
N ILE O 119 -8.72 -6.51 0.83
CA ILE O 119 -8.78 -6.99 -0.55
C ILE O 119 -10.18 -7.56 -0.83
N PRO O 120 -10.63 -7.52 -2.10
CA PRO O 120 -11.95 -8.07 -2.44
C PRO O 120 -12.07 -9.55 -2.09
N VAL O 121 -13.17 -9.90 -1.43
CA VAL O 121 -13.50 -11.28 -1.12
C VAL O 121 -14.76 -11.64 -1.91
N ILE O 122 -14.59 -12.45 -2.95
CA ILE O 122 -15.71 -12.83 -3.82
C ILE O 122 -16.47 -13.99 -3.22
N PHE O 123 -17.78 -13.82 -3.07
CA PHE O 123 -18.64 -14.84 -2.45
C PHE O 123 -18.82 -16.04 -3.37
N GLY O 124 -18.07 -17.09 -3.11
CA GLY O 124 -18.13 -18.31 -3.90
C GLY O 124 -18.74 -19.48 -3.17
N VAL O 125 -19.71 -19.20 -2.30
CA VAL O 125 -20.39 -20.25 -1.54
C VAL O 125 -21.76 -20.54 -2.13
N LEU O 126 -21.97 -21.76 -2.62
CA LEU O 126 -23.28 -22.21 -3.06
C LEU O 126 -24.14 -22.61 -1.86
N THR O 127 -25.36 -22.08 -1.83
CA THR O 127 -26.31 -22.35 -0.75
C THR O 127 -27.58 -22.95 -1.35
N CYS O 128 -27.55 -24.27 -1.58
CA CYS O 128 -28.61 -24.94 -2.32
C CYS O 128 -29.45 -25.87 -1.44
N LEU O 129 -30.69 -26.12 -1.87
CA LEU O 129 -31.59 -27.04 -1.17
C LEU O 129 -31.34 -28.50 -1.55
N THR O 130 -30.87 -28.72 -2.78
CA THR O 130 -30.59 -30.07 -3.26
C THR O 130 -29.21 -30.16 -3.93
N ASP O 131 -28.69 -31.38 -4.04
CA ASP O 131 -27.41 -31.64 -4.70
C ASP O 131 -27.47 -31.29 -6.19
N GLU O 132 -28.65 -31.48 -6.77
CA GLU O 132 -28.92 -31.21 -8.19
C GLU O 132 -28.71 -29.74 -8.52
N GLN O 133 -29.24 -28.84 -7.68
CA GLN O 133 -29.13 -27.40 -7.87
C GLN O 133 -27.68 -26.92 -7.93
N ALA O 134 -26.85 -27.45 -7.02
CA ALA O 134 -25.42 -27.10 -6.97
C ALA O 134 -24.67 -27.62 -8.19
N GLU O 135 -25.03 -28.83 -8.65
CA GLU O 135 -24.43 -29.42 -9.83
C GLU O 135 -24.73 -28.60 -11.09
N ALA O 136 -25.95 -28.09 -11.18
CA ALA O 136 -26.37 -27.22 -12.27
C ALA O 136 -25.60 -25.91 -12.25
N ARG O 137 -25.38 -25.38 -11.04
CA ARG O 137 -24.69 -24.10 -10.85
C ARG O 137 -23.17 -24.24 -10.84
N ALA O 138 -22.69 -25.45 -11.11
CA ALA O 138 -21.27 -25.71 -11.32
C ALA O 138 -21.00 -26.12 -12.77
N GLY O 139 -22.05 -26.06 -13.58
CA GLY O 139 -21.97 -26.39 -15.01
C GLY O 139 -21.78 -27.87 -15.29
N LEU O 140 -22.27 -28.72 -14.39
CA LEU O 140 -22.10 -30.17 -14.50
C LEU O 140 -23.28 -30.87 -15.19
N ILE O 141 -24.30 -30.09 -15.53
CA ILE O 141 -25.47 -30.63 -16.25
C ILE O 141 -25.64 -29.95 -17.60
N GLU O 142 -25.70 -30.76 -18.66
CA GLU O 142 -25.82 -30.28 -20.04
C GLU O 142 -27.05 -29.42 -20.27
N GLY O 143 -26.83 -28.22 -20.78
CA GLY O 143 -27.92 -27.33 -21.20
C GLY O 143 -28.69 -26.66 -20.08
N LYS O 144 -28.25 -26.85 -18.85
CA LYS O 144 -28.89 -26.22 -17.70
C LYS O 144 -27.95 -25.21 -17.04
N MET O 145 -28.26 -23.93 -17.25
CA MET O 145 -27.52 -22.81 -16.68
C MET O 145 -26.02 -22.82 -17.03
N HIS O 146 -25.17 -22.42 -16.10
CA HIS O 146 -23.73 -22.31 -16.34
C HIS O 146 -22.93 -22.54 -15.06
N ASN O 147 -21.60 -22.55 -15.21
CA ASN O 147 -20.68 -22.65 -14.08
C ASN O 147 -20.53 -21.29 -13.40
N HIS O 148 -20.99 -21.20 -12.16
CA HIS O 148 -20.93 -19.96 -11.39
C HIS O 148 -19.51 -19.57 -10.97
N GLY O 149 -18.60 -20.54 -11.06
CA GLY O 149 -17.18 -20.33 -10.76
C GLY O 149 -16.53 -19.34 -11.71
N GLU O 150 -16.99 -19.32 -12.96
CA GLU O 150 -16.49 -18.40 -13.97
C GLU O 150 -16.82 -16.95 -13.62
N ASP O 151 -18.07 -16.72 -13.21
CA ASP O 151 -18.51 -15.39 -12.77
C ASP O 151 -17.63 -14.86 -11.63
N TRP O 152 -17.24 -15.75 -10.71
CA TRP O 152 -16.42 -15.40 -9.57
C TRP O 152 -14.99 -15.06 -9.99
N GLY O 153 -14.50 -15.74 -11.02
CA GLY O 153 -13.21 -15.43 -11.61
C GLY O 153 -13.21 -14.04 -12.21
N ALA O 154 -14.26 -13.73 -12.97
CA ALA O 154 -14.44 -12.42 -13.57
C ALA O 154 -14.57 -11.32 -12.52
N ALA O 155 -15.30 -11.61 -11.46
CA ALA O 155 -15.55 -10.65 -10.38
C ALA O 155 -14.28 -10.32 -9.59
N ALA O 156 -13.45 -11.33 -9.37
CA ALA O 156 -12.18 -11.15 -8.67
C ALA O 156 -11.27 -10.19 -9.42
N VAL O 157 -11.18 -10.37 -10.74
CA VAL O 157 -10.37 -9.51 -11.60
C VAL O 157 -10.90 -8.08 -11.62
N GLU O 158 -12.21 -7.93 -11.74
CA GLU O 158 -12.85 -6.62 -11.81
C GLU O 158 -12.69 -5.80 -10.52
N MET O 159 -12.99 -6.42 -9.38
CA MET O 159 -12.96 -5.76 -8.10
C MET O 159 -11.54 -5.32 -7.69
N ALA O 160 -10.55 -6.09 -8.14
CA ALA O 160 -9.15 -5.77 -7.86
C ALA O 160 -8.57 -4.71 -8.79
N THR O 161 -9.27 -4.42 -9.90
CA THR O 161 -8.74 -3.53 -10.94
C THR O 161 -9.49 -2.20 -11.10
N LYS O 162 -10.81 -2.25 -10.97
CA LYS O 162 -11.69 -1.15 -11.35
C LYS O 162 -11.41 0.20 -10.67
N PHE O 163 -11.00 0.16 -9.41
CA PHE O 163 -10.96 1.36 -8.58
C PHE O 163 -9.56 1.92 -8.27
N ASN O 164 -8.52 1.32 -8.83
CA ASN O 164 -7.16 1.86 -8.69
C ASN O 164 -6.74 2.71 -9.89
#